data_1CJ1
#
_entry.id   1CJ1
#
_cell.length_a   73.800
_cell.length_b   93.300
_cell.length_c   232.800
_cell.angle_alpha   90.00
_cell.angle_beta   90.00
_cell.angle_gamma   90.00
#
_symmetry.space_group_name_H-M   'P 21 21 21'
#
loop_
_entity.id
_entity.type
_entity.pdbx_description
1 polymer 'PROTEIN (GROWTH FACTOR RECEPTOR-BOUND PROTEIN 2)'
2 non-polymer '[1-[1-(6-CARBAMOYL-CYCLOHEX-2-ENYLCARBAMOYL)-CYCLOHEXYLCARBAMOYL]-2-(4-PHOSPHONOOXY-PHENYL)- ETHYL]-CARBAMIC ACID 3-AMINOBENZYLESTER'
3 water water
#
_entity_poly.entity_id   1
_entity_poly.type   'polypeptide(L)'
_entity_poly.pdbx_seq_one_letter_code
;PHPWFFGKIPRAKAEEMLSKQRHDGAFLIRESESAPGDFSLSVKFGNDVQHFKVLRDGAGKYFLWVVKFNSLNELVDYHR
STSVSRNQQIFLRDIE
;
_entity_poly.pdbx_strand_id   A,B,C,D,E,F,G,H,I,J,K,L
#
loop_
_chem_comp.id
_chem_comp.type
_chem_comp.name
_chem_comp.formula
C78 non-polymer '[1-[1-(6-CARBAMOYL-CYCLOHEX-2-ENYLCARBAMOYL)-CYCLOHEXYLCARBAMOYL]-2-(4-PHOSPHONOOXY-PHENYL)- ETHYL]-CARBAMIC ACID 3-AMINOBENZYLESTER' 'C31 H42 N5 O9 P'
#
# COMPACT_ATOMS: atom_id res chain seq x y z
N PRO A 1 -73.97 -78.46 16.72
CA PRO A 1 -73.18 -78.17 15.44
C PRO A 1 -74.22 -77.54 14.55
N HIS A 2 -73.94 -76.40 13.93
CA HIS A 2 -74.97 -75.76 13.15
C HIS A 2 -75.44 -76.46 11.94
N PRO A 3 -76.76 -76.51 11.80
CA PRO A 3 -77.43 -77.15 10.69
C PRO A 3 -77.47 -76.22 9.47
N TRP A 4 -76.98 -74.97 9.61
CA TRP A 4 -77.05 -74.11 8.41
C TRP A 4 -75.76 -73.96 7.70
N PHE A 5 -74.72 -74.61 8.18
CA PHE A 5 -73.44 -74.44 7.53
C PHE A 5 -73.13 -75.50 6.49
N PHE A 6 -73.30 -75.18 5.23
CA PHE A 6 -73.00 -76.19 4.24
C PHE A 6 -71.64 -76.20 3.62
N GLY A 7 -70.67 -75.56 4.22
CA GLY A 7 -69.37 -75.57 3.57
C GLY A 7 -69.40 -75.09 2.12
N LYS A 8 -68.58 -75.67 1.30
CA LYS A 8 -68.47 -75.16 -0.04
C LYS A 8 -69.30 -75.82 -1.07
N ILE A 9 -70.52 -75.39 -1.29
CA ILE A 9 -71.31 -76.01 -2.39
C ILE A 9 -71.62 -74.97 -3.45
N PRO A 10 -71.88 -75.47 -4.63
CA PRO A 10 -72.20 -74.60 -5.76
C PRO A 10 -73.55 -73.88 -5.58
N ARG A 11 -73.58 -72.62 -6.05
CA ARG A 11 -74.79 -71.76 -5.89
C ARG A 11 -76.01 -72.49 -6.34
N ALA A 12 -75.92 -73.05 -7.53
CA ALA A 12 -77.05 -73.78 -8.02
C ALA A 12 -77.53 -74.90 -7.13
N LYS A 13 -76.61 -75.64 -6.48
CA LYS A 13 -77.17 -76.71 -5.64
C LYS A 13 -77.92 -76.06 -4.50
N ALA A 14 -77.38 -74.93 -4.02
CA ALA A 14 -78.09 -74.28 -2.93
C ALA A 14 -79.48 -73.93 -3.44
N GLU A 15 -79.55 -73.38 -4.65
CA GLU A 15 -80.85 -73.03 -5.20
C GLU A 15 -81.70 -74.27 -5.29
N GLU A 16 -81.18 -75.32 -5.90
CA GLU A 16 -81.94 -76.55 -6.05
C GLU A 16 -82.47 -77.04 -4.74
N MET A 17 -81.66 -76.98 -3.72
CA MET A 17 -82.17 -77.48 -2.48
C MET A 17 -83.18 -76.63 -1.82
N LEU A 18 -82.86 -75.36 -1.78
CA LEU A 18 -83.72 -74.41 -1.11
C LEU A 18 -85.06 -74.30 -1.79
N SER A 19 -85.08 -74.32 -3.12
CA SER A 19 -86.33 -74.24 -3.86
C SER A 19 -87.24 -75.36 -3.36
N LYS A 20 -86.66 -76.51 -3.06
CA LYS A 20 -87.46 -77.61 -2.53
C LYS A 20 -88.02 -77.29 -1.14
N GLN A 21 -87.47 -76.34 -0.39
CA GLN A 21 -87.97 -76.07 0.98
C GLN A 21 -89.36 -75.53 1.05
N ARG A 22 -89.98 -75.63 2.21
CA ARG A 22 -91.34 -75.13 2.31
C ARG A 22 -91.55 -73.73 2.80
N HIS A 23 -90.74 -73.23 3.72
CA HIS A 23 -90.95 -71.87 4.22
C HIS A 23 -90.02 -70.77 3.81
N ASP A 24 -90.60 -69.59 3.58
CA ASP A 24 -89.76 -68.46 3.24
C ASP A 24 -88.84 -68.20 4.44
N GLY A 25 -87.53 -68.03 4.18
CA GLY A 25 -86.52 -67.78 5.21
C GLY A 25 -85.61 -68.98 5.46
N ALA A 26 -85.96 -70.13 4.88
CA ALA A 26 -85.13 -71.31 5.07
C ALA A 26 -83.81 -70.88 4.43
N PHE A 27 -82.69 -71.09 5.08
CA PHE A 27 -81.44 -70.64 4.48
C PHE A 27 -80.27 -71.55 4.80
N LEU A 28 -79.12 -71.17 4.25
CA LEU A 28 -77.88 -71.87 4.56
C LEU A 28 -76.77 -70.91 4.25
N ILE A 29 -75.65 -71.09 4.92
CA ILE A 29 -74.54 -70.25 4.61
C ILE A 29 -73.67 -71.20 3.82
N ARG A 30 -73.10 -70.77 2.69
CA ARG A 30 -72.22 -71.62 1.92
C ARG A 30 -70.97 -70.83 1.69
N GLU A 31 -69.88 -71.49 1.36
CA GLU A 31 -68.61 -70.77 1.10
C GLU A 31 -68.62 -70.37 -0.39
N SER A 32 -68.25 -69.15 -0.74
CA SER A 32 -68.43 -68.79 -2.13
C SER A 32 -67.55 -69.48 -3.10
N GLU A 33 -68.09 -69.81 -4.28
CA GLU A 33 -67.25 -70.45 -5.30
C GLU A 33 -66.72 -69.36 -6.14
N SER A 34 -67.55 -68.38 -6.44
CA SER A 34 -67.08 -67.28 -7.25
C SER A 34 -66.24 -66.32 -6.44
N ALA A 35 -66.45 -66.24 -5.15
CA ALA A 35 -65.67 -65.29 -4.40
C ALA A 35 -65.04 -66.05 -3.31
N PRO A 36 -63.86 -66.63 -3.58
CA PRO A 36 -63.07 -67.44 -2.66
C PRO A 36 -62.82 -66.72 -1.43
N GLY A 37 -63.11 -67.34 -0.29
CA GLY A 37 -62.89 -66.67 0.98
C GLY A 37 -64.01 -65.80 1.46
N ASP A 38 -65.08 -65.73 0.67
CA ASP A 38 -66.29 -64.93 0.95
C ASP A 38 -67.45 -65.90 1.27
N PHE A 39 -68.36 -65.57 2.19
CA PHE A 39 -69.47 -66.46 2.43
C PHE A 39 -70.68 -65.96 1.70
N SER A 40 -71.67 -66.81 1.46
CA SER A 40 -72.81 -66.36 0.75
C SER A 40 -73.95 -66.91 1.50
N LEU A 41 -74.96 -66.06 1.71
CA LEU A 41 -76.13 -66.47 2.46
C LEU A 41 -77.24 -66.77 1.49
N SER A 42 -77.78 -67.94 1.52
CA SER A 42 -78.83 -68.18 0.58
C SER A 42 -80.08 -68.41 1.32
N VAL A 43 -81.15 -67.75 0.88
CA VAL A 43 -82.44 -67.87 1.56
C VAL A 43 -83.55 -68.02 0.58
N LYS A 44 -84.57 -68.82 0.95
CA LYS A 44 -85.74 -69.03 0.09
C LYS A 44 -86.81 -67.94 0.25
N PHE A 45 -87.43 -67.54 -0.84
CA PHE A 45 -88.51 -66.56 -0.69
C PHE A 45 -89.46 -66.66 -1.83
N GLY A 46 -90.61 -67.30 -1.62
CA GLY A 46 -91.52 -67.37 -2.76
C GLY A 46 -90.96 -68.29 -3.80
N ASN A 47 -91.08 -68.00 -5.09
CA ASN A 47 -90.55 -68.94 -6.06
C ASN A 47 -89.05 -68.89 -6.14
N ASP A 48 -88.47 -67.77 -5.79
CA ASP A 48 -87.05 -67.66 -5.86
C ASP A 48 -86.31 -67.89 -4.57
N VAL A 49 -84.98 -68.00 -4.73
CA VAL A 49 -83.99 -68.14 -3.67
C VAL A 49 -83.11 -66.86 -3.82
N GLN A 50 -82.80 -66.15 -2.74
CA GLN A 50 -81.98 -64.96 -2.89
C GLN A 50 -80.62 -65.19 -2.27
N HIS A 51 -79.61 -64.44 -2.70
CA HIS A 51 -78.32 -64.70 -2.14
C HIS A 51 -77.74 -63.44 -1.62
N PHE A 52 -77.23 -63.42 -0.40
CA PHE A 52 -76.64 -62.14 -0.01
C PHE A 52 -75.20 -62.33 0.15
N LYS A 53 -74.37 -61.46 -0.39
CA LYS A 53 -72.92 -61.66 -0.16
C LYS A 53 -72.63 -61.27 1.26
N VAL A 54 -71.90 -62.05 2.03
CA VAL A 54 -71.63 -61.61 3.39
C VAL A 54 -70.42 -60.68 3.38
N LEU A 55 -70.59 -59.42 3.75
CA LEU A 55 -69.45 -58.57 3.73
C LEU A 55 -68.65 -58.70 4.98
N ARG A 56 -67.44 -58.17 4.88
CA ARG A 56 -66.54 -58.15 6.01
C ARG A 56 -65.75 -56.84 5.94
N ASP A 57 -65.67 -56.11 7.05
CA ASP A 57 -64.98 -54.82 7.03
C ASP A 57 -63.52 -54.92 7.27
N GLY A 58 -62.86 -53.80 7.49
CA GLY A 58 -61.44 -53.87 7.68
C GLY A 58 -61.06 -54.44 9.02
N ALA A 59 -61.99 -54.40 9.95
CA ALA A 59 -61.69 -54.94 11.26
C ALA A 59 -62.04 -56.41 11.26
N GLY A 60 -62.47 -56.89 10.11
CA GLY A 60 -62.93 -58.25 10.07
C GLY A 60 -64.34 -58.54 10.60
N LYS A 61 -65.17 -57.58 10.99
CA LYS A 61 -66.53 -57.95 11.43
C LYS A 61 -67.33 -58.38 10.17
N TYR A 62 -68.37 -59.17 10.32
CA TYR A 62 -69.12 -59.47 9.09
C TYR A 62 -70.42 -58.70 9.16
N PHE A 63 -71.04 -58.47 8.00
CA PHE A 63 -72.34 -57.84 8.01
C PHE A 63 -72.92 -57.94 6.65
N LEU A 64 -74.20 -57.57 6.53
CA LEU A 64 -74.89 -57.66 5.24
C LEU A 64 -75.14 -56.32 4.73
N TRP A 65 -75.54 -55.42 5.63
CA TRP A 65 -75.86 -54.08 5.18
C TRP A 65 -75.14 -53.11 6.02
N VAL A 66 -75.52 -53.02 7.28
CA VAL A 66 -74.78 -52.04 8.02
C VAL A 66 -74.41 -52.47 9.41
N VAL A 67 -75.30 -53.10 10.12
CA VAL A 67 -74.95 -53.52 11.45
C VAL A 67 -73.85 -54.58 11.35
N LYS A 68 -72.74 -54.37 12.03
CA LYS A 68 -71.63 -55.34 12.04
C LYS A 68 -71.77 -56.49 13.10
N PHE A 69 -71.16 -57.68 12.89
CA PHE A 69 -71.22 -58.77 13.89
C PHE A 69 -69.85 -59.37 13.93
N ASN A 70 -69.41 -59.96 15.05
CA ASN A 70 -68.11 -60.59 15.02
C ASN A 70 -68.17 -62.08 14.71
N SER A 71 -69.23 -62.56 14.05
CA SER A 71 -69.27 -63.97 13.69
C SER A 71 -70.46 -64.34 12.86
N LEU A 72 -70.24 -65.23 11.93
CA LEU A 72 -71.33 -65.66 11.10
C LEU A 72 -72.43 -66.14 12.06
N ASN A 73 -72.01 -66.74 13.16
CA ASN A 73 -72.98 -67.25 14.06
C ASN A 73 -73.92 -66.12 14.50
N GLU A 74 -73.33 -65.03 14.95
CA GLU A 74 -74.14 -63.94 15.40
C GLU A 74 -74.94 -63.34 14.31
N LEU A 75 -74.27 -62.99 13.24
CA LEU A 75 -75.02 -62.46 12.16
C LEU A 75 -76.24 -63.40 11.85
N VAL A 76 -76.03 -64.70 11.81
CA VAL A 76 -77.15 -65.56 11.46
C VAL A 76 -78.26 -65.46 12.46
N ASP A 77 -77.92 -65.56 13.72
CA ASP A 77 -78.97 -65.53 14.66
C ASP A 77 -79.73 -64.24 14.63
N TYR A 78 -78.98 -63.15 14.57
CA TYR A 78 -79.62 -61.86 14.58
C TYR A 78 -80.72 -61.73 13.56
N HIS A 79 -80.48 -62.22 12.36
CA HIS A 79 -81.46 -62.08 11.32
C HIS A 79 -82.49 -63.07 11.42
N ARG A 80 -82.44 -63.83 12.48
CA ARG A 80 -83.50 -64.75 12.57
C ARG A 80 -84.70 -63.87 12.96
N SER A 81 -84.42 -62.67 13.45
CA SER A 81 -85.52 -61.82 13.88
C SER A 81 -85.46 -60.44 13.22
N THR A 82 -84.63 -60.19 12.21
CA THR A 82 -84.60 -58.84 11.64
C THR A 82 -84.39 -59.07 10.19
N SER A 83 -85.39 -58.77 9.38
CA SER A 83 -85.29 -59.03 7.95
C SER A 83 -83.93 -58.82 7.35
N VAL A 84 -83.65 -59.79 6.55
CA VAL A 84 -82.42 -59.90 5.86
C VAL A 84 -82.51 -59.02 4.62
N SER A 85 -83.72 -58.65 4.27
CA SER A 85 -83.89 -57.87 3.09
C SER A 85 -84.47 -56.59 3.48
N ARG A 86 -84.34 -55.61 2.60
CA ARG A 86 -84.93 -54.37 2.94
C ARG A 86 -86.23 -54.08 2.24
N ASN A 87 -86.56 -54.83 1.20
CA ASN A 87 -87.82 -54.60 0.54
C ASN A 87 -88.75 -55.50 1.26
N GLN A 88 -88.52 -56.80 1.17
CA GLN A 88 -89.43 -57.67 1.86
C GLN A 88 -88.97 -58.02 3.26
N GLN A 89 -89.88 -58.64 4.03
CA GLN A 89 -89.58 -59.02 5.38
C GLN A 89 -89.28 -60.48 5.34
N ILE A 90 -87.98 -60.81 5.38
CA ILE A 90 -87.51 -62.19 5.30
C ILE A 90 -86.71 -62.51 6.53
N PHE A 91 -87.13 -63.52 7.30
CA PHE A 91 -86.41 -63.89 8.51
C PHE A 91 -85.77 -65.26 8.41
N LEU A 92 -84.54 -65.41 8.87
CA LEU A 92 -83.95 -66.72 8.64
C LEU A 92 -84.61 -67.75 9.47
N ARG A 93 -84.79 -68.92 8.90
CA ARG A 93 -85.36 -70.04 9.65
C ARG A 93 -84.62 -71.23 9.13
N ASP A 94 -84.36 -72.14 10.07
CA ASP A 94 -83.61 -73.34 9.76
C ASP A 94 -84.29 -74.20 8.76
N ILE A 95 -83.48 -74.68 7.86
CA ILE A 95 -83.86 -75.55 6.76
C ILE A 95 -84.46 -76.85 7.28
N GLU A 96 -85.13 -77.67 6.46
CA GLU A 96 -85.70 -78.97 6.91
C GLU A 96 -85.15 -80.26 6.27
N PRO B 1 -74.51 -81.15 5.39
CA PRO B 1 -74.20 -79.91 6.24
C PRO B 1 -73.04 -80.38 7.10
N HIS B 2 -71.94 -79.64 7.17
CA HIS B 2 -70.82 -80.14 7.93
C HIS B 2 -70.99 -80.30 9.39
N PRO B 3 -70.56 -81.45 9.88
CA PRO B 3 -70.62 -81.81 11.27
C PRO B 3 -69.46 -81.18 12.05
N TRP B 4 -68.53 -80.51 11.38
CA TRP B 4 -67.42 -79.94 12.16
C TRP B 4 -67.53 -78.48 12.40
N PHE B 5 -68.60 -77.87 11.92
CA PHE B 5 -68.71 -76.44 12.12
C PHE B 5 -69.51 -76.04 13.35
N PHE B 6 -68.84 -75.68 14.41
CA PHE B 6 -69.61 -75.29 15.57
C PHE B 6 -69.92 -73.85 15.78
N GLY B 7 -69.83 -73.03 14.75
CA GLY B 7 -70.09 -71.62 15.00
C GLY B 7 -69.29 -71.02 16.15
N LYS B 8 -69.89 -70.12 16.87
CA LYS B 8 -69.12 -69.43 17.86
C LYS B 8 -69.17 -69.96 19.24
N ILE B 9 -68.31 -70.89 19.62
CA ILE B 9 -68.33 -71.35 21.02
C ILE B 9 -67.03 -71.01 21.70
N PRO B 10 -67.07 -70.95 23.00
CA PRO B 10 -65.89 -70.63 23.80
C PRO B 10 -64.83 -71.74 23.73
N ARG B 11 -63.56 -71.31 23.74
CA ARG B 11 -62.41 -72.25 23.60
C ARG B 11 -62.55 -73.37 24.59
N ALA B 12 -62.79 -72.98 25.83
CA ALA B 12 -62.95 -74.01 26.82
C ALA B 12 -64.03 -75.03 26.53
N LYS B 13 -65.17 -74.61 25.96
CA LYS B 13 -66.17 -75.66 25.73
C LYS B 13 -65.61 -76.58 24.68
N ALA B 14 -64.91 -76.01 23.70
CA ALA B 14 -64.33 -76.88 22.69
C ALA B 14 -63.43 -77.88 23.39
N GLU B 15 -62.60 -77.38 24.30
CA GLU B 15 -61.70 -78.28 25.02
C GLU B 15 -62.52 -79.31 25.76
N GLU B 16 -63.50 -78.86 26.53
CA GLU B 16 -64.32 -79.79 27.29
C GLU B 16 -64.90 -80.85 26.43
N MET B 17 -65.38 -80.47 25.27
CA MET B 17 -65.99 -81.49 24.48
C MET B 17 -65.03 -82.44 23.86
N LEU B 18 -64.00 -81.86 23.28
CA LEU B 18 -63.03 -82.65 22.58
C LEU B 18 -62.30 -83.60 23.50
N SER B 19 -61.98 -83.14 24.71
CA SER B 19 -61.29 -83.99 25.69
C SER B 19 -62.12 -85.26 25.85
N LYS B 20 -63.44 -85.11 25.84
CA LYS B 20 -64.30 -86.28 25.95
C LYS B 20 -64.18 -87.22 24.74
N GLN B 21 -63.69 -86.75 23.59
CA GLN B 21 -63.62 -87.63 22.40
C GLN B 21 -62.67 -88.79 22.51
N ARG B 22 -62.86 -89.79 21.66
CA ARG B 22 -61.97 -90.93 21.75
C ARG B 22 -60.76 -90.96 20.88
N HIS B 23 -60.83 -90.44 19.67
CA HIS B 23 -59.63 -90.48 18.79
C HIS B 23 -58.84 -89.24 18.53
N ASP B 24 -57.53 -89.41 18.48
CA ASP B 24 -56.70 -88.25 18.18
C ASP B 24 -57.07 -87.79 16.76
N GLY B 25 -57.30 -86.47 16.59
CA GLY B 25 -57.68 -85.87 15.31
C GLY B 25 -59.13 -85.42 15.27
N ALA B 26 -59.90 -85.80 16.28
CA ALA B 26 -61.30 -85.39 16.30
C ALA B 26 -61.20 -83.87 16.39
N PHE B 27 -61.93 -83.14 15.58
CA PHE B 27 -61.79 -81.69 15.64
C PHE B 27 -63.09 -80.97 15.36
N LEU B 28 -63.01 -79.63 15.41
CA LEU B 28 -64.13 -78.79 15.06
C LEU B 28 -63.57 -77.45 14.71
N ILE B 29 -64.27 -76.72 13.88
CA ILE B 29 -63.80 -75.41 13.57
C ILE B 29 -64.76 -74.56 14.38
N ARG B 30 -64.27 -73.54 15.09
CA ARG B 30 -65.14 -72.68 15.86
C ARG B 30 -64.79 -71.27 15.46
N GLU B 31 -65.66 -70.32 15.69
CA GLU B 31 -65.38 -68.91 15.34
C GLU B 31 -64.63 -68.30 16.55
N SER B 32 -63.57 -67.55 16.34
CA SER B 32 -62.83 -67.13 17.51
C SER B 32 -63.51 -66.17 18.40
N GLU B 33 -63.32 -66.31 19.72
CA GLU B 33 -63.93 -65.34 20.63
C GLU B 33 -62.90 -64.31 20.87
N SER B 34 -61.66 -64.71 21.02
CA SER B 34 -60.60 -63.74 21.24
C SER B 34 -60.23 -63.03 19.95
N ALA B 35 -60.41 -63.68 18.81
CA ALA B 35 -60.01 -63.00 17.61
C ALA B 35 -61.18 -63.00 16.73
N PRO B 36 -62.04 -61.98 16.87
CA PRO B 36 -63.28 -61.78 16.11
C PRO B 36 -63.02 -61.82 14.68
N GLY B 37 -63.76 -62.63 13.96
CA GLY B 37 -63.57 -62.73 12.52
C GLY B 37 -62.51 -63.72 12.08
N ASP B 38 -61.89 -64.39 13.05
CA ASP B 38 -60.82 -65.39 12.83
C ASP B 38 -61.40 -66.78 13.19
N PHE B 39 -61.03 -67.86 12.48
CA PHE B 39 -61.53 -69.15 12.87
C PHE B 39 -60.47 -69.87 13.67
N SER B 40 -60.86 -70.87 14.44
CA SER B 40 -59.87 -71.55 15.23
C SER B 40 -60.19 -72.97 15.05
N LEU B 41 -59.13 -73.75 14.82
CA LEU B 41 -59.29 -75.19 14.60
C LEU B 41 -58.93 -75.91 15.87
N SER B 42 -59.83 -76.70 16.39
CA SER B 42 -59.46 -77.36 17.59
C SER B 42 -59.43 -78.81 17.34
N VAL B 43 -58.35 -79.46 17.78
CA VAL B 43 -58.20 -80.89 17.55
C VAL B 43 -57.71 -81.59 18.78
N LYS B 44 -58.19 -82.83 18.99
CA LYS B 44 -57.77 -83.64 20.16
C LYS B 44 -56.46 -84.40 19.91
N PHE B 45 -55.62 -84.49 20.91
CA PHE B 45 -54.40 -85.27 20.71
C PHE B 45 -53.87 -85.76 22.03
N GLY B 46 -54.12 -87.01 22.36
CA GLY B 46 -53.60 -87.46 23.64
C GLY B 46 -54.35 -86.79 24.76
N ASN B 47 -53.72 -86.37 25.85
CA ASN B 47 -54.49 -85.77 26.91
C ASN B 47 -54.95 -84.37 26.57
N ASP B 48 -54.21 -83.71 25.70
CA ASP B 48 -54.58 -82.37 25.37
C ASP B 48 -55.37 -82.22 24.09
N VAL B 49 -55.86 -80.98 23.93
CA VAL B 49 -56.60 -80.50 22.76
C VAL B 49 -55.70 -79.35 22.21
N GLN B 50 -55.43 -79.29 20.91
CA GLN B 50 -54.59 -78.21 20.41
C GLN B 50 -55.41 -77.25 19.58
N HIS B 51 -54.97 -76.00 19.45
CA HIS B 51 -55.77 -75.11 18.69
C HIS B 51 -54.97 -74.47 17.62
N PHE B 52 -55.43 -74.45 16.39
CA PHE B 52 -54.56 -73.74 15.44
C PHE B 52 -55.26 -72.53 14.97
N LYS B 53 -54.61 -71.39 14.95
CA LYS B 53 -55.34 -70.21 14.43
C LYS B 53 -55.45 -70.36 12.94
N VAL B 54 -56.60 -70.16 12.33
CA VAL B 54 -56.63 -70.29 10.88
C VAL B 54 -56.19 -68.99 10.24
N LEU B 55 -55.11 -68.97 9.52
CA LEU B 55 -54.70 -67.73 8.94
C LEU B 55 -55.41 -67.48 7.65
N ARG B 56 -55.32 -66.23 7.24
CA ARG B 56 -55.89 -65.82 5.98
C ARG B 56 -54.95 -64.76 5.37
N ASP B 57 -54.58 -64.91 4.10
CA ASP B 57 -53.64 -63.98 3.48
C ASP B 57 -54.29 -62.76 2.91
N GLY B 58 -53.55 -61.98 2.16
CA GLY B 58 -54.15 -60.78 1.64
C GLY B 58 -55.13 -61.05 0.53
N ALA B 59 -55.02 -62.22 -0.07
CA ALA B 59 -55.94 -62.53 -1.15
C ALA B 59 -57.15 -63.21 -0.54
N GLY B 60 -57.15 -63.29 0.78
CA GLY B 60 -58.22 -64.01 1.42
C GLY B 60 -58.14 -65.56 1.41
N LYS B 61 -57.09 -66.21 0.93
CA LYS B 61 -57.08 -67.69 1.03
C LYS B 61 -56.88 -68.06 2.52
N TYR B 62 -57.28 -69.24 2.94
CA TYR B 62 -57.00 -69.56 4.34
C TYR B 62 -55.88 -70.57 4.35
N PHE B 63 -55.17 -70.67 5.48
CA PHE B 63 -54.15 -71.69 5.59
C PHE B 63 -53.70 -71.75 7.01
N LEU B 64 -52.91 -72.79 7.32
CA LEU B 64 -52.42 -72.96 8.70
C LEU B 64 -51.00 -72.70 8.74
N TRP B 65 -50.27 -73.17 7.73
CA TRP B 65 -48.84 -72.98 7.75
C TRP B 65 -48.41 -72.39 6.47
N VAL B 66 -48.52 -73.17 5.41
CA VAL B 66 -48.08 -72.53 4.21
C VAL B 66 -48.94 -72.79 3.00
N VAL B 67 -49.40 -74.00 2.83
CA VAL B 67 -50.24 -74.26 1.68
C VAL B 67 -51.53 -73.48 1.85
N LYS B 68 -51.89 -72.66 0.87
CA LYS B 68 -53.14 -71.89 0.91
C LYS B 68 -54.42 -72.67 0.40
N PHE B 69 -55.65 -72.33 0.83
CA PHE B 69 -56.87 -73.00 0.32
C PHE B 69 -57.88 -71.91 0.15
N ASN B 70 -58.85 -72.06 -0.77
CA ASN B 70 -59.85 -71.02 -0.87
C ASN B 70 -61.10 -71.32 -0.05
N SER B 71 -61.02 -72.16 0.99
CA SER B 71 -62.20 -72.39 1.82
C SER B 71 -61.91 -73.26 3.01
N LEU B 72 -62.56 -72.94 4.10
CA LEU B 72 -62.37 -73.74 5.28
C LEU B 72 -62.67 -75.18 4.88
N ASN B 73 -63.64 -75.34 3.99
CA ASN B 73 -63.99 -76.65 3.62
C ASN B 73 -62.77 -77.40 3.06
N GLU B 74 -62.10 -76.76 2.13
CA GLU B 74 -60.96 -77.39 1.55
C GLU B 74 -59.85 -77.59 2.54
N LEU B 75 -59.50 -76.52 3.20
CA LEU B 75 -58.49 -76.69 4.18
C LEU B 75 -58.84 -77.90 5.11
N VAL B 76 -60.10 -78.01 5.54
CA VAL B 76 -60.40 -79.09 6.45
C VAL B 76 -60.19 -80.43 5.82
N ASP B 77 -60.73 -80.60 4.63
CA ASP B 77 -60.57 -81.88 4.04
C ASP B 77 -59.14 -82.24 3.82
N TYR B 78 -58.40 -81.29 3.30
CA TYR B 78 -57.01 -81.56 3.00
C TYR B 78 -56.26 -82.16 4.16
N HIS B 79 -56.49 -81.63 5.36
CA HIS B 79 -55.76 -82.12 6.49
C HIS B 79 -56.34 -83.33 7.02
N ARG B 80 -57.31 -83.83 6.32
CA ARG B 80 -57.80 -85.04 6.85
C ARG B 80 -56.70 -86.05 6.49
N SER B 81 -55.84 -85.70 5.56
CA SER B 81 -54.80 -86.64 5.17
C SER B 81 -53.40 -86.02 5.26
N THR B 82 -53.21 -84.86 5.86
CA THR B 82 -51.85 -84.30 5.90
C THR B 82 -51.76 -83.65 7.23
N SER B 83 -50.95 -84.19 8.12
CA SER B 83 -50.86 -83.67 9.47
C SER B 83 -50.96 -82.17 9.58
N VAL B 84 -51.74 -81.86 10.57
CA VAL B 84 -52.08 -80.52 10.89
C VAL B 84 -50.94 -79.96 11.73
N SER B 85 -50.11 -80.84 12.23
CA SER B 85 -49.04 -80.39 13.07
C SER B 85 -47.78 -80.75 12.42
N ARG B 86 -46.72 -80.09 12.83
CA ARG B 86 -45.47 -80.45 12.24
C ARG B 86 -44.60 -81.30 13.12
N ASN B 87 -44.90 -81.41 14.40
CA ASN B 87 -44.10 -82.26 15.24
C ASN B 87 -44.79 -83.56 15.15
N GLN B 88 -46.02 -83.64 15.63
CA GLN B 88 -46.68 -84.92 15.55
C GLN B 88 -47.50 -85.07 14.29
N GLN B 89 -47.94 -86.32 14.06
CA GLN B 89 -48.74 -86.62 12.91
C GLN B 89 -50.16 -86.67 13.37
N ILE B 90 -50.90 -85.59 13.11
CA ILE B 90 -52.29 -85.48 13.54
C ILE B 90 -53.18 -85.26 12.33
N PHE B 91 -54.13 -86.15 12.11
CA PHE B 91 -55.03 -86.02 10.95
C PHE B 91 -56.45 -85.73 11.36
N LEU B 92 -57.12 -84.82 10.68
CA LEU B 92 -58.45 -84.51 11.18
C LEU B 92 -59.36 -85.65 10.97
N ARG B 93 -60.24 -85.88 11.93
CA ARG B 93 -61.24 -86.93 11.81
C ARG B 93 -62.45 -86.36 12.49
N ASP B 94 -63.58 -86.68 11.90
CA ASP B 94 -64.85 -86.17 12.39
C ASP B 94 -65.14 -86.63 13.77
N ILE B 95 -65.63 -85.70 14.54
CA ILE B 95 -66.00 -85.86 15.94
C ILE B 95 -67.12 -86.88 16.08
N GLU B 96 -67.43 -87.39 17.28
CA GLU B 96 -68.52 -88.37 17.47
C GLU B 96 -69.72 -87.96 18.36
N PRO C 1 -5.61 -21.60 58.26
CA PRO C 1 -5.92 -22.66 57.19
C PRO C 1 -7.43 -22.77 57.27
N HIS C 2 -8.15 -22.70 56.17
CA HIS C 2 -9.59 -22.73 56.27
C HIS C 2 -10.22 -23.97 56.76
N PRO C 3 -11.15 -23.79 57.68
CA PRO C 3 -11.89 -24.86 58.31
C PRO C 3 -13.04 -25.32 57.41
N TRP C 4 -13.28 -24.64 56.28
CA TRP C 4 -14.41 -25.09 55.45
C TRP C 4 -14.01 -25.90 54.26
N PHE C 5 -12.72 -26.13 54.09
CA PHE C 5 -12.30 -26.87 52.92
C PHE C 5 -12.15 -28.35 53.15
N PHE C 6 -13.10 -29.14 52.75
CA PHE C 6 -12.94 -30.56 52.97
C PHE C 6 -12.36 -31.39 51.87
N GLY C 7 -11.70 -30.79 50.92
CA GLY C 7 -11.18 -31.64 49.85
C GLY C 7 -12.23 -32.52 49.19
N LYS C 8 -11.84 -33.69 48.79
CA LYS C 8 -12.76 -34.51 48.04
C LYS C 8 -13.55 -35.50 48.80
N ILE C 9 -14.71 -35.14 49.32
CA ILE C 9 -15.52 -36.16 50.01
C ILE C 9 -16.84 -36.38 49.28
N PRO C 10 -17.42 -37.52 49.50
CA PRO C 10 -18.68 -37.86 48.87
C PRO C 10 -19.85 -37.00 49.37
N ARG C 11 -20.75 -36.68 48.45
CA ARG C 11 -21.91 -35.78 48.76
C ARG C 11 -22.61 -36.25 49.99
N ALA C 12 -22.91 -37.53 50.00
CA ALA C 12 -23.58 -38.05 51.17
C ALA C 12 -22.84 -37.83 52.47
N LYS C 13 -21.51 -37.94 52.48
CA LYS C 13 -20.88 -37.73 53.80
C LYS C 13 -21.08 -36.28 54.17
N ALA C 14 -21.02 -35.40 53.16
CA ALA C 14 -21.24 -34.00 53.48
C ALA C 14 -22.63 -33.88 54.11
N GLU C 15 -23.60 -34.53 53.48
CA GLU C 15 -24.95 -34.45 54.03
C GLU C 15 -24.95 -35.01 55.44
N GLU C 16 -24.40 -36.20 55.62
CA GLU C 16 -24.39 -36.81 56.93
C GLU C 16 -23.78 -35.90 57.96
N MET C 17 -22.71 -35.25 57.60
CA MET C 17 -22.12 -34.42 58.60
C MET C 17 -22.87 -33.18 58.90
N LEU C 18 -23.27 -32.51 57.84
CA LEU C 18 -23.94 -31.26 57.97
C LEU C 18 -25.27 -31.41 58.68
N SER C 19 -26.00 -32.48 58.36
CA SER C 19 -27.29 -32.73 59.01
C SER C 19 -27.06 -32.72 60.52
N LYS C 20 -25.93 -33.26 60.96
CA LYS C 20 -25.63 -33.25 62.39
C LYS C 20 -25.41 -31.81 62.92
N GLN C 21 -25.09 -30.83 62.08
CA GLN C 21 -24.82 -29.46 62.58
C GLN C 21 -25.99 -28.79 63.22
N ARG C 22 -25.71 -27.76 64.01
CA ARG C 22 -26.82 -27.06 64.65
C ARG C 22 -27.39 -25.86 63.97
N HIS C 23 -26.58 -25.04 63.31
CA HIS C 23 -27.14 -23.84 62.66
C HIS C 23 -27.29 -23.78 61.17
N ASP C 24 -28.40 -23.19 60.74
CA ASP C 24 -28.59 -23.05 59.31
C ASP C 24 -27.44 -22.16 58.78
N GLY C 25 -26.79 -22.60 57.69
CA GLY C 25 -25.68 -21.88 57.07
C GLY C 25 -24.33 -22.56 57.30
N ALA C 26 -24.31 -23.56 58.17
CA ALA C 26 -23.05 -24.26 58.42
C ALA C 26 -22.73 -24.87 57.05
N PHE C 27 -21.52 -24.73 56.57
CA PHE C 27 -21.24 -25.27 55.25
C PHE C 27 -19.83 -25.80 55.11
N LEU C 28 -19.53 -26.30 53.91
CA LEU C 28 -18.20 -26.74 53.59
C LEU C 28 -18.09 -26.73 52.09
N ILE C 29 -16.90 -26.57 51.59
CA ILE C 29 -16.75 -26.62 50.17
C ILE C 29 -16.10 -28.00 50.00
N ARG C 30 -16.56 -28.79 49.03
CA ARG C 30 -15.98 -30.08 48.79
C ARG C 30 -15.66 -30.14 47.33
N GLU C 31 -14.78 -31.03 46.92
CA GLU C 31 -14.43 -31.15 45.48
C GLU C 31 -15.45 -32.11 44.86
N SER C 32 -16.00 -31.82 43.70
CA SER C 32 -17.08 -32.69 43.23
C SER C 32 -16.67 -34.06 42.85
N GLU C 33 -17.51 -35.05 43.16
CA GLU C 33 -17.19 -36.41 42.74
C GLU C 33 -17.84 -36.62 41.44
N SER C 34 -19.05 -36.12 41.28
CA SER C 34 -19.74 -36.27 40.02
C SER C 34 -19.19 -35.30 38.98
N ALA C 35 -18.68 -34.17 39.40
CA ALA C 35 -18.22 -33.24 38.39
C ALA C 35 -16.81 -32.95 38.73
N PRO C 36 -15.89 -33.76 38.24
CA PRO C 36 -14.45 -33.67 38.45
C PRO C 36 -13.97 -32.34 38.08
N GLY C 37 -13.23 -31.71 38.99
CA GLY C 37 -12.71 -30.38 38.71
C GLY C 37 -13.64 -29.24 39.03
N ASP C 38 -14.82 -29.58 39.55
CA ASP C 38 -15.88 -28.61 39.92
C ASP C 38 -16.00 -28.61 41.47
N PHE C 39 -16.26 -27.48 42.11
CA PHE C 39 -16.43 -27.51 43.54
C PHE C 39 -17.89 -27.52 43.87
N SER C 40 -18.26 -27.94 45.08
CA SER C 40 -19.65 -27.98 45.40
C SER C 40 -19.72 -27.42 46.75
N LEU C 41 -20.70 -26.54 46.94
CA LEU C 41 -20.88 -25.87 48.23
C LEU C 41 -22.01 -26.54 48.96
N SER C 42 -21.77 -27.03 50.14
CA SER C 42 -22.86 -27.66 50.80
C SER C 42 -23.18 -26.90 52.02
N VAL C 43 -24.47 -26.62 52.21
CA VAL C 43 -24.90 -25.83 53.36
C VAL C 43 -26.10 -26.42 54.01
N LYS C 44 -26.18 -26.34 55.34
CA LYS C 44 -27.34 -26.85 56.09
C LYS C 44 -28.52 -25.86 56.15
N PHE C 45 -29.72 -26.36 56.06
CA PHE C 45 -30.86 -25.45 56.19
C PHE C 45 -32.08 -26.18 56.65
N GLY C 46 -32.40 -26.07 57.93
CA GLY C 46 -33.59 -26.80 58.34
C GLY C 46 -33.33 -28.29 58.30
N ASN C 47 -34.26 -29.12 57.87
CA ASN C 47 -33.97 -30.54 57.88
C ASN C 47 -33.03 -30.94 56.79
N ASP C 48 -33.01 -30.18 55.71
CA ASP C 48 -32.15 -30.54 54.62
C ASP C 48 -30.84 -29.80 54.57
N VAL C 49 -29.99 -30.32 53.68
CA VAL C 49 -28.67 -29.78 53.34
C VAL C 49 -28.80 -29.42 51.83
N GLN C 50 -28.36 -28.23 51.40
CA GLN C 50 -28.48 -27.89 49.99
C GLN C 50 -27.11 -27.86 49.35
N HIS C 51 -27.06 -28.04 48.03
CA HIS C 51 -25.75 -28.04 47.44
C HIS C 51 -25.71 -27.07 46.33
N PHE C 52 -24.71 -26.22 46.26
CA PHE C 52 -24.74 -25.35 45.07
C PHE C 52 -23.59 -25.66 44.23
N LYS C 53 -23.77 -25.82 42.94
CA LYS C 53 -22.58 -26.10 42.12
C LYS C 53 -21.79 -24.82 41.99
N VAL C 54 -20.49 -24.81 42.19
CA VAL C 54 -19.79 -23.55 42.05
C VAL C 54 -19.45 -23.34 40.58
N LEU C 55 -19.98 -22.31 39.95
CA LEU C 55 -19.65 -22.13 38.57
C LEU C 55 -18.37 -21.40 38.41
N ARG C 56 -17.88 -21.49 37.18
CA ARG C 56 -16.67 -20.79 36.82
C ARG C 56 -16.83 -20.31 35.37
N ASP C 57 -16.55 -19.04 35.10
CA ASP C 57 -16.73 -18.51 33.74
C ASP C 57 -15.57 -18.73 32.85
N GLY C 58 -15.57 -18.10 31.70
CA GLY C 58 -14.47 -18.33 30.79
C GLY C 58 -13.20 -17.66 31.23
N ALA C 59 -13.34 -16.68 32.10
CA ALA C 59 -12.15 -16.00 32.57
C ALA C 59 -11.66 -16.73 33.79
N GLY C 60 -12.33 -17.80 34.14
CA GLY C 60 -11.98 -18.48 35.35
C GLY C 60 -12.48 -17.87 36.67
N LYS C 61 -13.30 -16.83 36.71
CA LYS C 61 -13.79 -16.34 38.01
C LYS C 61 -14.80 -17.39 38.56
N TYR C 62 -15.03 -17.46 39.85
CA TYR C 62 -16.05 -18.42 40.27
C TYR C 62 -17.27 -17.63 40.69
N PHE C 63 -18.42 -18.27 40.69
CA PHE C 63 -19.62 -17.61 41.17
C PHE C 63 -20.70 -18.62 41.30
N LEU C 64 -21.80 -18.19 41.94
CA LEU C 64 -22.93 -19.11 42.14
C LEU C 64 -24.04 -18.71 41.31
N TRP C 65 -24.28 -17.41 41.22
CA TRP C 65 -25.40 -16.95 40.43
C TRP C 65 -24.96 -15.91 39.48
N VAL C 66 -24.57 -14.77 40.00
CA VAL C 66 -24.14 -13.82 39.02
C VAL C 66 -22.93 -13.04 39.37
N VAL C 67 -22.81 -12.60 40.61
CA VAL C 67 -21.64 -11.86 40.98
C VAL C 67 -20.44 -12.78 40.88
N LYS C 68 -19.41 -12.40 40.12
CA LYS C 68 -18.18 -13.18 39.99
C LYS C 68 -17.11 -12.94 41.13
N PHE C 69 -16.23 -13.90 41.45
CA PHE C 69 -15.16 -13.69 42.46
C PHE C 69 -13.93 -14.32 41.90
N ASN C 70 -12.74 -13.86 42.28
CA ASN C 70 -11.56 -14.55 41.77
C ASN C 70 -11.03 -15.59 42.74
N SER C 71 -11.85 -16.14 43.65
CA SER C 71 -11.37 -17.19 44.53
C SER C 71 -12.45 -17.76 45.40
N LEU C 72 -12.37 -19.05 45.61
CA LEU C 72 -13.33 -19.69 46.46
C LEU C 72 -13.30 -18.93 47.78
N ASN C 73 -12.12 -18.47 48.16
CA ASN C 73 -12.03 -17.80 49.40
C ASN C 73 -12.97 -16.59 49.42
N GLU C 74 -12.88 -15.78 48.40
CA GLU C 74 -13.71 -14.63 48.34
C GLU C 74 -15.15 -14.98 48.23
N LEU C 75 -15.47 -15.80 47.26
CA LEU C 75 -16.82 -16.18 47.17
C LEU C 75 -17.35 -16.66 48.57
N VAL C 76 -16.56 -17.46 49.29
CA VAL C 76 -17.08 -17.94 50.55
C VAL C 76 -17.33 -16.82 51.52
N ASP C 77 -16.36 -15.96 51.66
CA ASP C 77 -16.57 -14.92 52.61
C ASP C 77 -17.74 -14.05 52.27
N TYR C 78 -17.81 -13.68 51.00
CA TYR C 78 -18.88 -12.82 50.59
C TYR C 78 -20.25 -13.28 51.02
N HIS C 79 -20.49 -14.57 50.89
CA HIS C 79 -21.78 -15.09 51.22
C HIS C 79 -21.93 -15.30 52.64
N ARG C 80 -20.93 -14.88 53.37
CA ARG C 80 -21.14 -15.07 54.74
C ARG C 80 -22.16 -13.97 55.09
N SER C 81 -22.31 -12.98 54.22
CA SER C 81 -23.23 -11.92 54.53
C SER C 81 -24.25 -11.69 53.39
N THR C 82 -24.36 -12.57 52.40
CA THR C 82 -25.34 -12.29 51.33
C THR C 82 -25.88 -13.62 50.99
N SER C 83 -27.14 -13.86 51.29
CA SER C 83 -27.72 -15.17 51.04
C SER C 83 -27.26 -15.87 49.80
N VAL C 84 -27.02 -17.12 50.05
CA VAL C 84 -26.51 -18.01 49.08
C VAL C 84 -27.69 -18.50 48.27
N SER C 85 -28.88 -18.28 48.77
CA SER C 85 -30.03 -18.77 48.07
C SER C 85 -30.85 -17.60 47.72
N ARG C 86 -31.73 -17.80 46.76
CA ARG C 86 -32.57 -16.69 46.43
C ARG C 86 -33.97 -16.79 46.98
N ASN C 87 -34.38 -17.94 47.45
CA ASN C 87 -35.70 -18.04 48.01
C ASN C 87 -35.48 -17.74 49.45
N GLN C 88 -34.73 -18.58 50.14
CA GLN C 88 -34.52 -18.28 51.52
C GLN C 88 -33.27 -17.47 51.78
N GLN C 89 -33.16 -16.97 53.02
CA GLN C 89 -32.02 -16.18 53.41
C GLN C 89 -31.11 -17.10 54.16
N ILE C 90 -30.05 -17.56 53.48
CA ILE C 90 -29.09 -18.49 54.06
C ILE C 90 -27.70 -17.87 54.01
N PHE C 91 -27.08 -17.71 55.17
CA PHE C 91 -25.73 -17.13 55.21
C PHE C 91 -24.68 -18.12 55.65
N LEU C 92 -23.53 -18.14 55.00
CA LEU C 92 -22.60 -19.18 55.41
C LEU C 92 -22.08 -18.92 56.76
N ARG C 93 -21.91 -19.98 57.53
CA ARG C 93 -21.34 -19.86 58.86
C ARG C 93 -20.52 -21.10 59.01
N ASP C 94 -19.38 -20.92 59.67
CA ASP C 94 -18.45 -21.99 59.87
C ASP C 94 -19.02 -23.11 60.68
N ILE C 95 -18.73 -24.29 60.22
CA ILE C 95 -19.16 -25.56 60.80
C ILE C 95 -18.62 -25.71 62.20
N GLU C 96 -19.11 -26.66 63.01
CA GLU C 96 -18.59 -26.87 64.40
C GLU C 96 -17.93 -28.22 64.72
N PRO D 1 -11.31 -31.94 57.77
CA PRO D 1 -11.21 -30.68 56.91
C PRO D 1 -9.72 -30.57 56.68
N HIS D 2 -9.26 -30.40 55.45
CA HIS D 2 -7.83 -30.37 55.23
C HIS D 2 -7.07 -29.26 55.82
N PRO D 3 -5.97 -29.60 56.46
CA PRO D 3 -5.07 -28.68 57.11
C PRO D 3 -4.13 -28.02 56.10
N TRP D 4 -4.17 -28.45 54.82
CA TRP D 4 -3.24 -27.82 53.88
C TRP D 4 -3.86 -26.79 52.99
N PHE D 5 -5.15 -26.56 53.16
CA PHE D 5 -5.78 -25.61 52.28
C PHE D 5 -5.84 -24.20 52.84
N PHE D 6 -4.97 -23.32 52.40
CA PHE D 6 -5.04 -21.99 52.94
C PHE D 6 -5.81 -20.96 52.18
N GLY D 7 -6.69 -21.36 51.28
CA GLY D 7 -7.40 -20.33 50.54
C GLY D 7 -6.48 -19.31 49.87
N LYS D 8 -6.92 -18.08 49.82
CA LYS D 8 -6.16 -17.12 49.06
C LYS D 8 -5.19 -16.30 49.82
N ILE D 9 -3.96 -16.74 49.98
CA ILE D 9 -2.98 -15.86 50.68
C ILE D 9 -1.85 -15.49 49.73
N PRO D 10 -1.20 -14.41 50.05
CA PRO D 10 -0.10 -13.92 49.24
C PRO D 10 1.12 -14.86 49.28
N ARG D 11 1.80 -14.96 48.14
CA ARG D 11 2.97 -15.89 48.00
C ARG D 11 3.93 -15.68 49.12
N ALA D 12 4.27 -14.41 49.32
CA ALA D 12 5.18 -14.14 50.38
C ALA D 12 4.74 -14.62 51.76
N LYS D 13 3.44 -14.54 52.09
CA LYS D 13 3.11 -15.02 53.43
C LYS D 13 3.35 -16.52 53.44
N ALA D 14 3.04 -17.16 52.32
CA ALA D 14 3.28 -18.60 52.30
C ALA D 14 4.76 -18.83 52.57
N GLU D 15 5.60 -18.06 51.89
CA GLU D 15 7.04 -18.22 52.11
C GLU D 15 7.36 -17.95 53.56
N GLU D 16 6.90 -16.84 54.08
CA GLU D 16 7.19 -16.51 55.47
C GLU D 16 6.79 -17.61 56.40
N MET D 17 5.64 -18.20 56.16
CA MET D 17 5.26 -19.23 57.08
C MET D 17 6.02 -20.49 56.95
N LEU D 18 6.15 -20.91 55.72
CA LEU D 18 6.81 -22.16 55.44
C LEU D 18 8.25 -22.13 55.86
N SER D 19 8.93 -21.02 55.62
CA SER D 19 10.34 -20.89 55.99
C SER D 19 10.45 -21.21 57.49
N LYS D 20 9.46 -20.78 58.26
CA LYS D 20 9.47 -21.09 59.69
C LYS D 20 9.32 -22.60 59.96
N GLN D 21 8.81 -23.40 59.02
CA GLN D 21 8.60 -24.84 59.29
C GLN D 21 9.86 -25.63 59.50
N ARG D 22 9.73 -26.79 60.11
CA ARG D 22 10.93 -27.59 60.34
C ARG D 22 11.30 -28.62 59.34
N HIS D 23 10.34 -29.30 58.71
CA HIS D 23 10.72 -30.33 57.72
C HIS D 23 10.54 -30.08 56.26
N ASP D 24 11.50 -30.56 55.49
CA ASP D 24 11.38 -30.41 54.05
C ASP D 24 10.11 -31.18 53.62
N GLY D 25 9.26 -30.54 52.81
CA GLY D 25 8.01 -31.14 52.31
C GLY D 25 6.77 -30.54 52.96
N ALA D 26 6.97 -29.73 54.01
CA ALA D 26 5.82 -29.11 54.66
C ALA D 26 5.23 -28.25 53.54
N PHE D 27 3.94 -28.30 53.32
CA PHE D 27 3.40 -27.50 52.22
C PHE D 27 2.00 -26.98 52.50
N LEU D 28 1.48 -26.25 51.52
CA LEU D 28 0.11 -25.77 51.60
C LEU D 28 -0.32 -25.48 50.19
N ILE D 29 -1.60 -25.55 49.95
CA ILE D 29 -2.06 -25.22 48.64
C ILE D 29 -2.67 -23.85 48.89
N ARG D 30 -2.41 -22.87 48.02
CA ARG D 30 -2.99 -21.56 48.18
C ARG D 30 -3.62 -21.22 46.87
N GLU D 31 -4.54 -20.27 46.84
CA GLU D 31 -5.19 -19.87 45.58
C GLU D 31 -4.29 -18.78 44.95
N SER D 32 -4.02 -18.82 43.66
CA SER D 32 -3.06 -17.87 43.16
C SER D 32 -3.49 -16.45 43.16
N GLU D 33 -2.57 -15.53 43.47
CA GLU D 33 -2.93 -14.11 43.42
C GLU D 33 -2.58 -13.65 42.07
N SER D 34 -1.43 -14.08 41.56
CA SER D 34 -1.04 -13.66 40.23
C SER D 34 -1.83 -14.42 39.16
N ALA D 35 -2.28 -15.61 39.45
CA ALA D 35 -2.97 -16.33 38.41
C ALA D 35 -4.28 -16.70 38.97
N PRO D 36 -5.26 -15.81 38.87
CA PRO D 36 -6.62 -15.97 39.36
C PRO D 36 -7.21 -17.20 38.86
N GLY D 37 -7.75 -18.01 39.75
CA GLY D 37 -8.36 -19.26 39.34
C GLY D 37 -7.42 -20.44 39.21
N ASP D 38 -6.15 -20.19 39.51
CA ASP D 38 -5.06 -21.20 39.44
C ASP D 38 -4.61 -21.51 40.89
N PHE D 39 -4.24 -22.75 41.21
CA PHE D 39 -3.77 -23.01 42.56
C PHE D 39 -2.26 -23.04 42.56
N SER D 40 -1.64 -22.87 43.71
CA SER D 40 -0.22 -22.88 43.72
C SER D 40 0.13 -23.70 44.88
N LEU D 41 1.11 -24.58 44.67
CA LEU D 41 1.54 -25.49 45.73
C LEU D 41 2.82 -24.98 46.32
N SER D 42 2.85 -24.74 47.59
CA SER D 42 4.08 -24.24 48.11
C SER D 42 4.63 -25.23 49.04
N VAL D 43 5.92 -25.53 48.89
CA VAL D 43 6.56 -26.52 49.73
C VAL D 43 7.90 -26.06 50.21
N LYS D 44 8.27 -26.42 51.45
CA LYS D 44 9.58 -26.05 52.02
C LYS D 44 10.71 -27.01 51.62
N PHE D 45 11.89 -26.49 51.37
CA PHE D 45 12.98 -27.39 51.06
C PHE D 45 14.29 -26.76 51.39
N GLY D 46 14.88 -27.11 52.50
CA GLY D 46 16.16 -26.46 52.78
C GLY D 46 15.94 -25.00 53.10
N ASN D 47 16.79 -24.08 52.66
CA ASN D 47 16.55 -22.70 53.01
C ASN D 47 15.41 -22.10 52.25
N ASP D 48 15.14 -22.62 51.09
CA ASP D 48 14.06 -22.07 50.31
C ASP D 48 12.75 -22.79 50.40
N VAL D 49 11.74 -22.12 49.83
CA VAL D 49 10.36 -22.60 49.69
C VAL D 49 10.16 -22.65 48.15
N GLN D 50 9.59 -23.73 47.60
CA GLN D 50 9.40 -23.77 46.15
C GLN D 50 7.93 -23.70 45.83
N HIS D 51 7.58 -23.25 44.63
CA HIS D 51 6.19 -23.15 44.35
C HIS D 51 5.87 -23.87 43.10
N PHE D 52 4.86 -24.71 43.07
CA PHE D 52 4.61 -25.31 41.77
C PHE D 52 3.30 -24.86 41.27
N LYS D 53 3.20 -24.43 40.02
CA LYS D 53 1.87 -24.01 39.57
C LYS D 53 1.05 -25.24 39.37
N VAL D 54 -0.18 -25.32 39.83
CA VAL D 54 -0.94 -26.53 39.59
C VAL D 54 -1.60 -26.45 38.23
N LEU D 55 -1.25 -27.31 37.30
CA LEU D 55 -1.86 -27.21 36.01
C LEU D 55 -3.18 -27.92 35.99
N ARG D 56 -3.93 -27.59 34.95
CA ARG D 56 -5.21 -28.22 34.73
C ARG D 56 -5.38 -28.39 33.22
N ASP D 57 -5.75 -29.58 32.76
CA ASP D 57 -5.88 -29.82 31.32
C ASP D 57 -7.20 -29.44 30.76
N GLY D 58 -7.46 -29.82 29.53
CA GLY D 58 -8.73 -29.43 28.95
C GLY D 58 -9.89 -30.18 29.52
N ALA D 59 -9.61 -31.33 30.11
CA ALA D 59 -10.69 -32.12 30.69
C ALA D 59 -10.88 -31.65 32.12
N GLY D 60 -10.11 -30.66 32.51
CA GLY D 60 -10.17 -30.24 33.88
C GLY D 60 -9.41 -31.11 34.92
N LYS D 61 -8.63 -32.13 34.56
CA LYS D 61 -7.89 -32.86 35.60
C LYS D 61 -6.76 -31.93 36.11
N TYR D 62 -6.25 -32.12 37.32
CA TYR D 62 -5.14 -31.25 37.68
C TYR D 62 -3.88 -32.09 37.65
N PHE D 63 -2.73 -31.44 37.53
CA PHE D 63 -1.48 -32.17 37.60
C PHE D 63 -0.36 -31.20 37.69
N LEU D 64 0.84 -31.73 37.97
CA LEU D 64 2.01 -30.85 38.10
C LEU D 64 2.90 -31.06 36.97
N TRP D 65 3.07 -32.31 36.58
CA TRP D 65 3.99 -32.59 35.49
C TRP D 65 3.31 -33.40 34.47
N VAL D 66 3.01 -34.64 34.83
CA VAL D 66 2.36 -35.38 33.79
C VAL D 66 1.22 -36.24 34.24
N VAL D 67 1.37 -36.91 35.35
CA VAL D 67 0.28 -37.74 35.81
C VAL D 67 -0.90 -36.82 36.17
N LYS D 68 -2.07 -37.07 35.59
CA LYS D 68 -3.27 -36.28 35.90
C LYS D 68 -4.08 -36.77 37.17
N PHE D 69 -4.84 -35.90 37.86
CA PHE D 69 -5.67 -36.34 39.02
C PHE D 69 -6.97 -35.61 38.88
N ASN D 70 -8.07 -36.17 39.41
CA ASN D 70 -9.31 -35.41 39.33
C ASN D 70 -9.58 -34.59 40.57
N SER D 71 -8.56 -34.23 41.36
CA SER D 71 -8.81 -33.39 42.52
C SER D 71 -7.56 -32.98 43.23
N LEU D 72 -7.54 -31.76 43.71
CA LEU D 72 -6.40 -31.30 44.45
C LEU D 72 -6.17 -32.32 45.56
N ASN D 73 -7.25 -32.86 46.09
CA ASN D 73 -7.09 -33.76 47.16
C ASN D 73 -6.20 -34.94 46.72
N GLU D 74 -6.55 -35.52 45.60
CA GLU D 74 -5.78 -36.63 45.13
C GLU D 74 -4.39 -36.25 44.77
N LEU D 75 -4.26 -35.25 43.96
CA LEU D 75 -2.96 -34.83 43.65
C LEU D 75 -2.12 -34.64 44.97
N VAL D 76 -2.70 -34.02 45.98
CA VAL D 76 -1.91 -33.79 47.18
C VAL D 76 -1.50 -35.08 47.81
N ASP D 77 -2.43 -35.97 47.99
CA ASP D 77 -2.06 -37.18 48.65
C ASP D 77 -1.01 -37.94 47.88
N TYR D 78 -1.23 -38.04 46.60
CA TYR D 78 -0.31 -38.79 45.79
C TYR D 78 1.14 -38.41 45.99
N HIS D 79 1.38 -37.11 46.07
CA HIS D 79 2.74 -36.66 46.22
C HIS D 79 3.19 -36.72 47.57
N ARG D 80 2.37 -37.30 48.41
CA ARG D 80 2.88 -37.40 49.71
C ARG D 80 3.92 -38.52 49.60
N SER D 81 3.84 -39.31 48.54
CA SER D 81 4.78 -40.40 48.41
C SER D 81 5.51 -40.39 47.07
N THR D 82 5.44 -39.32 46.27
CA THR D 82 6.14 -39.38 44.98
C THR D 82 6.63 -37.98 44.80
N SER D 83 7.94 -37.78 44.85
CA SER D 83 8.49 -36.45 44.76
C SER D 83 7.79 -35.52 43.81
N VAL D 84 7.65 -34.35 44.35
CA VAL D 84 6.97 -33.29 43.72
C VAL D 84 7.97 -32.62 42.78
N SER D 85 9.23 -32.92 42.97
CA SER D 85 10.22 -32.29 42.15
C SER D 85 10.90 -33.35 41.39
N ARG D 86 11.57 -32.94 40.33
CA ARG D 86 12.27 -33.95 39.60
C ARG D 86 13.76 -33.95 39.84
N ASN D 87 14.30 -32.91 40.44
CA ASN D 87 15.71 -32.91 40.70
C ASN D 87 15.80 -33.50 42.06
N GLN D 88 15.24 -32.83 43.06
CA GLN D 88 15.33 -33.41 44.36
C GLN D 88 14.13 -34.27 44.72
N GLN D 89 14.28 -35.01 45.83
CA GLN D 89 13.23 -35.88 46.28
C GLN D 89 12.53 -35.15 47.38
N ILE D 90 11.37 -34.58 47.05
CA ILE D 90 10.59 -33.80 48.00
C ILE D 90 9.21 -34.40 48.14
N PHE D 91 8.84 -34.80 49.36
CA PHE D 91 7.52 -35.41 49.57
C PHE D 91 6.62 -34.54 50.42
N LEU D 92 5.35 -34.41 50.05
CA LEU D 92 4.57 -33.49 50.85
C LEU D 92 4.35 -34.03 52.21
N ARG D 93 4.39 -33.15 53.19
CA ARG D 93 4.10 -33.54 54.57
C ARG D 93 3.37 -32.36 55.13
N ASP D 94 2.41 -32.70 55.98
CA ASP D 94 1.57 -31.69 56.59
C ASP D 94 2.34 -30.77 57.46
N ILE D 95 1.99 -29.51 57.32
CA ILE D 95 2.58 -28.39 58.03
C ILE D 95 2.35 -28.52 59.53
N GLU D 96 3.04 -27.76 60.38
CA GLU D 96 2.85 -27.84 61.86
C GLU D 96 2.30 -26.59 62.58
N PRO E 1 48.67 58.02 2.36
CA PRO E 1 48.55 57.07 1.16
C PRO E 1 47.06 57.01 0.93
N HIS E 2 46.57 57.22 -0.29
CA HIS E 2 45.14 57.23 -0.48
C HIS E 2 44.40 55.99 -0.24
N PRO E 3 43.31 56.11 0.50
CA PRO E 3 42.44 55.02 0.85
C PRO E 3 41.48 54.69 -0.31
N TRP E 4 41.49 55.48 -1.38
CA TRP E 4 40.54 55.14 -2.46
C TRP E 4 41.15 54.45 -3.62
N PHE E 5 42.45 54.18 -3.55
CA PHE E 5 43.07 53.54 -4.69
C PHE E 5 43.16 52.03 -4.58
N PHE E 6 42.28 51.33 -5.24
CA PHE E 6 42.36 49.89 -5.13
C PHE E 6 43.13 49.14 -6.17
N GLY E 7 43.99 49.80 -6.92
CA GLY E 7 44.68 49.04 -7.94
C GLY E 7 43.77 48.26 -8.87
N LYS E 8 44.21 47.11 -9.30
CA LYS E 8 43.44 46.41 -10.30
C LYS E 8 42.50 45.38 -9.80
N ILE E 9 41.26 45.74 -9.49
CA ILE E 9 40.31 44.69 -9.08
C ILE E 9 39.17 44.59 -10.07
N PRO E 10 38.52 43.47 -10.09
CA PRO E 10 37.40 43.23 -10.99
C PRO E 10 36.18 44.09 -10.64
N ARG E 11 35.48 44.53 -11.70
CA ARG E 11 34.31 45.45 -11.53
C ARG E 11 33.37 44.89 -10.52
N ALA E 12 33.05 43.63 -10.69
CA ALA E 12 32.15 43.03 -9.74
C ALA E 12 32.61 43.09 -8.29
N LYS E 13 33.92 42.94 -8.03
CA LYS E 13 34.27 42.99 -6.61
C LYS E 13 34.03 44.41 -6.14
N ALA E 14 34.31 45.37 -7.03
CA ALA E 14 34.06 46.74 -6.60
C ALA E 14 32.58 46.86 -6.26
N GLU E 15 31.73 46.32 -7.13
CA GLU E 15 30.30 46.39 -6.85
C GLU E 15 30.01 45.71 -5.54
N GLU E 16 30.49 44.49 -5.38
CA GLU E 16 30.23 43.76 -4.15
C GLU E 16 30.64 44.54 -2.94
N MET E 17 31.77 45.18 -3.01
CA MET E 17 32.16 45.89 -1.83
C MET E 17 31.40 47.12 -1.56
N LEU E 18 31.24 47.90 -2.62
CA LEU E 18 30.57 49.16 -2.50
C LEU E 18 29.12 49.00 -2.08
N SER E 19 28.45 48.00 -2.64
CA SER E 19 27.05 47.74 -2.29
C SER E 19 26.97 47.60 -0.77
N LYS E 20 27.97 46.98 -0.17
CA LYS E 20 28.00 46.85 1.28
C LYS E 20 28.14 48.20 1.98
N GLN E 21 28.63 49.25 1.32
CA GLN E 21 28.82 50.55 2.01
C GLN E 21 27.57 51.22 2.46
N ARG E 22 27.70 52.16 3.39
CA ARG E 22 26.50 52.83 3.87
C ARG E 22 26.10 54.11 3.22
N HIS E 23 27.04 54.96 2.81
CA HIS E 23 26.65 56.22 2.18
C HIS E 23 26.80 56.43 0.71
N ASP E 24 25.82 57.11 0.13
CA ASP E 24 25.92 57.39 -1.29
C ASP E 24 27.17 58.28 -1.49
N GLY E 25 28.02 57.92 -2.47
CA GLY E 25 29.24 58.65 -2.77
C GLY E 25 30.51 57.90 -2.36
N ALA E 26 30.33 56.82 -1.61
CA ALA E 26 31.50 56.05 -1.19
C ALA E 26 32.07 55.56 -2.51
N PHE E 27 33.36 55.69 -2.73
CA PHE E 27 33.88 55.26 -4.03
C PHE E 27 35.28 54.70 -3.93
N LEU E 28 35.80 54.30 -5.10
CA LEU E 28 37.17 53.84 -5.19
C LEU E 28 37.57 53.98 -6.63
N ILE E 29 38.85 54.14 -6.86
CA ILE E 29 39.28 54.22 -8.22
C ILE E 29 39.91 52.84 -8.40
N ARG E 30 39.63 52.16 -9.51
CA ARG E 30 40.23 50.87 -9.75
C ARG E 30 40.83 50.94 -11.13
N GLU E 31 41.76 50.06 -11.45
CA GLU E 31 42.39 50.06 -12.78
C GLU E 31 41.49 49.20 -13.69
N SER E 32 41.20 49.62 -14.91
CA SER E 32 40.22 48.85 -15.65
C SER E 32 40.67 47.50 -16.09
N GLU E 33 39.76 46.51 -16.05
CA GLU E 33 40.13 45.18 -16.53
C GLU E 33 39.75 45.14 -17.95
N SER E 34 38.60 45.69 -18.29
CA SER E 34 38.18 45.69 -19.67
C SER E 34 38.94 46.73 -20.48
N ALA E 35 39.38 47.79 -19.86
CA ALA E 35 40.05 48.79 -20.65
C ALA E 35 41.37 49.00 -20.02
N PRO E 36 42.35 48.19 -20.41
CA PRO E 36 43.73 48.22 -19.91
C PRO E 36 44.31 49.54 -20.03
N GLY E 37 44.85 50.06 -18.95
CA GLY E 37 45.45 51.39 -18.98
C GLY E 37 44.50 52.53 -18.73
N ASP E 38 43.23 52.20 -18.50
CA ASP E 38 42.14 53.16 -18.24
C ASP E 38 41.71 53.02 -16.76
N PHE E 39 41.35 54.10 -16.07
CA PHE E 39 40.89 53.94 -14.71
C PHE E 39 39.39 53.95 -14.68
N SER E 40 38.80 53.44 -13.62
CA SER E 40 37.37 53.42 -13.58
C SER E 40 37.04 53.86 -12.22
N LEU E 41 36.04 54.76 -12.14
CA LEU E 41 35.63 55.31 -10.85
C LEU E 41 34.37 54.62 -10.43
N SER E 42 34.36 54.02 -9.28
CA SER E 42 33.15 53.37 -8.92
C SER E 42 32.60 54.03 -7.72
N VAL E 43 31.31 54.34 -7.75
CA VAL E 43 30.68 55.03 -6.64
C VAL E 43 29.35 54.42 -6.31
N LYS E 44 29.01 54.40 -5.00
CA LYS E 44 27.72 53.86 -4.55
C LYS E 44 26.57 54.88 -4.63
N PHE E 45 25.39 54.45 -5.01
CA PHE E 45 24.28 55.39 -5.01
C PHE E 45 22.98 54.67 -4.88
N GLY E 46 22.40 54.67 -3.69
CA GLY E 46 21.14 53.95 -3.59
C GLY E 46 21.37 52.47 -3.73
N ASN E 47 20.53 51.72 -4.41
CA ASN E 47 20.78 50.28 -4.49
C ASN E 47 21.91 49.95 -5.42
N ASP E 48 22.16 50.82 -6.38
CA ASP E 48 23.21 50.53 -7.31
C ASP E 48 24.53 51.21 -7.02
N VAL E 49 25.53 50.74 -7.78
CA VAL E 49 26.90 51.26 -7.80
C VAL E 49 27.08 51.77 -9.26
N GLN E 50 27.63 52.97 -9.47
CA GLN E 50 27.79 53.44 -10.83
C GLN E 50 29.26 53.48 -11.19
N HIS E 51 29.58 53.42 -12.48
CA HIS E 51 30.97 53.42 -12.80
C HIS E 51 31.26 54.49 -13.77
N PHE E 52 32.27 55.31 -13.57
CA PHE E 52 32.49 56.29 -14.64
C PHE E 52 33.78 56.01 -15.27
N LYS E 53 33.87 55.97 -16.58
CA LYS E 53 35.19 55.72 -17.18
C LYS E 53 36.00 56.96 -17.01
N VAL E 54 37.24 56.91 -16.56
CA VAL E 54 37.99 58.16 -16.44
C VAL E 54 38.62 58.50 -17.78
N LEU E 55 38.24 59.59 -18.39
CA LEU E 55 38.84 59.88 -19.66
C LEU E 55 40.15 60.57 -19.50
N ARG E 56 40.88 60.59 -20.60
CA ARG E 56 42.15 61.26 -20.64
C ARG E 56 42.29 61.88 -22.04
N ASP E 57 42.65 63.16 -22.13
CA ASP E 57 42.75 63.82 -23.43
C ASP E 57 44.06 63.64 -24.10
N GLY E 58 44.30 64.37 -25.16
CA GLY E 58 45.56 64.18 -25.85
C GLY E 58 46.73 64.75 -25.10
N ALA E 59 46.44 65.66 -24.19
CA ALA E 59 47.53 66.25 -23.42
C ALA E 59 47.75 65.39 -22.20
N GLY E 60 47.00 64.32 -22.12
CA GLY E 60 47.08 63.52 -20.92
C GLY E 60 46.34 64.02 -19.67
N LYS E 61 45.55 65.09 -19.70
CA LYS E 61 44.82 65.46 -18.47
C LYS E 61 43.70 64.41 -18.25
N TYR E 62 43.22 64.22 -17.03
CA TYR E 62 42.11 63.27 -16.92
C TYR E 62 40.85 64.07 -16.68
N PHE E 63 39.70 63.47 -16.97
CA PHE E 63 38.46 64.14 -16.67
C PHE E 63 37.34 63.17 -16.85
N LEU E 64 36.14 63.57 -16.41
CA LEU E 64 34.99 62.68 -16.52
C LEU E 64 34.06 63.21 -17.51
N TRP E 65 33.88 64.53 -17.52
CA TRP E 65 32.94 65.10 -18.47
C TRP E 65 33.60 66.20 -19.20
N VAL E 66 33.90 67.27 -18.50
CA VAL E 66 34.52 68.29 -19.29
C VAL E 66 35.67 68.99 -18.62
N VAL E 67 35.53 69.29 -17.34
CA VAL E 67 36.63 69.96 -16.68
C VAL E 67 37.81 69.00 -16.63
N LYS E 68 38.97 69.42 -17.13
CA LYS E 68 40.19 68.59 -17.09
C LYS E 68 41.01 68.68 -15.75
N PHE E 69 41.79 67.67 -15.36
CA PHE E 69 42.63 67.74 -14.13
C PHE E 69 43.94 67.10 -14.51
N ASN E 70 45.05 67.49 -13.85
CA ASN E 70 46.29 66.80 -14.18
C ASN E 70 46.59 65.65 -13.24
N SER E 71 45.59 65.07 -12.58
CA SER E 71 45.87 63.91 -11.73
C SER E 71 44.63 63.30 -11.15
N LEU E 72 44.64 61.99 -11.05
CA LEU E 72 43.51 61.33 -10.47
C LEU E 72 43.29 61.96 -9.10
N ASN E 73 44.38 62.33 -8.45
CA ASN E 73 44.24 62.88 -7.16
C ASN E 73 43.33 64.12 -7.21
N GLU E 74 43.65 65.00 -8.12
CA GLU E 74 42.87 66.20 -8.21
C GLU E 74 41.47 65.92 -8.64
N LEU E 75 41.34 65.21 -9.72
CA LEU E 75 40.02 64.89 -10.12
C LEU E 75 39.22 64.31 -8.91
N VAL E 76 39.83 63.42 -8.13
CA VAL E 76 39.06 62.84 -7.05
C VAL E 76 38.64 63.87 -6.05
N ASP E 77 39.58 64.68 -5.63
CA ASP E 77 39.20 65.62 -4.64
C ASP E 77 38.15 66.58 -5.12
N TYR E 78 38.34 67.05 -6.34
CA TYR E 78 37.39 68.00 -6.86
C TYR E 78 35.96 67.55 -6.76
N HIS E 79 35.72 66.28 -7.07
CA HIS E 79 34.37 65.80 -7.04
C HIS E 79 33.94 65.45 -5.71
N ARG E 80 34.77 65.76 -4.76
CA ARG E 80 34.29 65.47 -3.48
C ARG E 80 33.24 66.56 -3.23
N SER E 81 33.30 67.62 -4.01
CA SER E 81 32.35 68.70 -3.78
C SER E 81 31.58 69.07 -5.07
N THR E 82 31.65 68.30 -6.14
CA THR E 82 30.93 68.72 -7.35
C THR E 82 30.44 67.44 -7.93
N SER E 83 29.13 67.22 -7.92
CA SER E 83 28.59 65.96 -8.40
C SER E 83 29.28 65.37 -9.58
N VAL E 84 29.43 64.10 -9.42
CA VAL E 84 30.11 63.28 -10.35
C VAL E 84 29.10 62.91 -11.43
N SER E 85 27.84 63.13 -11.15
CA SER E 85 26.84 62.76 -12.10
C SER E 85 26.14 63.99 -12.49
N ARG E 86 25.46 63.91 -13.62
CA ARG E 86 24.74 65.08 -14.00
C ARG E 86 23.25 64.99 -13.75
N ASN E 87 22.73 63.81 -13.48
CA ASN E 87 21.32 63.72 -13.20
C ASN E 87 21.26 63.88 -11.74
N GLN E 88 21.83 62.94 -11.00
CA GLN E 88 21.77 63.10 -9.57
C GLN E 88 22.96 63.83 -9.00
N GLN E 89 22.83 64.20 -7.72
CA GLN E 89 23.88 64.92 -7.04
C GLN E 89 24.61 63.90 -6.22
N ILE E 90 25.77 63.46 -6.72
CA ILE E 90 26.57 62.44 -6.05
C ILE E 90 27.96 63.00 -5.76
N PHE E 91 28.34 63.02 -4.50
CA PHE E 91 29.66 63.54 -4.13
C PHE E 91 30.58 62.49 -3.60
N LEU E 92 31.84 62.48 -4.01
CA LEU E 92 32.64 61.37 -3.53
C LEU E 92 32.89 61.48 -2.08
N ARG E 93 32.88 60.35 -1.40
CA ARG E 93 33.18 60.31 0.02
C ARG E 93 33.93 59.03 0.20
N ASP E 94 34.91 59.11 1.10
CA ASP E 94 35.77 57.98 1.37
C ASP E 94 35.02 56.83 1.93
N ILE E 95 35.36 55.68 1.41
CA ILE E 95 34.81 54.38 1.77
C ILE E 95 35.06 54.07 3.23
N GLU E 96 34.39 53.08 3.84
CA GLU E 96 34.61 52.72 5.26
C GLU E 96 35.18 51.31 5.56
N PRO F 1 42.60 47.58 -0.31
CA PRO F 1 42.91 48.93 -0.97
C PRO F 1 44.41 49.02 -0.85
N HIS F 2 45.14 49.31 -1.91
CA HIS F 2 46.58 49.31 -1.80
C HIS F 2 47.20 50.33 -0.93
N PRO F 3 48.13 49.87 -0.11
CA PRO F 3 48.85 50.68 0.84
C PRO F 3 50.01 51.42 0.14
N TRP F 4 50.26 51.14 -1.15
CA TRP F 4 51.39 51.84 -1.77
C TRP F 4 50.99 52.98 -2.64
N PHE F 5 49.69 53.25 -2.74
CA PHE F 5 49.28 54.33 -3.61
C PHE F 5 49.11 55.65 -2.92
N PHE F 6 50.06 56.53 -3.05
CA PHE F 6 49.89 57.81 -2.38
C PHE F 6 49.32 58.94 -3.15
N GLY F 7 48.66 58.68 -4.26
CA GLY F 7 48.15 59.81 -5.01
C GLY F 7 49.19 60.87 -5.34
N LYS F 8 48.80 62.11 -5.34
CA LYS F 8 49.71 63.12 -5.77
C LYS F 8 50.49 63.82 -4.74
N ILE F 9 51.66 63.32 -4.35
CA ILE F 9 52.45 64.07 -3.36
C ILE F 9 53.77 64.51 -3.97
N PRO F 10 54.34 65.53 -3.39
CA PRO F 10 55.61 66.07 -3.87
C PRO F 10 56.77 65.09 -3.67
N ARG F 11 57.69 65.09 -4.64
CA ARG F 11 58.85 64.14 -4.63
C ARG F 11 59.54 64.20 -3.30
N ALA F 12 59.83 65.41 -2.88
CA ALA F 12 60.49 65.53 -1.60
C ALA F 12 59.75 64.91 -0.44
N LYS F 13 58.41 64.99 -0.41
CA LYS F 13 57.77 64.37 0.76
C LYS F 13 57.98 62.88 0.65
N ALA F 14 57.94 62.37 -0.58
CA ALA F 14 58.17 60.94 -0.72
C ALA F 14 59.54 60.64 -0.15
N GLU F 15 60.52 61.45 -0.53
CA GLU F 15 61.87 61.21 -0.03
C GLU F 15 61.85 61.29 1.48
N GLU F 16 61.29 62.35 2.03
CA GLU F 16 61.26 62.50 3.47
C GLU F 16 60.67 61.32 4.14
N MET F 17 59.60 60.81 3.58
CA MET F 17 59.01 59.69 4.27
C MET F 17 59.76 58.44 4.15
N LEU F 18 60.17 58.15 2.93
CA LEU F 18 60.86 56.92 2.67
C LEU F 18 62.18 56.84 3.39
N SER F 19 62.90 57.96 3.44
CA SER F 19 64.19 58.00 4.14
C SER F 19 63.96 57.50 5.57
N LYS F 20 62.83 57.86 6.16
CA LYS F 20 62.51 57.38 7.50
C LYS F 20 62.28 55.86 7.54
N GLN F 21 61.99 55.20 6.43
CA GLN F 21 61.72 53.75 6.46
C GLN F 21 62.89 52.90 6.85
N ARG F 22 62.62 51.67 7.27
CA ARG F 22 63.72 50.82 7.66
C ARG F 22 64.31 49.89 6.64
N HIS F 23 63.51 49.33 5.75
CA HIS F 23 64.09 48.41 4.75
C HIS F 23 64.25 48.83 3.33
N ASP F 24 65.36 48.41 2.73
CA ASP F 24 65.56 48.73 1.33
C ASP F 24 64.42 48.05 0.54
N GLY F 25 63.77 48.82 -0.36
CA GLY F 25 62.66 48.33 -1.18
C GLY F 25 61.31 48.89 -0.77
N ALA F 26 61.28 49.57 0.38
CA ALA F 26 60.01 50.15 0.83
C ALA F 26 59.70 51.15 -0.27
N PHE F 27 58.49 51.18 -0.78
CA PHE F 27 58.22 52.11 -1.86
C PHE F 27 56.81 52.64 -1.84
N LEU F 28 56.52 53.51 -2.81
CA LEU F 28 55.18 54.02 -2.99
C LEU F 28 55.08 54.49 -4.41
N ILE F 29 53.88 54.49 -4.94
CA ILE F 29 53.74 55.00 -6.26
C ILE F 29 53.10 56.35 -6.00
N ARG F 30 53.55 57.41 -6.65
CA ARG F 30 52.95 58.71 -6.46
C ARG F 30 52.65 59.23 -7.83
N GLU F 31 51.76 60.21 -7.95
CA GLU F 31 51.42 60.78 -9.26
C GLU F 31 52.44 61.90 -9.54
N SER F 32 53.00 61.99 -10.73
CA SER F 32 54.06 62.97 -10.89
C SER F 32 53.65 64.39 -10.81
N GLU F 33 54.49 65.23 -10.19
CA GLU F 33 54.15 66.66 -10.15
C GLU F 33 54.81 67.28 -11.33
N SER F 34 56.03 66.85 -11.62
CA SER F 34 56.72 67.41 -12.77
C SER F 34 56.19 66.82 -14.05
N ALA F 35 55.68 65.62 -14.03
CA ALA F 35 55.23 65.05 -15.28
C ALA F 35 53.83 64.65 -15.07
N PRO F 36 52.90 65.59 -15.28
CA PRO F 36 51.46 65.42 -15.13
C PRO F 36 50.98 64.28 -15.89
N GLY F 37 50.26 63.38 -15.25
CA GLY F 37 49.74 62.21 -15.94
C GLY F 37 50.68 61.03 -16.00
N ASP F 38 51.86 61.20 -15.39
CA ASP F 38 52.92 60.17 -15.34
C ASP F 38 53.03 59.68 -13.87
N PHE F 39 53.30 58.39 -13.63
CA PHE F 39 53.45 57.97 -12.26
C PHE F 39 54.92 57.88 -11.93
N SER F 40 55.27 57.88 -10.65
CA SER F 40 56.66 57.82 -10.33
C SER F 40 56.73 56.86 -9.22
N LEU F 41 57.72 55.98 -9.32
CA LEU F 41 57.89 54.94 -8.31
C LEU F 41 59.00 55.33 -7.40
N SER F 42 58.76 55.42 -6.13
CA SER F 42 59.84 55.81 -5.29
C SER F 42 60.17 54.69 -4.39
N VAL F 43 61.45 54.37 -4.27
CA VAL F 43 61.88 53.26 -3.44
C VAL F 43 63.07 53.62 -2.63
N LYS F 44 63.15 53.10 -1.38
CA LYS F 44 64.29 53.36 -0.50
C LYS F 44 65.47 52.41 -0.75
N PHE F 45 66.69 52.91 -0.67
CA PHE F 45 67.82 52.02 -0.84
C PHE F 45 69.04 52.57 -0.15
N GLY F 46 69.36 52.07 1.02
CA GLY F 46 70.53 52.62 1.65
C GLY F 46 70.27 54.04 2.09
N ASN F 47 71.20 54.98 1.96
CA ASN F 47 70.90 56.33 2.43
C ASN F 47 69.96 57.05 1.50
N ASP F 48 69.96 56.67 0.25
CA ASP F 48 69.09 57.35 -0.67
C ASP F 48 67.78 56.66 -0.96
N VAL F 49 66.93 57.43 -1.66
CA VAL F 49 65.62 57.03 -2.16
C VAL F 49 65.76 57.16 -3.70
N GLN F 50 65.34 56.18 -4.49
CA GLN F 50 65.47 56.32 -5.93
C GLN F 50 64.11 56.48 -6.57
N HIS F 51 64.05 57.08 -7.75
CA HIS F 51 62.75 57.25 -8.33
C HIS F 51 62.72 56.71 -9.69
N PHE F 52 61.74 55.90 -10.05
CA PHE F 52 61.77 55.47 -11.43
C PHE F 52 60.62 56.03 -12.15
N LYS F 53 60.81 56.60 -13.32
CA LYS F 53 59.62 57.12 -14.02
C LYS F 53 58.85 55.94 -14.54
N VAL F 54 57.54 55.86 -14.37
CA VAL F 54 56.85 54.71 -14.92
C VAL F 54 56.52 54.97 -16.38
N LEU F 55 57.06 54.21 -17.30
CA LEU F 55 56.75 54.48 -18.67
C LEU F 55 55.47 53.84 -19.07
N ARG F 56 54.98 54.30 -20.21
CA ARG F 56 53.78 53.76 -20.78
C ARG F 56 53.95 53.77 -22.31
N ASP F 57 53.68 52.65 -22.98
CA ASP F 57 53.88 52.59 -24.43
C ASP F 57 52.72 53.08 -25.22
N GLY F 58 52.74 52.85 -26.51
CA GLY F 58 51.64 53.35 -27.29
C GLY F 58 50.37 52.58 -27.11
N ALA F 59 50.51 51.37 -26.61
CA ALA F 59 49.32 50.56 -26.39
C ALA F 59 48.81 50.85 -25.00
N GLY F 60 49.48 51.77 -24.32
CA GLY F 60 49.11 52.02 -22.95
C GLY F 60 49.62 51.01 -21.90
N LYS F 61 50.45 50.02 -22.19
CA LYS F 61 50.94 49.15 -21.10
C LYS F 61 51.92 49.98 -20.25
N TYR F 62 52.14 49.63 -18.99
CA TYR F 62 53.16 50.41 -18.28
C TYR F 62 54.38 49.53 -18.14
N PHE F 63 55.54 50.15 -17.92
CA PHE F 63 56.73 49.37 -17.66
C PHE F 63 57.80 50.27 -17.21
N LEU F 64 58.91 49.68 -16.74
CA LEU F 64 60.02 50.49 -16.23
C LEU F 64 61.15 50.39 -17.15
N TRP F 65 61.39 49.18 -17.65
CA TRP F 65 62.53 49.01 -18.54
C TRP F 65 62.09 48.33 -19.77
N VAL F 66 61.71 47.08 -19.64
CA VAL F 66 61.30 46.49 -20.88
C VAL F 66 60.07 45.63 -20.80
N VAL F 67 59.97 44.82 -19.77
CA VAL F 67 58.79 43.99 -19.67
C VAL F 67 57.59 44.89 -19.48
N LYS F 68 56.57 44.76 -20.33
CA LYS F 68 55.33 45.55 -20.20
C LYS F 68 54.26 44.95 -19.22
N PHE F 69 53.37 45.75 -18.62
CA PHE F 69 52.30 45.22 -17.73
C PHE F 69 51.06 45.99 -18.07
N ASN F 70 49.86 45.42 -17.87
CA ASN F 70 48.69 46.23 -18.13
C ASN F 70 48.15 46.90 -16.89
N SER F 71 48.96 47.13 -15.85
CA SER F 71 48.47 47.85 -14.68
C SER F 71 49.53 48.12 -13.67
N LEU F 72 49.44 49.28 -13.05
CA LEU F 72 50.40 49.61 -12.03
C LEU F 72 50.36 48.46 -11.02
N ASN F 73 49.19 47.89 -10.82
CA ASN F 73 49.09 46.86 -9.86
C ASN F 73 50.05 45.71 -10.23
N GLU F 74 49.96 45.29 -11.46
CA GLU F 74 50.80 44.21 -11.88
C GLU F 74 52.24 44.58 -11.86
N LEU F 75 52.55 45.66 -12.50
CA LEU F 75 53.91 46.07 -12.46
C LEU F 75 54.42 46.08 -10.98
N VAL F 76 53.63 46.59 -10.04
CA VAL F 76 54.13 46.64 -8.69
C VAL F 76 54.39 45.28 -8.14
N ASP F 77 53.43 44.41 -8.28
CA ASP F 77 53.64 43.12 -7.71
C ASP F 77 54.81 42.42 -8.31
N TYR F 78 54.90 42.48 -9.62
CA TYR F 78 55.97 41.79 -10.29
C TYR F 78 57.33 42.10 -9.72
N HIS F 79 57.57 43.37 -9.43
CA HIS F 79 58.86 43.76 -8.94
C HIS F 79 58.99 43.50 -7.53
N ARG F 80 57.99 42.88 -6.98
CA ARG F 80 58.19 42.60 -5.61
C ARG F 80 59.23 41.47 -5.63
N SER F 81 59.38 40.81 -6.77
CA SER F 81 60.32 39.70 -6.81
C SER F 81 61.34 39.86 -7.96
N THR F 82 61.46 41.01 -8.61
CA THR F 82 62.43 41.09 -9.70
C THR F 82 62.96 42.46 -9.60
N SER F 83 64.22 42.61 -9.23
CA SER F 83 64.80 43.93 -9.03
C SER F 83 64.32 44.98 -9.99
N VAL F 84 64.08 46.09 -9.36
CA VAL F 84 63.58 47.24 -9.99
C VAL F 84 64.75 47.97 -10.60
N SER F 85 65.94 47.61 -10.17
CA SER F 85 67.10 48.30 -10.67
C SER F 85 67.92 47.31 -11.37
N ARG F 86 68.81 47.80 -12.21
CA ARG F 86 69.66 46.87 -12.88
C ARG F 86 71.05 46.80 -12.32
N ASN F 87 71.45 47.74 -11.49
CA ASN F 87 72.77 47.65 -10.91
C ASN F 87 72.54 46.90 -9.66
N GLN F 88 71.79 47.48 -8.74
CA GLN F 88 71.57 46.75 -7.53
C GLN F 88 70.32 45.89 -7.56
N GLN F 89 70.20 45.03 -6.54
CA GLN F 89 69.07 44.15 -6.44
C GLN F 89 68.14 44.76 -5.44
N ILE F 90 67.09 45.41 -5.95
CA ILE F 90 66.13 46.11 -5.11
C ILE F 90 64.74 45.53 -5.36
N PHE F 91 64.11 45.01 -4.31
CA PHE F 91 62.77 44.43 -4.47
C PHE F 91 61.70 45.22 -3.75
N LEU F 92 60.56 45.44 -4.37
CA LEU F 92 59.62 46.29 -3.66
C LEU F 92 59.10 45.61 -2.45
N ARG F 93 58.92 46.36 -1.39
CA ARG F 93 58.33 45.82 -0.17
C ARG F 93 57.50 46.95 0.36
N ASP F 94 56.37 46.55 0.93
CA ASP F 94 55.41 47.51 1.45
C ASP F 94 55.98 48.30 2.57
N ILE F 95 55.69 49.57 2.51
CA ILE F 95 56.10 50.59 3.47
C ILE F 95 55.55 50.29 4.85
N GLU F 96 56.03 50.92 5.93
CA GLU F 96 55.51 50.67 7.29
C GLU F 96 54.83 51.85 8.03
N PRO G 1 4.90 13.59 24.90
CA PRO G 1 5.12 13.20 23.42
C PRO G 1 3.74 13.32 22.85
N HIS G 2 3.55 14.03 21.74
CA HIS G 2 2.21 14.20 21.22
C HIS G 2 1.49 13.00 20.76
N PRO G 3 0.25 12.89 21.19
CA PRO G 3 -0.63 11.80 20.85
C PRO G 3 -1.27 12.01 19.47
N TRP G 4 -1.03 13.16 18.84
CA TRP G 4 -1.67 13.34 17.53
C TRP G 4 -0.76 13.13 16.36
N PHE G 5 0.48 12.80 16.64
CA PHE G 5 1.39 12.61 15.53
C PHE G 5 1.52 11.19 15.03
N PHE G 6 0.86 10.86 13.96
CA PHE G 6 0.98 9.49 13.49
C PHE G 6 2.02 9.18 12.46
N GLY G 7 3.00 10.03 12.27
CA GLY G 7 3.96 9.71 11.23
C GLY G 7 3.34 9.42 9.87
N LYS G 8 3.92 8.51 9.14
CA LYS G 8 3.45 8.31 7.80
C LYS G 8 2.46 7.23 7.60
N ILE G 9 1.16 7.50 7.72
CA ILE G 9 0.19 6.43 7.43
C ILE G 9 -0.67 6.81 6.24
N PRO G 10 -1.23 5.82 5.61
CA PRO G 10 -2.09 6.03 4.45
C PRO G 10 -3.39 6.75 4.82
N ARG G 11 -3.84 7.60 3.89
CA ARG G 11 -5.05 8.45 4.12
C ARG G 11 -6.19 7.59 4.57
N ALA G 12 -6.40 6.52 3.83
CA ALA G 12 -7.47 5.65 4.21
C ALA G 12 -7.37 5.10 5.62
N LYS G 13 -6.17 4.77 6.11
CA LYS G 13 -6.18 4.23 7.47
C LYS G 13 -6.59 5.36 8.40
N ALA G 14 -6.15 6.57 8.07
CA ALA G 14 -6.56 7.68 8.93
C ALA G 14 -8.08 7.74 8.93
N GLU G 15 -8.67 7.63 7.73
CA GLU G 15 -10.12 7.67 7.66
C GLU G 15 -10.69 6.54 8.48
N GLU G 16 -10.21 5.33 8.25
CA GLU G 16 -10.73 4.18 8.98
C GLU G 16 -10.67 4.40 10.46
N MET G 17 -9.58 4.95 10.93
CA MET G 17 -9.52 5.10 12.36
C MET G 17 -10.38 6.17 12.89
N LEU G 18 -10.32 7.30 12.23
CA LEU G 18 -11.05 8.44 12.69
C LEU G 18 -12.54 8.23 12.64
N SER G 19 -13.01 7.56 11.58
CA SER G 19 -14.44 7.27 11.46
C SER G 19 -14.89 6.53 12.72
N LYS G 20 -14.03 5.67 13.24
CA LYS G 20 -14.36 4.97 14.47
C LYS G 20 -14.46 5.93 15.67
N GLN G 21 -13.87 7.12 15.63
CA GLN G 21 -13.90 8.02 16.80
C GLN G 21 -15.26 8.52 17.17
N ARG G 22 -15.41 9.01 18.40
CA ARG G 22 -16.71 9.50 18.81
C ARG G 22 -17.00 10.95 18.65
N HIS G 23 -16.03 11.84 18.84
CA HIS G 23 -16.31 13.27 18.71
C HIS G 23 -15.82 14.03 17.52
N ASP G 24 -16.65 14.95 17.05
CA ASP G 24 -16.23 15.77 15.93
C ASP G 24 -15.01 16.58 16.41
N GLY G 25 -13.94 16.60 15.61
CA GLY G 25 -12.70 17.32 15.92
C GLY G 25 -11.54 16.40 16.29
N ALA G 26 -11.85 15.12 16.48
CA ALA G 26 -10.78 14.18 16.82
C ALA G 26 -9.88 14.22 15.60
N PHE G 27 -8.59 14.37 15.77
CA PHE G 27 -7.75 14.46 14.58
C PHE G 27 -6.39 13.83 14.77
N LEU G 28 -5.59 13.89 13.71
CA LEU G 28 -4.21 13.43 13.77
C LEU G 28 -3.48 14.11 12.65
N ILE G 29 -2.20 14.27 12.82
CA ILE G 29 -1.45 14.86 11.76
C ILE G 29 -0.73 13.65 11.20
N ARG G 30 -0.69 13.48 9.88
CA ARG G 30 0.00 12.36 9.29
C ARG G 30 0.92 12.95 8.25
N GLU G 31 1.94 12.20 7.83
CA GLU G 31 2.87 12.71 6.81
C GLU G 31 2.26 12.33 5.45
N SER G 32 2.25 13.22 4.48
CA SER G 32 1.52 12.86 3.27
C SER G 32 2.12 11.77 2.44
N GLU G 33 1.28 10.92 1.86
CA GLU G 33 1.82 9.87 1.00
C GLU G 33 1.80 10.41 -0.37
N SER G 34 0.74 11.12 -0.72
CA SER G 34 0.67 11.69 -2.05
C SER G 34 1.55 12.93 -2.16
N ALA G 35 1.78 13.63 -1.08
CA ALA G 35 2.58 14.82 -1.22
C ALA G 35 3.69 14.67 -0.26
N PRO G 36 4.78 14.05 -0.68
CA PRO G 36 5.99 13.78 0.10
C PRO G 36 6.51 15.02 0.67
N GLY G 37 6.76 15.02 1.96
CA GLY G 37 7.29 16.21 2.61
C GLY G 37 6.25 17.22 3.05
N ASP G 38 4.97 16.89 2.82
CA ASP G 38 3.81 17.74 3.16
C ASP G 38 3.05 17.04 4.31
N PHE G 39 2.47 17.77 5.27
CA PHE G 39 1.71 17.11 6.30
C PHE G 39 0.25 17.20 5.97
N SER G 40 -0.57 16.34 6.56
CA SER G 40 -1.97 16.39 6.24
C SER G 40 -2.63 16.27 7.54
N LEU G 41 -3.65 17.11 7.72
CA LEU G 41 -4.39 17.13 8.98
C LEU G 41 -5.68 16.40 8.78
N SER G 42 -5.95 15.39 9.55
CA SER G 42 -7.18 14.73 9.32
C SER G 42 -8.03 14.88 10.51
N VAL G 43 -9.30 15.25 10.29
CA VAL G 43 -10.21 15.47 11.40
C VAL G 43 -11.54 14.86 11.13
N LYS G 44 -12.19 14.34 12.19
CA LYS G 44 -13.54 13.73 12.06
C LYS G 44 -14.67 14.77 12.13
N PHE G 45 -15.71 14.58 11.33
CA PHE G 45 -16.81 15.52 11.44
C PHE G 45 -18.08 14.88 10.96
N GLY G 46 -18.92 14.43 11.86
CA GLY G 46 -20.14 13.81 11.36
C GLY G 46 -19.81 12.50 10.69
N ASN G 47 -20.43 12.13 9.59
CA ASN G 47 -20.10 10.84 9.01
C ASN G 47 -18.76 10.83 8.34
N ASP G 48 -18.33 11.99 7.89
CA ASP G 48 -17.06 12.04 7.20
C ASP G 48 -15.90 12.47 8.05
N VAL G 49 -14.72 12.29 7.43
CA VAL G 49 -13.41 12.69 7.96
C VAL G 49 -12.90 13.73 6.92
N GLN G 50 -12.37 14.89 7.34
CA GLN G 50 -11.91 15.85 6.36
C GLN G 50 -10.40 15.95 6.42
N HIS G 51 -9.77 16.39 5.34
CA HIS G 51 -8.35 16.44 5.39
C HIS G 51 -7.88 17.79 5.01
N PHE G 52 -6.99 18.41 5.78
CA PHE G 52 -6.55 19.70 5.27
C PHE G 52 -5.13 19.63 4.92
N LYS G 53 -4.74 20.12 3.76
CA LYS G 53 -3.30 20.05 3.45
C LYS G 53 -2.61 21.08 4.30
N VAL G 54 -1.51 20.78 4.98
CA VAL G 54 -0.88 21.83 5.76
C VAL G 54 0.05 22.63 4.87
N LEU G 55 -0.22 23.90 4.67
CA LEU G 55 0.66 24.64 3.81
C LEU G 55 1.86 25.13 4.55
N ARG G 56 2.82 25.55 3.75
CA ARG G 56 4.04 26.11 4.29
C ARG G 56 4.49 27.22 3.34
N ASP G 57 4.79 28.41 3.86
CA ASP G 57 5.17 29.53 2.99
C ASP G 57 6.62 29.55 2.65
N GLY G 58 7.08 30.63 2.06
CA GLY G 58 8.46 30.66 1.69
C GLY G 58 9.40 30.81 2.85
N ALA G 59 8.86 31.30 3.96
CA ALA G 59 9.70 31.47 5.13
C ALA G 59 9.65 30.19 5.92
N GLY G 60 8.95 29.21 5.39
CA GLY G 60 8.78 28.00 6.14
C GLY G 60 7.72 28.00 7.27
N LYS G 61 6.92 29.04 7.48
CA LYS G 61 5.90 28.93 8.54
C LYS G 61 4.81 27.94 8.05
N TYR G 62 4.07 27.32 8.93
CA TYR G 62 3.01 26.46 8.38
C TYR G 62 1.68 27.17 8.61
N PHE G 63 0.67 26.80 7.83
CA PHE G 63 -0.65 27.36 8.06
C PHE G 63 -1.63 26.61 7.25
N LEU G 64 -2.92 26.88 7.51
CA LEU G 64 -3.98 26.18 6.77
C LEU G 64 -4.65 27.10 5.88
N TRP G 65 -4.88 28.33 6.36
CA TRP G 65 -5.58 29.28 5.53
C TRP G 65 -4.82 30.54 5.47
N VAL G 66 -4.76 31.22 6.60
CA VAL G 66 -4.01 32.43 6.46
C VAL G 66 -3.09 32.74 7.61
N VAL G 67 -3.55 32.52 8.83
CA VAL G 67 -2.67 32.80 9.95
C VAL G 67 -1.50 31.84 9.89
N LYS G 68 -0.27 32.35 9.90
CA LYS G 68 0.93 31.51 9.90
C LYS G 68 1.40 31.00 11.31
N PHE G 69 2.11 29.87 11.44
CA PHE G 69 2.62 29.41 12.75
C PHE G 69 4.01 28.91 12.49
N ASN G 70 4.90 28.93 13.49
CA ASN G 70 6.22 28.36 13.22
C ASN G 70 6.33 26.92 13.67
N SER G 71 5.23 26.17 13.78
CA SER G 71 5.34 24.76 14.13
C SER G 71 4.03 24.05 14.10
N LEU G 72 4.07 22.81 13.66
CA LEU G 72 2.87 22.03 13.63
C LEU G 72 2.30 22.06 15.04
N ASN G 73 3.17 22.08 16.03
CA ASN G 73 2.70 22.08 17.36
C ASN G 73 1.77 23.29 17.59
N GLU G 74 2.26 24.44 17.23
CA GLU G 74 1.47 25.62 17.43
C GLU G 74 0.23 25.62 16.60
N LEU G 75 0.40 25.41 15.33
CA LEU G 75 -0.76 25.34 14.53
C LEU G 75 -1.80 24.37 15.17
N VAL G 76 -1.37 23.22 15.64
CA VAL G 76 -2.34 22.30 16.19
C VAL G 76 -3.04 22.87 17.38
N ASP G 77 -2.27 23.39 18.30
CA ASP G 77 -2.92 23.88 19.47
C ASP G 77 -3.87 25.00 19.17
N TYR G 78 -3.41 25.91 18.34
CA TYR G 78 -4.25 27.05 18.03
C TYR G 78 -5.63 26.67 17.60
N HIS G 79 -5.74 25.66 16.75
CA HIS G 79 -7.02 25.27 16.25
C HIS G 79 -7.75 24.46 17.19
N ARG G 80 -7.19 24.30 18.36
CA ARG G 80 -7.96 23.55 19.25
C ARG G 80 -9.08 24.51 19.65
N SER G 81 -8.89 25.79 19.41
CA SER G 81 -9.91 26.75 19.81
C SER G 81 -10.35 27.64 18.64
N THR G 82 -9.98 27.35 17.39
CA THR G 82 -10.42 28.26 16.31
C THR G 82 -10.69 27.36 15.18
N SER G 83 -11.95 27.22 14.78
CA SER G 83 -12.30 26.30 13.72
C SER G 83 -11.32 26.19 12.61
N VAL G 84 -11.15 24.95 12.27
CA VAL G 84 -10.23 24.53 11.29
C VAL G 84 -10.92 24.69 9.94
N SER G 85 -12.23 24.85 9.97
CA SER G 85 -12.94 24.95 8.74
C SER G 85 -13.59 26.26 8.72
N ARG G 86 -13.97 26.68 7.53
CA ARG G 86 -14.63 27.94 7.48
C ARG G 86 -16.12 27.85 7.31
N ASN G 87 -16.64 26.69 6.95
CA ASN G 87 -18.07 26.57 6.82
C ASN G 87 -18.49 26.14 8.16
N GLN G 88 -18.08 24.95 8.58
CA GLN G 88 -18.50 24.53 9.89
C GLN G 88 -17.51 24.91 10.98
N GLN G 89 -17.97 24.74 12.23
CA GLN G 89 -17.15 25.06 13.37
C GLN G 89 -16.59 23.77 13.86
N ILE G 90 -15.32 23.50 13.53
CA ILE G 90 -14.66 22.25 13.89
C ILE G 90 -13.42 22.57 14.71
N PHE G 91 -13.36 22.06 15.93
CA PHE G 91 -12.19 22.32 16.79
C PHE G 91 -11.38 21.08 17.06
N LEU G 92 -10.07 21.16 16.99
CA LEU G 92 -9.35 19.92 17.17
C LEU G 92 -9.47 19.42 18.56
N ARG G 93 -9.59 18.12 18.70
CA ARG G 93 -9.65 17.51 20.01
C ARG G 93 -8.91 16.21 19.84
N ASP G 94 -8.18 15.87 20.89
CA ASP G 94 -7.37 14.68 20.89
C ASP G 94 -8.17 13.44 20.74
N ILE G 95 -7.66 12.57 19.91
CA ILE G 95 -8.22 11.28 19.57
C ILE G 95 -8.33 10.40 20.80
N GLU G 96 -9.08 9.29 20.77
CA GLU G 96 -9.19 8.38 21.94
C GLU G 96 -8.66 6.93 21.79
N PRO H 1 0.48 5.68 17.17
CA PRO H 1 0.86 7.17 17.19
C PRO H 1 2.30 7.13 17.65
N HIS H 2 3.23 7.80 16.96
CA HIS H 2 4.60 7.69 17.35
C HIS H 2 4.98 8.24 18.67
N PRO H 3 5.74 7.46 19.41
CA PRO H 3 6.23 7.81 20.72
C PRO H 3 7.47 8.71 20.64
N TRP H 4 7.98 8.95 19.42
CA TRP H 4 9.19 9.80 19.38
C TRP H 4 8.92 11.21 18.97
N PHE H 5 7.66 11.54 18.72
CA PHE H 5 7.40 12.89 18.29
C PHE H 5 7.02 13.84 19.39
N PHE H 6 7.94 14.66 19.83
CA PHE H 6 7.58 15.57 20.90
C PHE H 6 7.13 16.94 20.53
N GLY H 7 6.73 17.17 19.30
CA GLY H 7 6.33 18.53 18.99
C GLY H 7 7.38 19.58 19.33
N LYS H 8 6.93 20.74 19.75
CA LYS H 8 7.87 21.81 19.94
C LYS H 8 8.39 21.99 21.31
N ILE H 9 9.47 21.33 21.70
CA ILE H 9 10.01 21.59 23.04
C ILE H 9 11.40 22.19 22.95
N PRO H 10 11.80 22.86 23.99
CA PRO H 10 13.11 23.50 24.03
C PRO H 10 14.25 22.46 24.07
N ARG H 11 15.35 22.82 23.39
CA ARG H 11 16.51 21.89 23.26
C ARG H 11 16.92 21.38 24.60
N ALA H 12 17.07 22.32 25.53
CA ALA H 12 17.44 21.90 26.85
C ALA H 12 16.51 20.89 27.49
N LYS H 13 15.18 21.01 27.28
CA LYS H 13 14.35 20.00 27.95
C LYS H 13 14.65 18.67 27.29
N ALA H 14 14.88 18.70 25.98
CA ALA H 14 15.19 17.44 25.34
C ALA H 14 16.43 16.87 26.00
N GLU H 15 17.44 17.73 26.19
CA GLU H 15 18.67 17.25 26.82
C GLU H 15 18.33 16.72 28.20
N GLU H 16 17.63 17.50 29.00
CA GLU H 16 17.30 17.07 30.35
C GLU H 16 16.62 15.73 30.35
N MET H 17 15.72 15.54 29.43
CA MET H 17 15.05 14.27 29.46
C MET H 17 15.86 13.12 29.02
N LEU H 18 16.53 13.32 27.90
CA LEU H 18 17.31 12.28 27.31
C LEU H 18 18.46 11.87 28.20
N SER H 19 19.11 12.84 28.84
CA SER H 19 20.22 12.53 29.75
C SER H 19 19.72 11.52 30.78
N LYS H 20 18.47 11.68 31.21
CA LYS H 20 17.90 10.72 32.16
C LYS H 20 17.75 9.32 31.55
N GLN H 21 17.73 9.16 30.23
CA GLN H 21 17.52 7.82 29.62
C GLN H 21 18.62 6.85 29.87
N ARG H 22 18.31 5.56 29.70
CA ARG H 22 19.36 4.57 29.94
C ARG H 22 20.18 4.12 28.78
N HIS H 23 19.61 3.99 27.59
CA HIS H 23 20.41 3.52 26.45
C HIS H 23 20.84 4.46 25.39
N ASP H 24 22.08 4.27 24.91
CA ASP H 24 22.54 5.11 23.84
C ASP H 24 21.62 4.86 22.62
N GLY H 25 21.14 5.94 21.99
CA GLY H 25 20.25 5.87 20.83
C GLY H 25 18.81 6.28 21.15
N ALA H 26 18.52 6.44 22.43
CA ALA H 26 17.17 6.84 22.81
C ALA H 26 17.03 8.21 22.16
N PHE H 27 15.96 8.49 21.47
CA PHE H 27 15.87 9.79 20.81
C PHE H 27 14.46 10.33 20.76
N LEU H 28 14.34 11.52 20.17
CA LEU H 28 13.05 12.12 19.94
C LEU H 28 13.22 13.12 18.84
N ILE H 29 12.16 13.39 18.11
CA ILE H 29 12.27 14.38 17.10
C ILE H 29 11.52 15.53 17.74
N ARG H 30 12.05 16.75 17.67
CA ARG H 30 11.38 17.90 18.24
C ARG H 30 11.34 18.93 17.16
N GLU H 31 10.45 19.91 17.26
CA GLU H 31 10.36 20.96 16.25
C GLU H 31 11.36 22.06 16.65
N SER H 32 12.15 22.60 15.74
CA SER H 32 13.18 23.50 16.21
C SER H 32 12.70 24.80 16.76
N GLU H 33 13.35 25.29 17.81
CA GLU H 33 12.96 26.59 18.35
C GLU H 33 13.81 27.60 17.69
N SER H 34 15.08 27.28 17.50
CA SER H 34 15.96 28.21 16.85
C SER H 34 15.74 28.21 15.35
N ALA H 35 15.29 27.11 14.79
CA ALA H 35 15.13 27.12 13.36
C ALA H 35 13.74 26.73 13.10
N PRO H 36 12.83 27.71 13.08
CA PRO H 36 11.40 27.55 12.86
C PRO H 36 11.14 26.84 11.62
N GLY H 37 10.34 25.79 11.69
CA GLY H 37 10.03 25.02 10.50
C GLY H 37 11.01 23.91 10.17
N ASP H 38 12.03 23.78 11.02
CA ASP H 38 13.10 22.76 10.88
C ASP H 38 12.93 21.73 12.01
N PHE H 39 13.20 20.44 11.77
CA PHE H 39 13.09 19.49 12.87
C PHE H 39 14.46 19.22 13.42
N SER H 40 14.54 18.71 14.64
CA SER H 40 15.83 18.47 15.20
C SER H 40 15.72 17.14 15.81
N LEU H 41 16.75 16.32 15.58
CA LEU H 41 16.75 14.96 16.10
C LEU H 41 17.64 14.92 17.30
N SER H 42 17.13 14.50 18.43
CA SER H 42 17.99 14.47 19.55
C SER H 42 18.17 13.08 19.99
N VAL H 43 19.42 12.69 20.22
CA VAL H 43 19.72 11.32 20.61
C VAL H 43 20.71 11.28 21.73
N LYS H 44 20.55 10.31 22.65
CA LYS H 44 21.47 10.13 23.78
C LYS H 44 22.73 9.32 23.42
N PHE H 45 23.88 9.70 23.94
CA PHE H 45 25.06 8.89 23.66
C PHE H 45 26.07 9.08 24.75
N GLY H 46 26.17 8.13 25.66
CA GLY H 46 27.17 8.34 26.69
C GLY H 46 26.75 9.48 27.60
N ASN H 47 27.64 10.35 28.05
CA ASN H 47 27.20 11.40 28.93
C ASN H 47 26.44 12.48 28.21
N ASP H 48 26.71 12.63 26.93
CA ASP H 48 26.02 13.66 26.20
C ASP H 48 24.83 13.20 25.40
N VAL H 49 24.12 14.22 24.91
CA VAL H 49 22.95 14.11 24.02
C VAL H 49 23.40 14.84 22.73
N GLN H 50 23.19 14.27 21.54
CA GLN H 50 23.61 14.96 20.34
C GLN H 50 22.40 15.42 19.56
N HIS H 51 22.56 16.44 18.72
CA HIS H 51 21.40 16.89 18.01
C HIS H 51 21.68 16.92 16.57
N PHE H 52 20.81 16.38 15.73
CA PHE H 52 21.16 16.53 14.31
C PHE H 52 20.16 17.38 13.67
N LYS H 53 20.56 18.36 12.88
CA LYS H 53 19.53 19.16 12.22
C LYS H 53 18.93 18.32 11.13
N VAL H 54 17.62 18.24 10.97
CA VAL H 54 17.10 17.43 9.89
C VAL H 54 17.07 18.27 8.62
N LEU H 55 17.83 17.92 7.61
CA LEU H 55 17.78 18.72 6.43
C LEU H 55 16.64 18.35 5.55
N ARG H 56 16.38 19.25 4.61
CA ARG H 56 15.35 19.02 3.63
C ARG H 56 15.83 19.63 2.32
N ASP H 57 15.75 18.88 1.22
CA ASP H 57 16.25 19.40 -0.06
C ASP H 57 15.25 20.21 -0.81
N GLY H 58 15.55 20.52 -2.06
CA GLY H 58 14.61 21.34 -2.78
C GLY H 58 13.37 20.60 -3.18
N ALA H 59 13.45 19.29 -3.19
CA ALA H 59 12.28 18.51 -3.57
C ALA H 59 11.49 18.25 -2.31
N GLY H 60 11.96 18.79 -1.20
CA GLY H 60 11.31 18.49 0.04
C GLY H 60 11.63 17.12 0.70
N LYS H 61 12.55 16.30 0.20
CA LYS H 61 12.83 15.05 0.93
C LYS H 61 13.59 15.41 2.23
N TYR H 62 13.56 14.60 3.26
CA TYR H 62 14.37 14.99 4.41
C TYR H 62 15.58 14.07 4.45
N PHE H 63 16.64 14.49 5.13
CA PHE H 63 17.78 13.63 5.29
C PHE H 63 18.70 14.24 6.28
N LEU H 64 19.71 13.46 6.69
CA LEU H 64 20.66 13.95 7.70
C LEU H 64 21.95 14.17 7.06
N TRP H 65 22.35 13.26 6.19
CA TRP H 65 23.65 13.41 5.56
C TRP H 65 23.50 13.30 4.10
N VAL H 66 23.15 12.11 3.63
CA VAL H 66 23.04 12.09 2.21
C VAL H 66 21.87 11.31 1.68
N VAL H 67 21.58 10.18 2.26
CA VAL H 67 20.45 9.42 1.77
C VAL H 67 19.20 10.22 2.05
N LYS H 68 18.38 10.48 1.03
CA LYS H 68 17.11 11.20 1.21
C LYS H 68 15.89 10.31 1.63
N PHE H 69 14.85 10.84 2.30
CA PHE H 69 13.66 10.04 2.66
C PHE H 69 12.48 10.94 2.41
N ASN H 70 11.29 10.39 2.12
CA ASN H 70 10.16 11.28 1.96
C ASN H 70 9.34 11.43 3.23
N SER H 71 9.92 11.19 4.41
CA SER H 71 9.17 11.40 5.65
C SER H 71 9.99 11.20 6.87
N LEU H 72 9.71 12.02 7.88
CA LEU H 72 10.43 11.87 9.11
C LEU H 72 10.24 10.42 9.55
N ASN H 73 9.07 9.88 9.26
CA ASN H 73 8.83 8.56 9.69
C ASN H 73 9.88 7.61 9.10
N GLU H 74 10.07 7.70 7.81
CA GLU H 74 11.03 6.86 7.18
C GLU H 74 12.42 7.12 7.64
N LEU H 75 12.81 8.36 7.56
CA LEU H 75 14.11 8.66 8.05
C LEU H 75 14.30 8.05 9.48
N VAL H 76 13.31 8.19 10.35
CA VAL H 76 13.52 7.68 11.69
C VAL H 76 13.72 6.19 11.69
N ASP H 77 12.85 5.50 11.01
CA ASP H 77 12.99 4.09 11.06
C ASP H 77 14.30 3.62 10.48
N TYR H 78 14.65 4.20 9.35
CA TYR H 78 15.87 3.79 8.71
C TYR H 78 17.06 3.79 9.62
N HIS H 79 17.18 4.82 10.43
CA HIS H 79 18.32 4.93 11.29
C HIS H 79 18.18 4.13 12.49
N ARG H 80 17.12 3.37 12.51
CA ARG H 80 17.04 2.58 13.67
C ARG H 80 18.10 1.49 13.42
N SER H 81 18.51 1.34 12.17
CA SER H 81 19.49 0.30 11.88
C SER H 81 20.72 0.85 11.14
N THR H 82 20.92 2.16 11.02
CA THR H 82 22.09 2.63 10.28
C THR H 82 22.53 3.83 11.03
N SER H 83 23.68 3.77 11.69
CA SER H 83 24.14 4.88 12.50
C SER H 83 23.84 6.24 11.96
N VAL H 84 23.41 7.01 12.92
CA VAL H 84 23.00 8.34 12.71
C VAL H 84 24.24 9.20 12.70
N SER H 85 25.34 8.65 13.17
CA SER H 85 26.53 9.43 13.25
C SER H 85 27.53 8.78 12.40
N ARG H 86 28.55 9.53 12.03
CA ARG H 86 29.55 8.90 11.24
C ARG H 86 30.81 8.54 11.99
N ASN H 87 30.98 9.06 13.19
CA ASN H 87 32.16 8.70 13.94
C ASN H 87 31.71 7.53 14.72
N GLN H 88 30.75 7.71 15.61
CA GLN H 88 30.33 6.57 16.37
C GLN H 88 29.15 5.85 15.74
N GLN H 89 28.87 4.66 16.28
CA GLN H 89 27.78 3.86 15.79
C GLN H 89 26.64 4.06 16.73
N ILE H 90 25.68 4.91 16.32
CA ILE H 90 24.53 5.25 17.15
C ILE H 90 23.27 4.88 16.41
N PHE H 91 22.45 4.01 17.00
CA PHE H 91 21.20 3.60 16.36
C PHE H 91 19.97 4.08 17.10
N LEU H 92 18.97 4.58 16.40
CA LEU H 92 17.87 5.11 17.18
C LEU H 92 17.14 4.03 17.87
N ARG H 93 16.71 4.31 19.09
CA ARG H 93 15.92 3.35 19.84
C ARG H 93 14.94 4.21 20.59
N ASP H 94 13.74 3.66 20.71
CA ASP H 94 12.66 4.37 21.36
C ASP H 94 12.94 4.63 22.80
N ILE H 95 12.61 5.83 23.19
CA ILE H 95 12.78 6.37 24.53
C ILE H 95 11.97 5.56 25.53
N GLU H 96 12.18 5.69 26.84
CA GLU H 96 11.41 4.94 27.87
C GLU H 96 10.54 5.75 28.85
N PRO I 1 36.06 48.18 -45.54
CA PRO I 1 36.29 47.81 -47.02
C PRO I 1 34.90 47.94 -47.59
N HIS I 2 34.72 48.66 -48.70
CA HIS I 2 33.37 48.84 -49.19
C HIS I 2 32.64 47.64 -49.67
N PRO I 3 31.40 47.54 -49.23
CA PRO I 3 30.51 46.46 -49.57
C PRO I 3 29.87 46.69 -50.95
N TRP I 4 30.11 47.84 -51.58
CA TRP I 4 29.47 48.03 -52.89
C TRP I 4 30.37 47.83 -54.05
N PHE I 5 31.62 47.48 -53.79
CA PHE I 5 32.52 47.30 -54.91
C PHE I 5 32.64 45.88 -55.40
N PHE I 6 31.97 45.56 -56.49
CA PHE I 6 32.09 44.20 -56.97
C PHE I 6 33.11 43.89 -58.00
N GLY I 7 34.09 44.75 -58.18
CA GLY I 7 35.05 44.42 -59.23
C GLY I 7 34.42 44.15 -60.58
N LYS I 8 35.00 43.24 -61.33
CA LYS I 8 34.51 43.06 -62.67
C LYS I 8 33.52 41.99 -62.89
N ILE I 9 32.24 42.26 -62.75
CA ILE I 9 31.25 41.20 -63.04
C ILE I 9 30.39 41.59 -64.22
N PRO I 10 29.82 40.60 -64.86
CA PRO I 10 28.96 40.83 -66.01
C PRO I 10 27.66 41.55 -65.64
N ARG I 11 27.21 42.42 -66.56
CA ARG I 11 26.01 43.26 -66.32
C ARG I 11 24.87 42.41 -65.87
N ALA I 12 24.64 41.35 -66.62
CA ALA I 12 23.57 40.47 -66.24
C ALA I 12 23.66 39.92 -64.83
N LYS I 13 24.87 39.58 -64.35
CA LYS I 13 24.86 39.03 -62.99
C LYS I 13 24.47 40.15 -62.05
N ALA I 14 24.92 41.37 -62.37
CA ALA I 14 24.51 42.47 -61.51
C ALA I 14 22.99 42.53 -61.51
N GLU I 15 22.40 42.44 -62.69
CA GLU I 15 20.95 42.49 -62.77
C GLU I 15 20.37 41.35 -61.95
N GLU I 16 20.85 40.14 -62.18
CA GLU I 16 20.32 38.99 -61.46
C GLU I 16 20.40 39.19 -59.99
N MET I 17 21.49 39.74 -59.52
CA MET I 17 21.56 39.88 -58.09
C MET I 17 20.70 40.95 -57.54
N LEU I 18 20.76 42.09 -58.19
CA LEU I 18 20.04 43.23 -57.72
C LEU I 18 18.55 43.01 -57.77
N SER I 19 18.07 42.36 -58.83
CA SER I 19 16.64 42.07 -58.95
C SER I 19 16.20 41.34 -57.69
N LYS I 20 17.05 40.47 -57.18
CA LYS I 20 16.73 39.76 -55.94
C LYS I 20 16.64 40.70 -54.75
N GLN I 21 17.23 41.90 -54.78
CA GLN I 21 17.21 42.80 -53.60
C GLN I 21 15.85 43.30 -53.22
N ARG I 22 15.72 43.77 -51.99
CA ARG I 22 14.42 44.26 -51.58
C ARG I 22 14.14 45.73 -51.73
N HIS I 23 15.11 46.60 -51.52
CA HIS I 23 14.83 48.03 -51.64
C HIS I 23 15.32 48.81 -52.82
N ASP I 24 14.49 49.73 -53.29
CA ASP I 24 14.92 50.56 -54.40
C ASP I 24 16.14 51.36 -53.92
N GLY I 25 17.22 51.38 -54.72
CA GLY I 25 18.46 52.08 -54.41
C GLY I 25 19.61 51.15 -54.06
N ALA I 26 19.30 49.87 -53.87
CA ALA I 26 20.36 48.92 -53.54
C ALA I 26 21.26 48.98 -54.77
N PHE I 27 22.54 49.11 -54.61
CA PHE I 27 23.39 49.21 -55.80
C PHE I 27 24.74 48.56 -55.62
N LEU I 28 25.54 48.64 -56.68
CA LEU I 28 26.90 48.17 -56.63
C LEU I 28 27.65 48.85 -57.74
N ILE I 29 28.93 49.01 -57.58
CA ILE I 29 29.67 49.60 -58.64
C ILE I 29 30.39 48.38 -59.22
N ARG I 30 30.42 48.23 -60.53
CA ARG I 30 31.10 47.11 -61.14
C ARG I 30 32.01 47.69 -62.17
N GLU I 31 33.03 46.95 -62.60
CA GLU I 31 33.96 47.46 -63.63
C GLU I 31 33.34 47.10 -64.99
N SER I 32 33.33 48.00 -65.96
CA SER I 32 32.60 47.66 -67.16
C SER I 32 33.18 46.57 -67.99
N GLU I 33 32.34 45.72 -68.57
CA GLU I 33 32.87 44.67 -69.45
C GLU I 33 32.84 45.23 -70.82
N SER I 34 31.79 45.95 -71.16
CA SER I 34 31.72 46.53 -72.49
C SER I 34 32.61 47.75 -72.59
N ALA I 35 32.85 48.45 -71.50
CA ALA I 35 33.65 49.64 -71.64
C ALA I 35 34.76 49.48 -70.68
N PRO I 36 35.85 48.84 -71.12
CA PRO I 36 37.06 48.57 -70.35
C PRO I 36 37.59 49.79 -69.77
N GLY I 37 37.84 49.79 -68.48
CA GLY I 37 38.37 50.98 -67.81
C GLY I 37 37.35 51.98 -67.36
N ASP I 38 36.07 51.67 -67.59
CA ASP I 38 34.91 52.51 -67.23
C ASP I 38 34.16 51.81 -66.09
N PHE I 39 33.59 52.54 -65.13
CA PHE I 39 32.82 51.87 -64.10
C PHE I 39 31.36 51.97 -64.42
N SER I 40 30.54 51.12 -63.84
CA SER I 40 29.15 51.17 -64.14
C SER I 40 28.48 51.05 -62.84
N LEU I 41 27.47 51.90 -62.65
CA LEU I 41 26.73 51.89 -61.39
C LEU I 41 25.44 51.18 -61.59
N SER I 42 25.16 50.16 -60.82
CA SER I 42 23.93 49.51 -61.06
C SER I 42 23.09 49.66 -59.87
N VAL I 43 21.83 50.04 -60.07
CA VAL I 43 20.92 50.25 -58.95
C VAL I 43 19.58 49.66 -59.23
N LYS I 44 18.93 49.13 -58.18
CA LYS I 44 17.58 48.54 -58.30
C LYS I 44 16.46 49.57 -58.21
N PHE I 45 15.42 49.40 -59.01
CA PHE I 45 14.31 50.34 -58.89
C PHE I 45 13.05 49.71 -59.38
N GLY I 46 12.20 49.26 -58.47
CA GLY I 46 10.98 48.66 -58.97
C GLY I 46 11.30 47.34 -59.64
N ASN I 47 10.67 46.98 -60.75
CA ASN I 47 10.98 45.70 -61.34
C ASN I 47 12.33 45.69 -62.03
N ASP I 48 12.77 46.85 -62.47
CA ASP I 48 14.02 46.90 -63.15
C ASP I 48 15.20 47.31 -62.31
N VAL I 49 16.38 47.14 -62.93
CA VAL I 49 17.69 47.52 -62.41
C VAL I 49 18.19 48.58 -63.45
N GLN I 50 18.73 49.72 -63.01
CA GLN I 50 19.19 50.69 -63.99
C GLN I 50 20.71 50.78 -63.93
N HIS I 51 21.34 51.22 -65.02
CA HIS I 51 22.75 51.27 -64.97
C HIS I 51 23.24 52.61 -65.34
N PHE I 52 24.13 53.22 -64.57
CA PHE I 52 24.57 54.52 -65.07
C PHE I 52 25.99 54.44 -65.43
N LYS I 53 26.39 54.94 -66.58
CA LYS I 53 27.82 54.87 -66.90
C LYS I 53 28.53 55.88 -66.05
N VAL I 54 29.62 55.57 -65.38
CA VAL I 54 30.26 56.61 -64.59
C VAL I 54 31.18 57.41 -65.48
N LEU I 55 30.92 58.69 -65.67
CA LEU I 55 31.80 59.43 -66.52
C LEU I 55 33.00 59.91 -65.78
N ARG I 56 33.97 60.32 -66.58
CA ARG I 56 35.19 60.88 -66.04
C ARG I 56 35.64 61.99 -66.98
N ASP I 57 35.96 63.18 -66.45
CA ASP I 57 36.34 64.30 -67.32
C ASP I 57 37.78 64.32 -67.66
N GLY I 58 38.24 65.40 -68.24
CA GLY I 58 39.64 65.43 -68.63
C GLY I 58 40.57 65.57 -67.46
N ALA I 59 40.04 66.04 -66.36
CA ALA I 59 40.89 66.20 -65.19
C ALA I 59 40.83 64.91 -64.41
N GLY I 60 40.13 63.93 -64.94
CA GLY I 60 39.95 62.72 -64.20
C GLY I 60 38.90 62.73 -63.06
N LYS I 61 38.11 63.76 -62.84
CA LYS I 61 37.08 63.65 -61.78
C LYS I 61 35.99 62.67 -62.28
N TYR I 62 35.24 62.05 -61.39
CA TYR I 62 34.18 61.20 -61.95
C TYR I 62 32.87 61.91 -61.71
N PHE I 63 31.84 61.56 -62.48
CA PHE I 63 30.53 62.12 -62.24
C PHE I 63 29.54 61.39 -63.05
N LEU I 64 28.25 61.66 -62.79
CA LEU I 64 27.19 60.96 -63.52
C LEU I 64 26.52 61.91 -64.40
N TRP I 65 26.29 63.12 -63.92
CA TRP I 65 25.59 64.08 -64.74
C TRP I 65 26.36 65.34 -64.78
N VAL I 66 26.44 66.01 -63.65
CA VAL I 66 27.19 67.22 -63.78
C VAL I 66 28.11 67.52 -62.63
N VAL I 67 27.67 67.29 -61.42
CA VAL I 67 28.55 67.56 -60.30
C VAL I 67 29.71 66.58 -60.37
N LYS I 68 30.94 67.10 -60.37
CA LYS I 68 32.14 66.25 -60.38
C LYS I 68 32.61 65.74 -58.97
N PHE I 69 33.32 64.59 -58.85
CA PHE I 69 33.83 64.12 -57.55
C PHE I 69 35.21 63.61 -57.82
N ASN I 70 36.12 63.61 -56.82
CA ASN I 70 37.42 63.05 -57.10
C ASN I 70 37.53 61.59 -56.66
N SER I 71 36.43 60.86 -56.57
CA SER I 71 36.52 59.44 -56.22
C SER I 71 35.21 58.73 -56.25
N LEU I 72 35.25 57.50 -56.70
CA LEU I 72 34.04 56.73 -56.72
C LEU I 72 33.47 56.76 -55.31
N ASN I 73 34.36 56.76 -54.34
CA ASN I 73 33.88 56.76 -53.00
C ASN I 73 32.97 57.96 -52.75
N GLU I 74 33.46 59.12 -53.10
CA GLU I 74 32.68 60.30 -52.90
C GLU I 74 31.44 60.31 -53.72
N LEU I 75 31.61 60.11 -54.99
CA LEU I 75 30.44 60.06 -55.79
C LEU I 75 29.38 59.09 -55.15
N VAL I 76 29.82 57.92 -54.68
CA VAL I 76 28.84 57.01 -54.15
C VAL I 76 28.15 57.57 -52.94
N ASP I 77 28.92 58.07 -52.02
CA ASP I 77 28.29 58.56 -50.85
C ASP I 77 27.34 59.69 -51.14
N TYR I 78 27.80 60.61 -51.96
CA TYR I 78 26.97 61.74 -52.27
C TYR I 78 25.58 61.39 -52.69
N HIS I 79 25.46 60.38 -53.54
CA HIS I 79 24.18 60.00 -54.04
C HIS I 79 23.45 59.18 -53.11
N ARG I 80 24.01 59.02 -51.95
CA ARG I 80 23.25 58.26 -51.06
C ARG I 80 22.13 59.23 -50.64
N SER I 81 22.33 60.51 -50.87
CA SER I 81 21.32 61.47 -50.46
C SER I 81 20.87 62.38 -51.62
N THR I 82 21.23 62.10 -52.87
CA THR I 82 20.80 63.01 -53.94
C THR I 82 20.51 62.12 -55.09
N SER I 83 19.25 61.99 -55.47
CA SER I 83 18.89 61.07 -56.53
C SER I 83 19.87 60.98 -57.66
N VAL I 84 20.03 59.73 -58.00
CA VAL I 84 20.95 59.32 -59.00
C VAL I 84 20.25 59.49 -60.34
N SER I 85 18.95 59.66 -60.29
CA SER I 85 18.22 59.77 -61.52
C SER I 85 17.59 61.08 -61.54
N ARG I 86 17.20 61.52 -62.72
CA ARG I 86 16.55 62.78 -62.75
C ARG I 86 15.05 62.70 -62.93
N ASN I 87 14.54 61.55 -63.29
CA ASN I 87 13.10 61.44 -63.42
C ASN I 87 12.68 61.00 -62.07
N GLN I 88 13.09 59.81 -61.66
CA GLN I 88 12.68 59.38 -60.36
C GLN I 88 13.67 59.73 -59.27
N GLN I 89 13.22 59.57 -58.02
CA GLN I 89 14.04 59.87 -56.88
C GLN I 89 14.59 58.56 -56.40
N ILE I 90 15.85 58.29 -56.75
CA ILE I 90 16.51 57.04 -56.39
C ILE I 90 17.76 57.35 -55.58
N PHE I 91 17.83 56.83 -54.35
CA PHE I 91 19.00 57.08 -53.51
C PHE I 91 19.80 55.83 -53.25
N LEU I 92 21.11 55.92 -53.32
CA LEU I 92 21.82 54.65 -53.15
C LEU I 92 21.71 54.15 -51.77
N ARG I 93 21.58 52.84 -51.64
CA ARG I 93 21.54 52.23 -50.33
C ARG I 93 22.25 50.93 -50.52
N ASP I 94 22.99 50.57 -49.46
CA ASP I 94 23.80 49.38 -49.49
C ASP I 94 22.98 48.15 -49.64
N ILE I 95 23.49 47.28 -50.49
CA ILE I 95 22.91 46.00 -50.84
C ILE I 95 22.81 45.10 -49.61
N GLU I 96 22.06 43.99 -49.63
CA GLU I 96 21.95 43.08 -48.47
C GLU I 96 22.47 41.63 -48.65
N PRO J 1 31.89 40.38 -52.97
CA PRO J 1 32.27 41.88 -52.99
C PRO J 1 33.72 41.84 -52.58
N HIS J 2 34.63 42.49 -53.31
CA HIS J 2 36.02 42.39 -52.94
C HIS J 2 36.43 42.97 -51.65
N PRO J 3 37.21 42.19 -50.91
CA PRO J 3 37.74 42.57 -49.62
C PRO J 3 38.98 43.45 -49.77
N TRP J 4 39.45 43.69 -50.99
CA TRP J 4 40.66 44.53 -51.09
C TRP J 4 40.38 45.94 -51.52
N PHE J 5 39.12 46.27 -51.74
CA PHE J 5 38.84 47.61 -52.19
C PHE J 5 38.49 48.58 -51.08
N PHE J 6 39.43 49.40 -50.69
CA PHE J 6 39.10 50.33 -49.62
C PHE J 6 38.64 51.69 -50.00
N GLY J 7 38.20 51.89 -51.22
CA GLY J 7 37.79 53.25 -51.55
C GLY J 7 38.85 54.32 -51.26
N LYS J 8 38.42 55.48 -50.86
CA LYS J 8 39.37 56.55 -50.70
C LYS J 8 39.91 56.76 -49.35
N ILE J 9 41.00 56.10 -48.98
CA ILE J 9 41.59 56.38 -47.65
C ILE J 9 42.98 56.97 -47.81
N PRO J 10 43.40 57.67 -46.79
CA PRO J 10 44.71 58.30 -46.79
C PRO J 10 45.86 57.27 -46.77
N ARG J 11 46.94 57.61 -47.49
CA ARG J 11 48.10 56.69 -47.63
C ARG J 11 48.55 56.20 -46.29
N ALA J 12 48.71 57.15 -45.39
CA ALA J 12 49.13 56.75 -44.07
C ALA J 12 48.21 55.76 -43.39
N LYS J 13 46.89 55.87 -43.56
CA LYS J 13 46.07 54.88 -42.85
C LYS J 13 46.35 53.54 -43.48
N ALA J 14 46.54 53.54 -44.81
CA ALA J 14 46.83 52.26 -45.44
C ALA J 14 48.10 51.71 -44.80
N GLU J 15 49.11 52.57 -44.66
CA GLU J 15 50.35 52.10 -44.05
C GLU J 15 50.06 51.60 -42.65
N GLU J 16 49.37 52.39 -41.85
CA GLU J 16 49.08 51.98 -40.49
C GLU J 16 48.41 50.65 -40.44
N MET J 17 47.47 50.44 -41.33
CA MET J 17 46.81 49.17 -41.25
C MET J 17 47.61 48.01 -41.70
N LEU J 18 48.24 48.20 -42.83
CA LEU J 18 49.00 47.15 -43.43
C LEU J 18 50.17 46.75 -42.56
N SER J 19 50.85 47.73 -41.96
CA SER J 19 51.98 47.44 -41.08
C SER J 19 51.51 46.45 -40.01
N LYS J 20 50.28 46.60 -39.56
CA LYS J 20 49.74 45.67 -38.58
C LYS J 20 49.56 44.26 -39.16
N GLN J 21 49.50 44.08 -40.48
CA GLN J 21 49.27 42.73 -41.05
C GLN J 21 50.38 41.76 -40.81
N ARG J 22 50.07 40.47 -40.96
CA ARG J 22 51.12 39.49 -40.72
C ARG J 22 51.91 39.01 -41.90
N HIS J 23 51.31 38.86 -43.07
CA HIS J 23 52.08 38.36 -44.22
C HIS J 23 52.48 39.29 -45.32
N ASP J 24 53.69 39.09 -45.83
CA ASP J 24 54.14 39.92 -46.93
C ASP J 24 53.18 39.64 -48.11
N GLY J 25 52.67 40.71 -48.75
CA GLY J 25 51.76 40.62 -49.88
C GLY J 25 50.33 41.04 -49.53
N ALA J 26 50.07 41.21 -48.23
CA ALA J 26 48.73 41.63 -47.83
C ALA J 26 48.58 42.99 -48.50
N PHE J 27 47.49 43.25 -49.18
CA PHE J 27 47.38 44.54 -49.85
C PHE J 27 45.97 45.08 -49.88
N LEU J 28 45.83 46.26 -50.47
CA LEU J 28 44.53 46.86 -50.67
C LEU J 28 44.67 47.83 -51.80
N ILE J 29 43.60 48.09 -52.50
CA ILE J 29 43.68 49.06 -53.53
C ILE J 29 42.95 50.24 -52.89
N ARG J 30 43.48 51.45 -52.99
CA ARG J 30 42.82 52.61 -52.43
C ARG J 30 42.75 53.62 -53.54
N GLU J 31 41.86 54.60 -53.42
CA GLU J 31 41.75 55.63 -54.46
C GLU J 31 42.77 56.74 -54.09
N SER J 32 43.52 57.26 -55.04
CA SER J 32 44.56 58.18 -54.61
C SER J 32 44.10 59.48 -54.07
N GLU J 33 44.78 59.99 -53.05
CA GLU J 33 44.40 61.30 -52.52
C GLU J 33 45.24 62.29 -53.23
N SER J 34 46.50 61.97 -53.43
CA SER J 34 47.37 62.89 -54.13
C SER J 34 47.10 62.87 -55.63
N ALA J 35 46.64 61.76 -56.15
CA ALA J 35 46.44 61.74 -57.59
C ALA J 35 45.04 61.35 -57.80
N PRO J 36 44.13 62.32 -57.80
CA PRO J 36 42.68 62.16 -57.98
C PRO J 36 42.39 61.42 -59.20
N GLY J 37 41.60 60.38 -59.09
CA GLY J 37 41.26 59.58 -60.26
C GLY J 37 42.23 58.48 -60.59
N ASP J 38 43.27 58.35 -59.77
CA ASP J 38 44.34 57.34 -59.93
C ASP J 38 44.20 56.33 -58.76
N PHE J 39 44.46 55.03 -58.98
CA PHE J 39 44.38 54.11 -57.89
C PHE J 39 45.77 53.84 -57.36
N SER J 40 45.88 53.35 -56.13
CA SER J 40 47.19 53.12 -55.60
C SER J 40 47.08 51.80 -54.96
N LEU J 41 48.11 50.98 -55.22
CA LEU J 41 48.13 49.63 -54.67
C LEU J 41 49.05 49.61 -53.49
N SER J 42 48.57 49.20 -52.34
CA SER J 42 49.48 49.20 -51.26
C SER J 42 49.66 47.82 -50.80
N VAL J 43 50.93 47.43 -50.59
CA VAL J 43 51.23 46.07 -50.18
C VAL J 43 52.25 46.05 -49.09
N LYS J 44 52.11 45.09 -48.15
CA LYS J 44 53.06 44.94 -47.05
C LYS J 44 54.31 44.11 -47.42
N PHE J 45 55.47 44.50 -46.94
CA PHE J 45 56.64 43.69 -47.24
C PHE J 45 57.69 43.88 -46.18
N GLY J 46 57.82 42.97 -45.26
CA GLY J 46 58.84 43.19 -44.26
C GLY J 46 58.45 44.34 -43.37
N ASN J 47 59.36 45.22 -42.96
CA ASN J 47 58.94 46.30 -42.08
C ASN J 47 58.15 47.35 -42.80
N ASP J 48 58.39 47.49 -44.08
CA ASP J 48 57.69 48.50 -44.82
C ASP J 48 56.47 48.02 -45.58
N VAL J 49 55.74 49.03 -46.07
CA VAL J 49 54.56 48.91 -46.91
C VAL J 49 54.96 49.61 -48.23
N GLN J 50 54.72 49.03 -49.40
CA GLN J 50 55.11 49.70 -50.63
C GLN J 50 53.88 50.15 -51.39
N HIS J 51 54.01 51.15 -52.24
CA HIS J 51 52.83 51.59 -52.92
C HIS J 51 53.06 51.59 -54.38
N PHE J 52 52.19 51.03 -55.19
CA PHE J 52 52.49 51.16 -56.61
C PHE J 52 51.47 52.00 -57.24
N LYS J 53 51.85 52.96 -58.06
CA LYS J 53 50.79 53.76 -58.70
C LYS J 53 50.16 52.90 -59.76
N VAL J 54 48.85 52.81 -59.88
CA VAL J 54 48.31 51.99 -60.94
C VAL J 54 48.24 52.80 -62.21
N LEU J 55 48.97 52.43 -63.24
CA LEU J 55 48.88 53.22 -64.43
C LEU J 55 47.72 52.82 -65.28
N ARG J 56 47.44 53.70 -66.21
CA ARG J 56 46.38 53.47 -67.16
C ARG J 56 46.82 54.06 -68.50
N ASP J 57 46.71 53.30 -69.59
CA ASP J 57 47.17 53.78 -70.89
C ASP J 57 46.16 54.58 -71.62
N GLY J 58 46.41 54.86 -72.88
CA GLY J 58 45.46 55.67 -73.59
C GLY J 58 44.20 54.93 -73.95
N ALA J 59 44.29 53.62 -73.94
CA ALA J 59 43.10 52.83 -74.26
C ALA J 59 42.34 52.60 -72.98
N GLY J 60 42.85 53.16 -71.90
CA GLY J 60 42.24 52.88 -70.63
C GLY J 60 42.57 51.52 -69.96
N LYS J 61 43.48 50.69 -70.46
CA LYS J 61 43.78 49.45 -69.72
C LYS J 61 44.58 49.84 -68.46
N TYR J 62 44.58 49.03 -67.41
CA TYR J 62 45.42 49.45 -66.29
C TYR J 62 46.63 48.53 -66.27
N PHE J 63 47.71 48.97 -65.64
CA PHE J 63 48.86 48.11 -65.48
C PHE J 63 49.80 48.73 -64.52
N LEU J 64 50.82 47.96 -64.13
CA LEU J 64 51.81 48.47 -63.16
C LEU J 64 53.07 48.68 -63.83
N TRP J 65 53.44 47.75 -64.71
CA TRP J 65 54.72 47.88 -65.37
C TRP J 65 54.54 47.74 -66.83
N VAL J 66 54.17 46.55 -67.26
CA VAL J 66 54.02 46.51 -68.69
C VAL J 66 52.84 45.73 -69.16
N VAL J 67 52.57 44.59 -68.56
CA VAL J 67 51.42 43.83 -69.00
C VAL J 67 50.16 44.63 -68.69
N LYS J 68 49.33 44.88 -69.69
CA LYS J 68 48.06 45.61 -69.50
C LYS J 68 46.85 44.72 -69.03
N PHE J 69 45.84 45.27 -68.34
CA PHE J 69 44.66 44.47 -67.93
C PHE J 69 43.47 45.37 -68.16
N ASN J 70 42.27 44.81 -68.41
CA ASN J 70 41.14 45.71 -68.55
C ASN J 70 40.36 45.87 -67.26
N SER J 71 40.97 45.66 -66.09
CA SER J 71 40.25 45.90 -64.84
C SER J 71 41.10 45.72 -63.63
N LEU J 72 40.86 46.55 -62.64
CA LEU J 72 41.61 46.43 -61.42
C LEU J 72 41.43 44.98 -60.95
N ASN J 73 40.26 44.44 -61.19
CA ASN J 73 40.02 43.12 -60.74
C ASN J 73 41.06 42.16 -61.34
N GLU J 74 41.22 42.24 -62.64
CA GLU J 74 42.15 41.36 -63.28
C GLU J 74 43.56 41.65 -62.86
N LEU J 75 43.95 42.88 -62.98
CA LEU J 75 45.25 43.19 -62.54
C LEU J 75 45.49 42.60 -61.11
N VAL J 76 44.52 42.76 -60.20
CA VAL J 76 44.77 42.27 -58.86
C VAL J 76 44.97 40.79 -58.84
N ASP J 77 44.08 40.07 -59.47
CA ASP J 77 44.22 38.67 -59.41
C ASP J 77 45.51 38.20 -60.02
N TYR J 78 45.83 38.76 -61.16
CA TYR J 78 47.03 38.32 -61.84
C TYR J 78 48.25 38.34 -60.96
N HIS J 79 48.40 39.40 -60.17
CA HIS J 79 49.56 39.51 -59.35
C HIS J 79 49.44 38.74 -58.14
N ARG J 80 48.39 37.98 -58.05
CA ARG J 80 48.35 37.20 -56.89
C ARG J 80 49.40 36.12 -57.16
N SER J 81 49.78 35.94 -58.41
CA SER J 81 50.74 34.90 -58.71
C SER J 81 51.94 35.43 -59.50
N THR J 82 52.14 36.74 -59.63
CA THR J 82 53.29 37.19 -60.42
C THR J 82 53.76 38.41 -59.70
N SER J 83 54.93 38.35 -59.08
CA SER J 83 55.41 39.48 -58.30
C SER J 83 55.09 40.82 -58.85
N VAL J 84 54.70 41.61 -57.89
CA VAL J 84 54.27 42.94 -58.12
C VAL J 84 55.52 43.81 -58.18
N SER J 85 56.63 43.26 -57.72
CA SER J 85 57.82 44.04 -57.70
C SER J 85 58.79 43.37 -58.57
N ARG J 86 59.80 44.11 -58.97
CA ARG J 86 60.78 43.47 -59.79
C ARG J 86 62.06 43.13 -59.06
N ASN J 87 62.27 43.66 -57.88
CA ASN J 87 63.47 43.32 -57.16
C ASN J 87 63.04 42.15 -56.35
N GLN J 88 62.11 42.36 -55.42
CA GLN J 88 61.71 41.23 -54.64
C GLN J 88 60.51 40.50 -55.22
N GLN J 89 60.24 39.32 -54.65
CA GLN J 89 59.14 38.51 -55.10
C GLN J 89 58.02 38.74 -54.13
N ILE J 90 57.07 39.57 -54.52
CA ILE J 90 55.93 39.92 -53.67
C ILE J 90 54.64 39.55 -54.36
N PHE J 91 53.85 38.69 -53.74
CA PHE J 91 52.58 38.28 -54.33
C PHE J 91 51.37 38.77 -53.57
N LEU J 92 50.36 39.25 -54.24
CA LEU J 92 49.28 39.80 -53.45
C LEU J 92 48.57 38.73 -52.71
N ARG J 93 48.17 39.03 -51.49
CA ARG J 93 47.40 38.09 -50.70
C ARG J 93 46.45 38.96 -49.94
N ASP J 94 45.24 38.42 -49.79
CA ASP J 94 44.18 39.14 -49.11
C ASP J 94 44.51 39.42 -47.68
N ILE J 95 44.19 40.63 -47.30
CA ILE J 95 44.39 41.18 -45.98
C ILE J 95 43.61 40.40 -44.94
N GLU J 96 43.87 40.55 -43.64
CA GLU J 96 43.11 39.82 -42.59
C GLU J 96 42.27 40.66 -41.59
N PRO K 1 -11.79 -25.42 6.20
CA PRO K 1 -11.87 -24.51 4.97
C PRO K 1 -10.44 -24.49 4.50
N HIS K 2 -10.17 -24.75 3.22
CA HIS K 2 -8.79 -24.81 2.79
C HIS K 2 -8.00 -23.56 2.86
N PRO K 3 -6.80 -23.69 3.40
CA PRO K 3 -5.87 -22.61 3.57
C PRO K 3 -5.11 -22.33 2.26
N TRP K 4 -5.32 -23.15 1.22
CA TRP K 4 -4.55 -22.88 0.00
C TRP K 4 -5.35 -22.20 -1.07
N PHE K 5 -6.60 -21.90 -0.79
CA PHE K 5 -7.40 -21.27 -1.83
C PHE K 5 -7.43 -19.77 -1.75
N PHE K 6 -6.68 -19.10 -2.57
CA PHE K 6 -6.72 -17.65 -2.50
C PHE K 6 -7.64 -16.93 -3.42
N GLY K 7 -8.62 -17.60 -3.99
CA GLY K 7 -9.47 -16.86 -4.92
C GLY K 7 -8.71 -16.12 -6.02
N LYS K 8 -9.20 -14.97 -6.40
CA LYS K 8 -8.59 -14.32 -7.53
C LYS K 8 -7.57 -13.30 -7.24
N ILE K 9 -6.30 -13.67 -7.13
CA ILE K 9 -5.28 -12.63 -6.92
C ILE K 9 -4.32 -12.59 -8.08
N PRO K 10 -3.67 -11.48 -8.24
CA PRO K 10 -2.72 -11.29 -9.33
C PRO K 10 -1.47 -12.16 -9.16
N ARG K 11 -0.96 -12.65 -10.30
CA ARG K 11 0.21 -13.58 -10.31
C ARG K 11 1.32 -13.02 -9.49
N ALA K 12 1.62 -11.77 -9.76
CA ALA K 12 2.68 -11.16 -8.99
C ALA K 12 2.46 -11.16 -7.49
N LYS K 13 1.22 -10.97 -7.02
CA LYS K 13 1.11 -10.99 -5.55
C LYS K 13 1.41 -12.39 -5.08
N ALA K 14 0.98 -13.37 -5.87
CA ALA K 14 1.27 -14.74 -5.46
C ALA K 14 2.77 -14.88 -5.37
N GLU K 15 3.47 -14.37 -6.37
CA GLU K 15 4.94 -14.47 -6.34
C GLU K 15 5.46 -13.75 -5.12
N GLU K 16 5.03 -12.51 -4.92
CA GLU K 16 5.50 -11.76 -3.77
C GLU K 16 5.29 -12.49 -2.50
N MET K 17 4.15 -13.11 -2.35
CA MET K 17 3.95 -13.78 -1.10
C MET K 17 4.73 -15.01 -0.93
N LEU K 18 4.70 -15.83 -1.97
CA LEU K 18 5.36 -17.09 -1.91
C LEU K 18 6.86 -16.95 -1.75
N SER K 19 7.44 -15.98 -2.45
CA SER K 19 8.88 -15.74 -2.35
C SER K 19 9.22 -15.55 -0.87
N LYS K 20 8.34 -14.90 -0.13
CA LYS K 20 8.57 -14.73 1.30
C LYS K 20 8.52 -16.05 2.06
N GLN K 21 7.92 -17.12 1.52
CA GLN K 21 7.82 -18.38 2.28
C GLN K 21 9.12 -19.06 2.54
N ARG K 22 9.14 -19.97 3.51
CA ARG K 22 10.38 -20.65 3.80
C ARG K 22 10.65 -21.96 3.13
N HIS K 23 9.64 -22.80 2.92
CA HIS K 23 9.90 -24.09 2.28
C HIS K 23 9.51 -24.35 0.86
N ASP K 24 10.37 -25.06 0.14
CA ASP K 24 10.02 -25.39 -1.22
C ASP K 24 8.75 -26.25 -1.18
N GLY K 25 7.75 -25.90 -2.02
CA GLY K 25 6.47 -26.62 -2.09
C GLY K 25 5.31 -25.83 -1.49
N ALA K 26 5.63 -24.72 -0.82
CA ALA K 26 4.57 -23.92 -0.24
C ALA K 26 3.78 -23.46 -1.47
N PHE K 27 2.47 -23.57 -1.46
CA PHE K 27 1.74 -23.18 -2.66
C PHE K 27 0.39 -22.58 -2.35
N LEU K 28 -0.31 -22.20 -3.42
CA LEU K 28 -1.67 -21.72 -3.31
C LEU K 28 -2.31 -21.89 -4.65
N ILE K 29 -3.61 -22.03 -4.66
CA ILE K 29 -4.27 -22.15 -5.92
C ILE K 29 -4.90 -20.76 -6.04
N ARG K 30 -4.81 -20.12 -7.20
CA ARG K 30 -5.41 -18.83 -7.38
C ARG K 30 -6.24 -18.93 -8.63
N GLU K 31 -7.19 -18.03 -8.83
CA GLU K 31 -8.03 -18.06 -10.04
C GLU K 31 -7.29 -17.25 -11.11
N SER K 32 -7.20 -17.72 -12.34
CA SER K 32 -6.36 -16.98 -13.27
C SER K 32 -6.85 -15.64 -13.67
N GLU K 33 -5.94 -14.68 -13.82
CA GLU K 33 -6.36 -13.35 -14.26
C GLU K 33 -6.23 -13.35 -15.74
N SER K 34 -5.16 -13.94 -16.24
CA SER K 34 -4.98 -13.99 -17.67
C SER K 34 -5.88 -15.04 -18.30
N ALA K 35 -6.23 -16.08 -17.59
CA ALA K 35 -7.04 -17.08 -18.22
C ALA K 35 -8.23 -17.24 -17.37
N PRO K 36 -9.26 -16.43 -17.61
CA PRO K 36 -10.53 -16.41 -16.89
C PRO K 36 -11.14 -17.73 -16.87
N GLY K 37 -11.51 -18.20 -15.69
CA GLY K 37 -12.12 -19.51 -15.58
C GLY K 37 -11.15 -20.67 -15.45
N ASP K 38 -9.85 -20.35 -15.46
CA ASP K 38 -8.75 -21.33 -15.36
C ASP K 38 -8.08 -21.16 -13.97
N PHE K 39 -7.62 -22.22 -13.31
CA PHE K 39 -6.95 -22.03 -12.05
C PHE K 39 -5.46 -22.07 -12.28
N SER K 40 -4.68 -21.54 -11.34
CA SER K 40 -3.27 -21.55 -11.55
C SER K 40 -2.72 -21.96 -10.25
N LEU K 41 -1.75 -22.87 -10.31
CA LEU K 41 -1.13 -23.38 -9.09
C LEU K 41 0.20 -22.72 -8.91
N SER K 42 0.41 -22.08 -7.80
CA SER K 42 1.68 -21.44 -7.67
C SER K 42 2.41 -22.08 -6.56
N VAL K 43 3.67 -22.42 -6.80
CA VAL K 43 4.47 -23.08 -5.78
C VAL K 43 5.84 -22.50 -5.70
N LYS K 44 6.40 -22.44 -4.47
CA LYS K 44 7.76 -21.92 -4.26
C LYS K 44 8.86 -22.96 -4.49
N PHE K 45 9.96 -22.56 -5.08
CA PHE K 45 11.04 -23.52 -5.24
C PHE K 45 12.36 -22.83 -5.35
N GLY K 46 13.13 -22.80 -4.28
CA GLY K 46 14.39 -22.11 -4.42
C GLY K 46 14.17 -20.63 -4.56
N ASN K 47 14.90 -19.91 -5.40
CA ASN K 47 14.66 -18.49 -5.49
C ASN K 47 13.39 -18.15 -6.22
N ASP K 48 12.97 -19.04 -7.10
CA ASP K 48 11.78 -18.76 -7.85
C ASP K 48 10.52 -19.40 -7.31
N VAL K 49 9.41 -18.94 -7.91
CA VAL K 49 8.05 -19.43 -7.68
C VAL K 49 7.62 -19.98 -9.07
N GLN K 50 7.03 -21.18 -9.15
CA GLN K 50 6.64 -21.68 -10.45
C GLN K 50 5.12 -21.71 -10.55
N HIS K 51 4.59 -21.67 -11.77
CA HIS K 51 3.16 -21.66 -11.86
C HIS K 51 2.70 -22.75 -12.73
N PHE K 52 1.73 -23.54 -12.33
CA PHE K 52 1.31 -24.55 -13.31
C PHE K 52 -0.06 -24.26 -13.73
N LYS K 53 -0.36 -24.27 -15.01
CA LYS K 53 -1.76 -24.00 -15.38
C LYS K 53 -2.56 -25.23 -15.03
N VAL K 54 -3.70 -25.13 -14.39
CA VAL K 54 -4.43 -26.36 -14.10
C VAL K 54 -5.29 -26.73 -15.30
N LEU K 55 -5.04 -27.85 -15.94
CA LEU K 55 -5.84 -28.16 -17.08
C LEU K 55 -7.12 -28.82 -16.68
N ARG K 56 -8.02 -28.86 -17.64
CA ARG K 56 -9.30 -29.51 -17.45
C ARG K 56 -9.68 -30.16 -18.78
N ASP K 57 -10.06 -31.44 -18.76
CA ASP K 57 -10.39 -32.14 -20.00
C ASP K 57 -11.79 -31.95 -20.44
N GLY K 58 -12.22 -32.71 -21.43
CA GLY K 58 -13.57 -32.51 -21.90
C GLY K 58 -14.60 -33.04 -20.96
N ALA K 59 -14.19 -33.92 -20.07
CA ALA K 59 -15.14 -34.46 -19.11
C ALA K 59 -15.14 -33.56 -17.90
N GLY K 60 -14.36 -32.50 -17.97
CA GLY K 60 -14.24 -31.65 -16.81
C GLY K 60 -13.30 -32.14 -15.70
N LYS K 61 -12.55 -33.23 -15.82
CA LYS K 61 -11.62 -33.58 -14.71
C LYS K 61 -10.46 -32.54 -14.71
N TYR K 62 -9.78 -32.33 -13.61
CA TYR K 62 -8.66 -31.39 -13.71
C TYR K 62 -7.39 -32.22 -13.66
N PHE K 63 -6.30 -31.66 -14.16
CA PHE K 63 -5.03 -32.33 -14.05
C PHE K 63 -3.94 -31.39 -14.44
N LEU K 64 -2.70 -31.81 -14.20
CA LEU K 64 -1.56 -30.94 -14.54
C LEU K 64 -0.83 -31.52 -15.66
N TRP K 65 -0.67 -32.85 -15.65
CA TRP K 65 0.09 -33.46 -16.72
C TRP K 65 -0.70 -34.57 -17.30
N VAL K 66 -0.89 -35.62 -16.51
CA VAL K 66 -1.65 -36.63 -17.15
C VAL K 66 -2.68 -37.30 -16.27
N VAL K 67 -2.34 -37.57 -15.04
CA VAL K 67 -3.32 -38.20 -14.18
C VAL K 67 -4.46 -37.20 -13.96
N LYS K 68 -5.69 -37.61 -14.24
CA LYS K 68 -6.87 -36.76 -14.03
C LYS K 68 -7.45 -36.79 -12.57
N PHE K 69 -8.15 -35.75 -12.08
CA PHE K 69 -8.77 -35.78 -10.74
C PHE K 69 -10.11 -35.12 -10.90
N ASN K 70 -11.10 -35.46 -10.05
CA ASN K 70 -12.37 -34.76 -10.19
C ASN K 70 -12.49 -33.58 -9.26
N SER K 71 -11.38 -32.99 -8.80
CA SER K 71 -11.49 -31.81 -7.94
C SER K 71 -10.17 -31.20 -7.60
N LEU K 72 -10.15 -29.89 -7.56
CA LEU K 72 -8.92 -29.23 -7.19
C LEU K 72 -8.48 -29.83 -5.86
N ASN K 73 -9.45 -30.15 -5.02
CA ASN K 73 -9.10 -30.66 -3.76
C ASN K 73 -8.24 -31.92 -3.92
N GLU K 74 -8.72 -32.83 -4.72
CA GLU K 74 -7.98 -34.05 -4.91
C GLU K 74 -6.67 -33.81 -5.59
N LEU K 75 -6.71 -33.13 -6.69
CA LEU K 75 -5.48 -32.85 -7.31
C LEU K 75 -4.48 -32.25 -6.27
N VAL K 76 -4.92 -31.32 -5.43
CA VAL K 76 -3.98 -30.72 -4.51
C VAL K 76 -3.41 -31.74 -3.56
N ASP K 77 -4.28 -32.51 -2.97
CA ASP K 77 -3.76 -33.43 -2.03
C ASP K 77 -2.82 -34.42 -2.65
N TYR K 78 -3.22 -34.93 -3.79
CA TYR K 78 -2.38 -35.91 -4.43
C TYR K 78 -0.95 -35.50 -4.58
N HIS K 79 -0.74 -34.25 -4.97
CA HIS K 79 0.60 -33.78 -5.20
C HIS K 79 1.25 -33.41 -3.97
N ARG K 80 0.58 -33.67 -2.88
CA ARG K 80 1.28 -33.35 -1.71
C ARG K 80 2.34 -34.45 -1.61
N SER K 81 2.14 -35.53 -2.33
CA SER K 81 3.09 -36.62 -2.23
C SER K 81 3.62 -37.05 -3.61
N THR K 82 3.39 -36.31 -4.69
CA THR K 82 3.90 -36.78 -5.98
C THR K 82 4.30 -35.53 -6.68
N SER K 83 5.59 -35.33 -6.89
CA SER K 83 6.06 -34.11 -7.49
C SER K 83 5.19 -33.55 -8.57
N VAL K 84 5.09 -32.25 -8.43
CA VAL K 84 4.28 -31.45 -9.25
C VAL K 84 5.09 -31.14 -10.50
N SER K 85 6.38 -31.37 -10.42
CA SER K 85 7.21 -31.06 -11.55
C SER K 85 7.82 -32.31 -12.00
N ARG K 86 8.30 -32.28 -13.24
CA ARG K 86 8.93 -33.48 -13.69
C ARG K 86 10.44 -33.41 -13.70
N ASN K 87 11.02 -32.23 -13.57
CA ASN K 87 12.45 -32.16 -13.52
C ASN K 87 12.76 -32.27 -12.09
N GLN K 88 12.33 -31.31 -11.29
CA GLN K 88 12.64 -31.42 -9.90
C GLN K 88 11.54 -32.12 -9.10
N GLN K 89 11.88 -32.45 -7.86
CA GLN K 89 10.95 -33.12 -6.99
C GLN K 89 10.38 -32.06 -6.09
N ILE K 90 9.16 -31.61 -6.40
CA ILE K 90 8.50 -30.56 -5.65
C ILE K 90 7.18 -31.08 -5.11
N PHE K 91 7.01 -31.05 -3.80
CA PHE K 91 5.77 -31.54 -3.19
C PHE K 91 4.96 -30.45 -2.54
N LEU K 92 3.65 -30.42 -2.74
CA LEU K 92 2.96 -29.29 -2.17
C LEU K 92 2.96 -29.34 -0.70
N ARG K 93 3.10 -28.20 -0.07
CA ARG K 93 3.04 -28.12 1.38
C ARG K 93 2.35 -26.81 1.65
N ASP K 94 1.54 -26.84 2.69
CA ASP K 94 0.75 -25.68 3.06
C ASP K 94 1.60 -24.52 3.45
N ILE K 95 1.19 -23.39 2.96
CA ILE K 95 1.82 -22.09 3.18
C ILE K 95 1.83 -21.74 4.65
N GLU K 96 2.60 -20.73 5.10
CA GLU K 96 2.63 -20.33 6.52
C GLU K 96 2.15 -18.90 6.87
N PRO L 1 -6.02 -15.57 1.99
CA PRO L 1 -6.47 -16.93 1.45
C PRO L 1 -7.93 -16.97 1.86
N HIS L 2 -8.86 -17.27 0.96
CA HIS L 2 -10.24 -17.23 1.34
C HIS L 2 -10.71 -18.20 2.35
N PRO L 3 -11.45 -17.69 3.31
CA PRO L 3 -12.01 -18.46 4.40
C PRO L 3 -13.29 -19.18 3.96
N TRP L 4 -13.77 -18.93 2.73
CA TRP L 4 -15.02 -19.61 2.35
C TRP L 4 -14.82 -20.79 1.45
N PHE L 5 -13.58 -21.09 1.12
CA PHE L 5 -13.36 -22.20 0.23
C PHE L 5 -13.09 -23.52 0.92
N PHE L 6 -14.07 -24.38 1.00
CA PHE L 6 -13.81 -25.64 1.67
C PHE L 6 -13.42 -26.80 0.83
N GLY L 7 -12.97 -26.59 -0.39
CA GLY L 7 -12.65 -27.77 -1.18
C GLY L 7 -13.76 -28.80 -1.26
N LYS L 8 -13.39 -30.05 -1.30
CA LYS L 8 -14.40 -31.05 -1.53
C LYS L 8 -14.99 -31.69 -0.34
N ILE L 9 -16.04 -31.15 0.24
CA ILE L 9 -16.66 -31.84 1.39
C ILE L 9 -18.07 -32.27 1.05
N PRO L 10 -18.55 -33.25 1.75
CA PRO L 10 -19.90 -33.76 1.55
C PRO L 10 -20.98 -32.75 1.94
N ARG L 11 -22.07 -32.75 1.15
CA ARG L 11 -23.17 -31.76 1.35
C ARG L 11 -23.61 -31.77 2.78
N ALA L 12 -23.84 -32.96 3.30
CA ALA L 12 -24.25 -33.02 4.67
C ALA L 12 -23.28 -32.38 5.65
N LYS L 13 -21.97 -32.51 5.44
CA LYS L 13 -21.11 -31.88 6.44
C LYS L 13 -21.31 -30.38 6.33
N ALA L 14 -21.48 -29.90 5.10
CA ALA L 14 -21.69 -28.48 4.96
C ALA L 14 -22.94 -28.12 5.75
N GLU L 15 -23.98 -28.91 5.59
CA GLU L 15 -25.21 -28.62 6.34
C GLU L 15 -24.91 -28.66 7.82
N GLU L 16 -24.29 -29.73 8.28
CA GLU L 16 -23.99 -29.83 9.71
C GLU L 16 -23.24 -28.65 10.20
N MET L 17 -22.29 -28.19 9.44
CA MET L 17 -21.55 -27.07 9.97
C MET L 17 -22.29 -25.79 9.96
N LEU L 18 -22.91 -25.53 8.83
CA LEU L 18 -23.61 -24.29 8.65
C LEU L 18 -24.76 -24.15 9.61
N SER L 19 -25.49 -25.24 9.84
CA SER L 19 -26.62 -25.22 10.77
C SER L 19 -26.11 -24.69 12.11
N LYS L 20 -24.90 -25.08 12.48
CA LYS L 20 -24.31 -24.57 13.72
C LYS L 20 -24.06 -23.06 13.68
N GLN L 21 -23.97 -22.43 12.50
CA GLN L 21 -23.66 -20.99 12.44
C GLN L 21 -24.71 -20.10 13.01
N ARG L 22 -24.34 -18.86 13.33
CA ARG L 22 -25.33 -17.97 13.90
C ARG L 22 -26.07 -17.05 12.98
N HIS L 23 -25.45 -16.54 11.93
CA HIS L 23 -26.17 -15.64 11.04
C HIS L 23 -26.61 -16.08 9.68
N ASP L 24 -27.81 -15.64 9.29
CA ASP L 24 -28.28 -16.00 7.97
C ASP L 24 -27.28 -15.39 6.96
N GLY L 25 -26.84 -16.19 5.97
CA GLY L 25 -25.90 -15.75 4.94
C GLY L 25 -24.50 -16.35 5.12
N ALA L 26 -24.28 -17.00 6.26
CA ALA L 26 -22.95 -17.59 6.48
C ALA L 26 -22.89 -18.64 5.37
N PHE L 27 -21.80 -18.71 4.65
CA PHE L 27 -21.75 -19.69 3.56
C PHE L 27 -20.38 -20.25 3.33
N LEU L 28 -20.30 -21.15 2.35
CA LEU L 28 -19.02 -21.71 1.94
C LEU L 28 -19.20 -22.22 0.55
N ILE L 29 -18.13 -22.27 -0.20
CA ILE L 29 -18.25 -22.81 -1.51
C ILE L 29 -17.60 -24.18 -1.33
N ARG L 30 -18.20 -25.24 -1.85
CA ARG L 30 -17.61 -26.55 -1.73
C ARG L 30 -17.58 -27.13 -3.13
N GLU L 31 -16.76 -28.13 -3.37
CA GLU L 31 -16.68 -28.74 -4.71
C GLU L 31 -17.76 -29.84 -4.75
N SER L 32 -18.54 -29.95 -5.81
CA SER L 32 -19.63 -30.89 -5.73
C SER L 32 -19.26 -32.33 -5.68
N GLU L 33 -19.97 -33.13 -4.90
CA GLU L 33 -19.67 -34.56 -4.88
C GLU L 33 -20.56 -35.19 -5.88
N SER L 34 -21.80 -34.74 -5.96
CA SER L 34 -22.70 -35.30 -6.93
C SER L 34 -22.42 -34.77 -8.32
N ALA L 35 -21.88 -33.58 -8.42
CA ALA L 35 -21.66 -33.06 -9.76
C ALA L 35 -20.24 -32.70 -9.82
N PRO L 36 -19.39 -33.67 -10.19
CA PRO L 36 -17.94 -33.54 -10.31
C PRO L 36 -17.59 -32.43 -11.18
N GLY L 37 -16.73 -31.54 -10.73
CA GLY L 37 -16.33 -30.40 -11.53
C GLY L 37 -17.24 -29.20 -11.45
N ASP L 38 -18.28 -29.31 -10.63
CA ASP L 38 -19.29 -28.25 -10.41
C ASP L 38 -19.10 -27.72 -8.97
N PHE L 39 -19.30 -26.42 -8.72
CA PHE L 39 -19.18 -25.95 -7.35
C PHE L 39 -20.55 -25.81 -6.76
N SER L 40 -20.66 -25.77 -5.45
CA SER L 40 -21.96 -25.67 -4.85
C SER L 40 -21.79 -24.67 -3.80
N LEU L 41 -22.77 -23.76 -3.74
CA LEU L 41 -22.71 -22.69 -2.74
C LEU L 41 -23.65 -23.03 -1.63
N SER L 42 -23.17 -23.08 -0.42
CA SER L 42 -24.07 -23.42 0.62
C SER L 42 -24.20 -22.27 1.53
N VAL L 43 -25.43 -21.92 1.87
CA VAL L 43 -25.66 -20.77 2.74
C VAL L 43 -26.70 -21.07 3.77
N LYS L 44 -26.53 -20.52 4.98
CA LYS L 44 -27.49 -20.71 6.08
C LYS L 44 -28.68 -19.74 6.03
N PHE L 45 -29.86 -20.21 6.35
CA PHE L 45 -30.99 -19.28 6.37
C PHE L 45 -32.05 -19.77 7.29
N GLY L 46 -32.14 -19.24 8.49
CA GLY L 46 -33.19 -19.74 9.35
C GLY L 46 -32.89 -21.15 9.77
N ASN L 47 -33.84 -22.06 9.85
CA ASN L 47 -33.49 -23.40 10.29
C ASN L 47 -32.76 -24.18 9.24
N ASP L 48 -32.98 -23.84 7.99
CA ASP L 48 -32.33 -24.56 6.94
C ASP L 48 -31.08 -23.92 6.39
N VAL L 49 -30.40 -24.74 5.57
CA VAL L 49 -29.19 -24.39 4.82
C VAL L 49 -29.63 -24.56 3.33
N GLN L 50 -29.33 -23.61 2.44
CA GLN L 50 -29.74 -23.78 1.07
C GLN L 50 -28.53 -24.00 0.18
N HIS L 51 -28.71 -24.63 -0.97
CA HIS L 51 -27.55 -24.87 -1.76
C HIS L 51 -27.76 -24.35 -3.13
N PHE L 52 -26.84 -23.59 -3.69
CA PHE L 52 -27.13 -23.19 -5.06
C PHE L 52 -26.15 -23.80 -5.96
N LYS L 53 -26.57 -24.40 -7.06
CA LYS L 53 -25.55 -24.98 -7.95
C LYS L 53 -24.86 -23.84 -8.64
N VAL L 54 -23.54 -23.79 -8.73
CA VAL L 54 -22.93 -22.67 -9.43
C VAL L 54 -22.90 -22.98 -10.92
N LEU L 55 -23.59 -22.23 -11.75
CA LEU L 55 -23.55 -22.55 -13.14
C LEU L 55 -22.34 -21.96 -13.79
N ARG L 56 -22.09 -22.46 -14.99
CA ARG L 56 -21.01 -21.97 -15.79
C ARG L 56 -21.46 -22.02 -17.26
N ASP L 57 -21.30 -20.93 -18.01
CA ASP L 57 -21.77 -20.90 -19.38
C ASP L 57 -20.79 -21.44 -20.37
N GLY L 58 -21.05 -21.25 -21.64
CA GLY L 58 -20.13 -21.81 -22.61
C GLY L 58 -18.82 -21.06 -22.68
N ALA L 59 -18.84 -19.83 -22.20
CA ALA L 59 -17.61 -19.06 -22.24
C ALA L 59 -16.86 -19.33 -20.95
N GLY L 60 -17.40 -20.20 -20.14
CA GLY L 60 -16.80 -20.42 -18.86
C GLY L 60 -17.07 -19.38 -17.75
N LYS L 61 -17.92 -18.38 -17.92
CA LYS L 61 -18.16 -17.46 -16.79
C LYS L 61 -18.99 -18.23 -15.74
N TYR L 62 -18.97 -17.84 -14.48
CA TYR L 62 -19.84 -18.57 -13.56
C TYR L 62 -20.99 -17.65 -13.22
N PHE L 63 -22.10 -18.22 -12.76
CA PHE L 63 -23.21 -17.41 -12.32
C PHE L 63 -24.19 -18.28 -11.64
N LEU L 64 -25.18 -17.64 -10.98
CA LEU L 64 -26.21 -18.40 -10.26
C LEU L 64 -27.48 -18.28 -10.94
N TRP L 65 -27.78 -17.09 -11.44
CA TRP L 65 -29.06 -16.91 -12.09
C TRP L 65 -28.84 -16.28 -13.41
N VAL L 66 -28.41 -15.03 -13.39
CA VAL L 66 -28.23 -14.50 -14.71
C VAL L 66 -27.00 -13.66 -14.89
N VAL L 67 -26.67 -12.83 -13.93
CA VAL L 67 -25.48 -12.04 -14.08
C VAL L 67 -24.29 -12.96 -14.09
N LYS L 68 -23.44 -12.89 -15.11
CA LYS L 68 -22.23 -13.70 -15.20
C LYS L 68 -20.98 -13.11 -14.45
N PHE L 69 -20.00 -13.92 -14.01
CA PHE L 69 -18.78 -13.39 -13.35
C PHE L 69 -17.64 -14.22 -13.89
N ASN L 70 -16.42 -13.68 -13.93
CA ASN L 70 -15.34 -14.53 -14.40
C ASN L 70 -14.58 -15.19 -13.25
N SER L 71 -15.19 -15.36 -12.08
CA SER L 71 -14.50 -16.06 -10.99
C SER L 71 -15.36 -16.26 -9.79
N LEU L 72 -15.19 -17.41 -9.16
CA LEU L 72 -15.93 -17.68 -7.97
C LEU L 72 -15.68 -16.51 -7.03
N ASN L 73 -14.48 -15.98 -7.06
CA ASN L 73 -14.17 -14.92 -6.18
C ASN L 73 -15.15 -13.76 -6.40
N GLU L 74 -15.30 -13.37 -7.63
CA GLU L 74 -16.18 -12.28 -7.91
C GLU L 74 -17.60 -12.61 -7.62
N LEU L 75 -18.05 -13.69 -8.16
CA LEU L 75 -19.38 -14.06 -7.85
C LEU L 75 -19.60 -14.00 -6.30
N VAL L 76 -18.66 -14.52 -5.52
CA VAL L 76 -18.90 -14.52 -4.09
C VAL L 76 -19.02 -13.14 -3.54
N ASP L 77 -18.08 -12.30 -3.89
CA ASP L 77 -18.14 -11.00 -3.34
C ASP L 77 -19.40 -10.28 -3.73
N TYR L 78 -19.73 -10.37 -4.99
CA TYR L 78 -20.89 -9.66 -5.47
C TYR L 78 -22.12 -9.92 -4.65
N HIS L 79 -22.34 -11.18 -4.27
CA HIS L 79 -23.51 -11.51 -3.53
C HIS L 79 -23.38 -11.22 -2.13
N ARG L 80 -22.28 -10.60 -1.80
CA ARG L 80 -22.22 -10.28 -0.43
C ARG L 80 -23.19 -9.12 -0.29
N SER L 81 -23.55 -8.49 -1.39
CA SER L 81 -24.44 -7.35 -1.30
C SER L 81 -25.67 -7.51 -2.22
N THR L 82 -25.93 -8.68 -2.80
CA THR L 82 -27.10 -8.76 -3.70
C THR L 82 -27.65 -10.11 -3.45
N SER L 83 -28.81 -10.21 -2.84
CA SER L 83 -29.37 -11.51 -2.50
C SER L 83 -29.12 -12.59 -3.50
N VAL L 84 -28.78 -13.69 -2.89
CA VAL L 84 -28.43 -14.88 -3.56
C VAL L 84 -29.72 -15.59 -3.92
N SER L 85 -30.80 -15.18 -3.29
CA SER L 85 -32.04 -15.85 -3.54
C SER L 85 -32.96 -14.86 -4.10
N ARG L 86 -34.00 -15.36 -4.74
CA ARG L 86 -34.93 -14.42 -5.27
C ARG L 86 -36.20 -14.27 -4.46
N ASN L 87 -36.46 -15.19 -3.54
CA ASN L 87 -37.64 -15.05 -2.74
C ASN L 87 -37.16 -14.28 -1.57
N GLN L 88 -36.25 -14.84 -0.79
CA GLN L 88 -35.80 -14.09 0.34
C GLN L 88 -34.56 -13.27 0.05
N GLN L 89 -34.23 -12.38 1.00
CA GLN L 89 -33.08 -11.53 0.86
C GLN L 89 -32.00 -12.15 1.68
N ILE L 90 -31.07 -12.84 1.01
CA ILE L 90 -29.98 -13.54 1.67
C ILE L 90 -28.65 -13.01 1.15
N PHE L 91 -27.83 -12.48 2.03
CA PHE L 91 -26.52 -11.95 1.60
C PHE L 91 -25.37 -12.74 2.14
N LEU L 92 -24.37 -13.02 1.33
CA LEU L 92 -23.34 -13.88 1.88
C LEU L 92 -22.57 -13.17 2.94
N ARG L 93 -22.22 -13.91 3.97
CA ARG L 93 -21.39 -13.35 5.03
C ARG L 93 -20.50 -14.49 5.44
N ASP L 94 -19.28 -14.10 5.76
CA ASP L 94 -18.27 -15.07 6.14
C ASP L 94 -18.63 -15.82 7.37
N ILE L 95 -18.38 -17.10 7.30
CA ILE L 95 -18.63 -18.08 8.34
C ILE L 95 -17.82 -17.75 9.59
N GLU L 96 -18.11 -18.34 10.76
CA GLU L 96 -17.32 -18.08 11.99
C GLU L 96 -16.56 -19.25 12.62
N1 C78 M . -72.07 -64.48 -8.41
C2 C78 M . -73.22 -64.39 -9.06
C3 C78 M . -73.52 -65.30 -10.03
C4 C78 M . -74.71 -65.24 -10.64
C5 C78 M . -75.59 -64.27 -10.28
C7 C78 M . -75.33 -63.33 -9.32
C6 C78 M . -74.13 -63.41 -8.71
C8 C78 M . -76.17 -62.07 -9.25
O9 C78 M . -75.69 -61.18 -8.21
C10 C78 M . -76.18 -61.46 -6.94
O11 C78 M . -76.90 -62.45 -6.69
N12 C78 M . -75.76 -60.62 -6.00
C13 C78 M . -76.21 -60.76 -4.64
C14 C78 M . -75.05 -60.65 -3.71
C15 C78 M . -74.08 -61.72 -4.02
C16 C78 M . -74.28 -63.02 -3.54
C17 C78 M . -73.45 -64.12 -3.99
C18 C78 M . -73.06 -61.52 -4.91
C19 C78 M . -72.26 -62.58 -5.34
C20 C78 M . -72.46 -63.88 -4.88
C21 C78 M . -77.18 -59.61 -4.40
O22 C78 M . -76.98 -58.47 -4.93
O23 C78 M . -71.53 -64.92 -5.36
P24 C78 M . -71.93 -66.51 -5.26
O25 C78 M . -71.88 -66.95 -3.78
O26 C78 M . -70.97 -67.39 -6.05
O27 C78 M . -73.32 -66.66 -5.76
N28 C78 M . -78.23 -59.91 -3.63
C29 C78 M . -79.27 -58.94 -3.32
C30 C78 M . -80.25 -59.29 -2.26
C31 C78 M . -81.10 -60.45 -2.66
C32 C78 M . -81.64 -60.24 -4.07
C33 C78 M . -80.56 -59.83 -5.06
C34 C78 M . -79.87 -58.61 -4.61
C35 C78 M . -78.63 -57.72 -2.81
O36 C78 M . -79.10 -56.70 -3.26
N37 C78 M . -77.61 -57.76 -1.94
C38 C78 M . -77.00 -56.56 -1.47
C39 C78 M . -76.04 -56.30 -2.54
C40 C78 M . -74.84 -55.79 -2.23
C41 C78 M . -74.38 -55.49 -0.82
C42 C78 M . -75.45 -55.57 0.18
C43 C78 M . -76.40 -56.71 -0.06
C44 C78 M . -75.64 -57.99 0.15
N45 C78 M . -74.92 -58.04 1.26
O46 C78 M . -75.69 -58.94 -0.65
N1 C78 N . -56.11 -67.17 22.60
C2 C78 N . -55.46 -67.96 23.46
C3 C78 N . -55.94 -68.11 24.74
C4 C78 N . -55.34 -68.94 25.58
C5 C78 N . -54.25 -69.64 25.15
C7 C78 N . -53.73 -69.53 23.89
C6 C78 N . -54.35 -68.68 23.04
C8 C78 N . -52.32 -70.00 23.60
O9 C78 N . -51.93 -69.74 22.23
C10 C78 N . -52.35 -70.71 21.31
O11 C78 N . -53.07 -71.68 21.62
N12 C78 N . -51.96 -70.45 20.06
C13 C78 N . -52.28 -71.37 19.01
C14 C78 N . -52.81 -70.62 17.82
C15 C78 N . -54.03 -69.91 18.23
C16 C78 N . -55.27 -70.56 18.30
C17 C78 N . -56.42 -69.91 18.87
C18 C78 N . -53.97 -68.61 18.69
C19 C78 N . -55.09 -67.99 19.24
C20 C78 N . -56.32 -68.64 19.32
C21 C78 N . -50.98 -72.06 18.64
O22 C78 N . -49.88 -71.44 18.67
O23 C78 N . -57.45 -67.88 19.88
P24 C78 N . -58.79 -68.65 20.44
O25 C78 N . -59.57 -69.23 19.26
O26 C78 N . -59.70 -67.70 21.21
O27 C78 N . -58.32 -69.76 21.32
N28 C78 N . -51.09 -73.36 18.33
C29 C78 N . -49.93 -74.18 17.98
C30 C78 N . -50.19 -75.53 17.41
C31 C78 N . -50.85 -76.43 18.40
C32 C78 N . -50.13 -76.37 19.75
C33 C78 N . -49.87 -74.93 20.20
C34 C78 N . -49.11 -74.19 19.19
C35 C78 N . -49.18 -73.50 16.93
O36 C78 N . -47.98 -73.52 17.11
N37 C78 N . -49.78 -72.90 15.90
C38 C78 N . -49.02 -72.23 14.89
C39 C78 N . -48.84 -70.92 15.52
C40 C78 N . -48.86 -69.82 14.75
C41 C78 N . -49.09 -69.84 13.25
C42 C78 N . -49.06 -71.17 12.66
C43 C78 N . -49.71 -72.22 13.52
C44 C78 N . -51.19 -71.92 13.58
N45 C78 N . -51.75 -71.67 12.41
O46 C78 N . -51.83 -71.90 14.65
N1 C78 O . -25.10 -34.44 41.37
C2 C78 O . -26.28 -34.63 41.95
C3 C78 O . -26.56 -35.84 42.53
C4 C78 O . -27.71 -36.02 43.16
C5 C78 O . -28.60 -34.98 43.23
C7 C78 O . -28.37 -33.76 42.66
C6 C78 O . -27.19 -33.60 42.02
C8 C78 O . -29.52 -32.80 42.41
O9 C78 O . -29.08 -31.60 41.75
C10 C78 O . -28.56 -30.61 42.60
O11 C78 O . -28.42 -30.78 43.82
N12 C78 O . -28.19 -29.50 41.96
C13 C78 O . -27.68 -28.38 42.71
C14 C78 O . -26.44 -27.87 42.04
C15 C78 O . -25.43 -28.93 42.02
C16 C78 O . -24.65 -29.22 43.14
C17 C78 O . -23.79 -30.39 43.18
C18 C78 O . -25.33 -29.78 40.94
C19 C78 O . -24.50 -30.90 40.99
C20 C78 O . -23.74 -31.21 42.10
C21 C78 O . -28.77 -27.33 42.68
O22 C78 O . -29.50 -27.18 41.65
O23 C78 O . -22.86 -32.39 42.03
P24 C78 O . -22.27 -33.08 43.40
O25 C78 O . -21.21 -32.16 44.02
O26 C78 O . -21.62 -34.43 43.12
O27 C78 O . -23.40 -33.23 44.36
N28 C78 O . -28.90 -26.63 43.81
C29 C78 O . -29.92 -25.58 43.96
C30 C78 O . -29.82 -24.69 45.15
C31 C78 O . -30.03 -25.44 46.42
C32 C78 O . -31.26 -26.34 46.32
C33 C78 O . -31.28 -27.16 45.03
C34 C78 O . -31.19 -26.29 43.85
C35 C78 O . -29.81 -24.66 42.82
O36 C78 O . -30.89 -24.35 42.37
N37 C78 O . -28.64 -24.23 42.36
C38 C78 O . -28.57 -23.34 41.24
C39 C78 O . -28.64 -24.30 40.13
C40 C78 O . -27.93 -24.06 39.03
C41 C78 O . -27.00 -22.88 38.84
C42 C78 O . -27.12 -21.87 39.90
C43 C78 O . -27.34 -22.45 41.27
C44 C78 O . -26.06 -23.17 41.65
N45 C78 O . -24.94 -22.49 41.44
O46 C78 O . -26.05 -24.32 42.12
N1 C78 P . 4.43 -15.65 39.97
C2 C78 P . 5.71 -15.57 40.31
C3 C78 P . 6.15 -14.49 41.05
C4 C78 P . 7.42 -14.44 41.44
C5 C78 P . 8.27 -15.46 41.10
C7 C78 P . 7.88 -16.54 40.36
C6 C78 P . 6.58 -16.58 39.97
C8 C78 P . 8.92 -17.41 39.68
O9 C78 P . 8.31 -18.45 38.90
C10 C78 P . 7.96 -19.61 39.62
O11 C78 P . 8.08 -19.69 40.85
N12 C78 P . 7.43 -20.56 38.87
C13 C78 P . 7.05 -21.82 39.47
C14 C78 P . 5.68 -22.21 39.01
C15 C78 P . 4.72 -21.17 39.41
C16 C78 P . 4.22 -21.14 40.71
C17 C78 P . 3.43 -20.02 41.18
C18 C78 P . 4.42 -20.13 38.58
C19 C78 P . 3.66 -19.05 39.04
C20 C78 P . 3.16 -18.99 40.33
C21 C78 P . 8.08 -22.83 38.99
O22 C78 P . 8.56 -22.76 37.82
O23 C78 P . 2.33 -17.83 40.68
P24 C78 P . 2.07 -17.44 42.26
O25 C78 P . 1.14 -18.48 42.90
O26 C78 P . 1.41 -16.07 42.40
O27 C78 P . 3.39 -17.48 42.95
N28 C78 P . 8.43 -23.75 39.90
C29 C78 P . 9.42 -24.78 39.62
C30 C78 P . 9.56 -25.90 40.59
C31 C78 P . 10.06 -25.42 41.92
C32 C78 P . 11.27 -24.50 41.72
C33 C78 P . 11.04 -23.44 40.66
C34 C78 P . 10.66 -24.06 39.38
C35 C78 P . 9.04 -25.46 38.37
O36 C78 P . 9.98 -25.66 37.64
N37 C78 P . 7.78 -25.80 38.09
C38 C78 P . 7.45 -26.44 36.87
C39 C78 P . 7.31 -25.29 35.98
C40 C78 P . 6.36 -25.30 35.04
C41 C78 P . 5.38 -26.44 34.82
C42 C78 P . 5.70 -27.64 35.59
C43 C78 P . 6.22 -27.35 36.98
C44 C78 P . 5.07 -26.72 37.76
N45 C78 P . 3.93 -27.38 37.68
O46 C78 P . 5.22 -25.70 38.45
N1 C78 Q . 32.70 47.59 -19.24
C2 C78 Q . 31.41 47.39 -18.92
C3 C78 Q . 31.01 46.15 -18.53
C4 C78 Q . 29.74 45.97 -18.15
C5 C78 Q . 28.88 47.03 -18.16
C7 C78 Q . 29.25 48.29 -18.55
C6 C78 Q . 30.54 48.46 -18.93
C8 C78 Q . 28.19 49.30 -18.92
O9 C78 Q . 28.78 50.55 -19.36
C10 C78 Q . 29.13 51.44 -18.33
O11 C78 Q . 29.03 51.14 -17.13
N12 C78 Q . 29.64 52.58 -18.77
C13 C78 Q . 30.02 53.60 -17.84
C14 C78 Q . 31.38 54.12 -18.18
C15 C78 Q . 32.36 53.02 -18.12
C16 C78 Q . 32.88 52.61 -16.90
C17 C78 Q . 33.69 51.41 -16.80
C18 C78 Q . 32.65 52.29 -19.23
C19 C78 Q . 33.43 51.13 -19.13
C20 C78 Q . 33.95 50.69 -17.92
C21 C78 Q . 28.98 54.69 -17.97
O22 C78 Q . 28.48 54.97 -19.10
O23 C78 Q . 34.81 49.49 -17.94
P24 C78 Q . 35.09 48.64 -16.56
O25 C78 Q . 36.02 49.47 -15.66
O26 C78 Q . 35.75 47.31 -16.84
O27 C78 Q . 33.78 48.46 -15.87
N28 C78 Q . 28.65 55.30 -16.82
C29 C78 Q . 27.64 56.36 -16.77
C30 C78 Q . 27.52 57.13 -15.51
C31 C78 Q . 27.04 56.27 -14.38
C32 C78 Q . 25.83 55.44 -14.81
C33 C78 Q . 26.05 54.75 -16.15
C34 C78 Q . 26.41 55.72 -17.20
C35 C78 Q . 27.99 57.37 -17.77
O36 C78 Q . 27.04 57.77 -18.40
N37 C78 Q . 29.24 57.79 -17.95
C38 C78 Q . 29.55 58.78 -18.93
C39 C78 Q . 29.68 57.95 -20.13
C40 C78 Q . 30.61 58.25 -21.04
C41 C78 Q . 31.59 59.42 -20.92
C42 C78 Q . 31.27 60.32 -19.81
C43 C78 Q . 30.78 59.63 -18.58
C44 C78 Q . 31.94 58.82 -18.03
N45 C78 Q . 33.09 59.47 -17.93
O46 C78 Q . 31.82 57.63 -17.68
N1 C78 R . 62.09 65.27 -12.03
C2 C78 R . 63.26 65.27 -11.40
C3 C78 R . 63.53 66.23 -10.47
C4 C78 R . 64.68 66.19 -9.80
C5 C78 R . 65.57 65.20 -10.06
C7 C78 R . 65.36 64.22 -11.00
C6 C78 R . 64.17 64.27 -11.67
C8 C78 R . 66.51 63.40 -11.53
O9 C78 R . 66.09 62.47 -12.55
C10 C78 R . 65.58 61.26 -12.06
O11 C78 R . 65.42 61.04 -10.86
N12 C78 R . 65.22 60.42 -13.03
C13 C78 R . 64.71 59.12 -12.69
C14 C78 R . 63.47 58.83 -13.48
C15 C78 R . 62.45 59.85 -13.18
C16 C78 R . 61.67 59.75 -12.03
C17 C78 R . 60.80 60.84 -11.62
C18 C78 R . 62.36 60.99 -13.92
C19 C78 R . 61.52 62.04 -13.53
C20 C78 R . 60.75 61.97 -12.38
C21 C78 R . 65.80 58.13 -13.04
O22 C78 R . 66.54 58.32 -14.06
O23 C78 R . 59.86 63.10 -12.08
P24 C78 R . 59.25 63.31 -10.56
O25 C78 R . 58.21 62.23 -10.28
O26 C78 R . 58.60 64.68 -10.40
O27 C78 R . 60.38 63.15 -9.60
N28 C78 R . 65.94 57.09 -12.20
C29 C78 R . 66.95 56.07 -12.38
C30 C78 R . 66.86 54.84 -11.54
C31 C78 R . 67.05 55.14 -10.09
C32 C78 R . 68.29 56.04 -9.89
C33 C78 R . 68.31 57.22 -10.85
C34 C78 R . 68.22 56.78 -12.24
C35 C78 R . 66.86 55.56 -13.75
O36 C78 R . 67.94 55.42 -14.28
N37 C78 R . 65.69 55.30 -14.34
C38 C78 R . 65.64 54.82 -15.68
C39 C78 R . 65.71 56.08 -16.43
C40 C78 R . 65.00 56.20 -17.55
C41 C78 R . 64.09 55.14 -18.12
C42 C78 R . 64.21 53.84 -17.44
C43 C78 R . 64.41 53.95 -15.96
C44 C78 R . 63.12 54.52 -15.38
N45 C78 R . 62.02 53.92 -15.79
O46 C78 R . 63.11 55.44 -14.56
N1 C78 S . -4.84 13.58 -2.22
C2 C78 S . -6.14 13.34 -2.33
C3 C78 S . -6.58 12.07 -2.58
C4 C78 S . -7.89 11.82 -2.63
C5 C78 S . -8.77 12.84 -2.42
C7 C78 S . -8.38 14.14 -2.17
C6 C78 S . -7.05 14.37 -2.13
C8 C78 S . -9.35 15.28 -2.35
O9 C78 S . -8.74 16.56 -2.10
C10 C78 S . -8.68 16.94 -0.75
O11 C78 S . -9.07 16.20 0.17
N12 C78 S . -8.14 18.13 -0.55
C13 C78 S . -8.04 18.67 0.78
C14 C78 S . -6.67 19.21 1.01
C15 C78 S . -5.69 18.12 0.86
C16 C78 S . -5.45 17.23 1.90
C17 C78 S . -4.64 16.04 1.70
C18 C78 S . -5.10 17.87 -0.35
C19 C78 S . -4.32 16.72 -0.54
C20 C78 S . -4.09 15.82 0.48
C21 C78 S . -9.07 19.79 0.84
O22 C78 S . -9.30 20.52 -0.16
O23 C78 S . -3.20 14.68 0.19
P24 C78 S . -3.22 13.33 1.15
O25 C78 S . -2.57 13.67 2.49
O26 C78 S . -2.45 12.18 0.52
O27 C78 S . -4.64 12.96 1.37
N28 C78 S . -9.70 19.90 2.01
C29 C78 S . -10.74 20.90 2.25
C30 C78 S . -11.20 21.11 3.64
C31 C78 S . -11.89 19.90 4.18
C32 C78 S . -12.92 19.39 3.17
C33 C78 S . -12.35 19.28 1.77
C34 C78 S . -11.81 20.57 1.31
C35 C78 S . -10.20 22.21 1.86
O36 C78 S . -10.99 22.88 1.23
N37 C78 S . -8.97 22.59 2.17
C38 C78 S . -8.47 23.88 1.77
C39 C78 S . -8.02 23.58 0.41
C40 C78 S . -6.91 24.17 -0.05
C41 C78 S . -6.05 25.13 0.76
C42 C78 S . -6.67 25.54 2.02
C43 C78 S . -7.40 24.44 2.72
C44 C78 S . -6.38 23.41 3.16
N45 C78 S . -5.32 23.90 3.78
O46 C78 S . -6.53 22.20 2.96
N1 C78 T . 21.16 25.74 17.76
C2 C78 T . 22.18 25.43 18.56
C3 C78 T . 22.21 25.93 19.84
C4 C78 T . 23.20 25.59 20.66
C5 C78 T . 24.17 24.74 20.21
C7 C78 T . 24.18 24.22 18.93
C6 C78 T . 23.17 24.59 18.11
C8 C78 T . 25.47 23.64 18.37
O9 C78 T . 25.30 23.22 17.00
C10 C78 T . 24.76 21.93 16.85
O11 C78 T . 24.36 21.25 17.80
N12 C78 T . 24.64 21.55 15.58
C13 C78 T . 24.13 20.25 15.25
C14 C78 T . 23.09 20.36 14.18
C15 C78 T . 22.00 21.21 14.64
C16 C78 T . 20.99 20.70 15.47
C17 C78 T . 20.01 21.57 16.09
C18 C78 T . 22.00 22.56 14.42
C19 C78 T . 21.06 23.39 15.02
C20 C78 T . 20.07 22.90 15.85
C21 C78 T . 25.32 19.44 14.77
O22 C78 T . 26.24 19.99 14.09
O23 C78 T . 19.09 23.86 16.39
P24 C78 T . 18.17 23.48 17.70
O25 C78 T . 17.14 22.42 17.31
O26 C78 T . 17.44 24.69 18.25
O27 C78 T . 19.08 22.90 18.73
N28 C78 T . 25.32 18.15 15.14
C29 C78 T . 26.40 17.24 14.79
C30 C78 T . 26.19 15.79 15.02
C31 C78 T . 26.06 15.48 16.48
C32 C78 T . 27.19 16.16 17.27
C33 C78 T . 27.35 17.63 16.89
C34 C78 T . 27.58 17.78 15.45
C35 C78 T . 26.62 17.32 13.33
O36 C78 T . 27.79 17.36 13.03
N37 C78 T . 25.60 17.37 12.47
C38 C78 T . 25.85 17.47 11.07
C39 C78 T . 26.02 18.91 10.91
C40 C78 T . 25.55 19.51 9.81
C41 C78 T . 24.81 18.79 8.70
C42 C78 T . 24.85 17.32 8.81
C43 C78 T . 24.73 16.83 10.22
C44 C78 T . 23.33 17.17 10.69
N45 C78 T . 22.36 16.84 9.86
O46 C78 T . 23.12 17.70 11.80
N1 C78 U . 26.22 48.45 -72.62
C2 C78 U . 24.91 48.22 -72.73
C3 C78 U . 24.46 46.95 -72.98
C4 C78 U . 23.16 46.71 -73.03
C5 C78 U . 22.28 47.74 -72.80
C7 C78 U . 22.69 49.02 -72.54
C6 C78 U . 24.02 49.25 -72.51
C8 C78 U . 21.71 50.16 -72.71
O9 C78 U . 22.34 51.45 -72.45
C10 C78 U . 22.40 51.82 -71.11
O11 C78 U . 22.02 51.07 -70.19
N12 C78 U . 22.96 53.00 -70.90
C13 C78 U . 23.06 53.53 -69.56
C14 C78 U . 24.43 54.06 -69.33
C15 C78 U . 25.40 52.96 -69.50
C16 C78 U . 25.64 52.06 -68.47
C17 C78 U . 26.45 50.88 -68.68
C18 C78 U . 25.99 52.73 -70.71
C19 C78 U . 26.77 51.58 -70.91
C20 C78 U . 27.00 50.66 -69.90
C21 C78 U . 22.04 54.65 -69.49
O22 C78 U . 21.81 55.39 -70.48
O23 C78 U . 27.87 49.51 -70.21
P24 C78 U . 27.85 48.17 -69.26
O25 C78 U . 28.50 48.49 -67.91
O26 C78 U . 28.62 47.02 -69.90
O27 C78 U . 26.43 47.80 -69.04
N28 C78 U . 21.41 54.76 -68.31
C29 C78 U . 20.38 55.77 -68.06
C30 C78 U . 19.92 55.97 -66.67
C31 C78 U . 19.23 54.76 -66.13
C32 C78 U . 18.18 54.25 -67.15
C33 C78 U . 18.76 54.15 -68.55
C34 C78 U . 19.30 55.44 -69.00
C35 C78 U . 20.93 57.08 -68.44
O36 C78 U . 20.13 57.76 -69.07
N37 C78 U . 22.17 57.45 -68.14
C38 C78 U . 22.66 58.73 -68.53
C39 C78 U . 23.10 58.44 -69.89
C40 C78 U . 24.22 59.03 -70.35
C41 C78 U . 25.08 59.98 -69.54
C42 C78 U . 24.48 60.39 -68.27
C43 C78 U . 23.73 59.28 -67.58
C44 C78 U . 24.76 58.24 -67.15
N45 C78 U . 25.81 58.73 -66.52
O46 C78 U . 24.60 57.03 -67.36
N1 C78 V . 52.59 60.43 -53.33
C2 C78 V . 53.63 60.15 -52.56
C3 C78 V . 53.70 60.66 -51.29
C4 C78 V . 54.70 60.32 -50.49
C5 C78 V . 55.67 59.47 -50.95
C7 C78 V . 55.65 58.93 -52.21
C6 C78 V . 54.61 59.29 -53.01
C8 C78 V . 56.90 58.34 -52.80
O9 C78 V . 56.70 57.89 -54.16
C10 C78 V . 56.15 56.61 -54.28
O11 C78 V . 55.79 55.93 -53.30
N12 C78 V . 56.00 56.20 -55.54
C13 C78 V . 55.48 54.90 -55.81
C14 C78 V . 54.42 54.98 -56.87
C15 C78 V . 53.33 55.85 -56.38
C16 C78 V . 52.35 55.35 -55.53
C17 C78 V . 51.40 56.22 -54.89
C18 C78 V . 53.34 57.19 -56.63
C19 C78 V . 52.41 58.04 -56.03
C20 C78 V . 51.44 57.55 -55.16
C21 C78 V . 56.66 54.08 -56.32
O22 C78 V . 57.56 54.61 -57.03
O23 C78 V . 50.48 58.53 -54.61
P24 C78 V . 49.61 58.17 -53.26
O25 C78 V . 48.55 57.11 -53.60
O26 C78 V . 48.88 59.39 -52.70
O27 C78 V . 50.55 57.61 -52.25
N28 C78 V . 56.67 52.80 -55.93
C29 C78 V . 57.73 51.88 -56.30
C30 C78 V . 57.53 50.43 -56.03
C31 C78 V . 57.45 50.15 -54.57
C32 C78 V . 58.59 50.84 -53.82
C33 C78 V . 58.75 52.30 -54.23
C34 C78 V . 58.93 52.44 -55.69
C35 C78 V . 57.91 51.93 -57.76
O36 C78 V . 59.07 51.96 -58.09
N37 C78 V . 56.88 51.96 -58.60
C38 C78 V . 57.08 52.04 -60.00
C39 C78 V . 57.25 53.48 -60.18
C40 C78 V . 56.74 54.06 -61.28
C41 C78 V . 55.98 53.32 -62.37
C42 C78 V . 56.02 51.87 -62.23
C43 C78 V . 55.94 51.39 -60.81
C44 C78 V . 54.56 51.73 -60.30
N45 C78 V . 53.56 51.39 -61.09
O46 C78 V . 54.37 52.28 -59.19
N1 C78 W . 0.47 -16.00 -18.11
C2 C78 W . 1.78 -15.81 -18.01
C3 C78 W . 2.28 -14.57 -17.73
C4 C78 W . 3.59 -14.40 -17.58
C5 C78 W . 4.42 -15.47 -17.70
C7 C78 W . 3.98 -16.74 -17.98
C6 C78 W . 2.64 -16.90 -18.14
C8 C78 W . 4.93 -17.79 -18.49
O9 C78 W . 4.26 -19.03 -18.79
C10 C78 W . 4.07 -19.88 -17.69
O11 C78 W . 4.39 -19.56 -16.52
N12 C78 W . 3.48 -21.02 -17.99
C13 C78 W . 3.25 -22.02 -16.96
C14 C78 W . 1.84 -22.52 -17.06
C15 C78 W . 0.91 -21.39 -16.87
C16 C78 W . 0.60 -20.93 -15.60
C17 C78 W . -0.16 -19.72 -15.41
C18 C78 W . 0.45 -20.68 -17.94
C19 C78 W . -0.28 -19.51 -17.76
C20 C78 W . -0.59 -19.03 -16.50
C21 C78 W . 4.24 -23.13 -17.24
O22 C78 W . 4.54 -23.45 -18.43
O23 C78 W . -1.42 -17.81 -16.41
P24 C78 W . -1.45 -16.91 -15.02
O25 C78 W . -2.23 -17.69 -13.96
O26 C78 W . -2.13 -15.57 -15.24
O27 C78 W . -0.04 -16.74 -14.57
N28 C78 W . 4.76 -23.71 -16.15
C29 C78 W . 5.74 -24.78 -16.23
C30 C78 W . 6.06 -25.51 -14.98
C31 C78 W . 6.72 -24.63 -13.98
C32 C78 W . 7.86 -23.85 -14.64
C33 C78 W . 7.42 -23.19 -15.94
C34 C78 W . 6.89 -24.19 -16.87
C35 C78 W . 5.21 -25.83 -17.12
O36 C78 W . 6.03 -26.26 -17.89
N37 C78 W . 3.94 -26.23 -17.07
C38 C78 W . 3.45 -27.24 -17.96
C39 C78 W . 3.14 -26.44 -19.14
C40 C78 W . 2.06 -26.75 -19.87
C41 C78 W . 1.10 -27.88 -19.55
C42 C78 W . 1.59 -28.76 -18.48
C43 C78 W . 2.29 -28.04 -17.37
C44 C78 W . 1.24 -27.19 -16.66
N45 C78 W . 0.13 -27.82 -16.35
O46 C78 W . 1.44 -26.00 -16.38
N1 C78 X . -27.78 -32.99 -5.28
C2 C78 X . -28.82 -32.94 -4.44
C3 C78 X . -28.93 -33.87 -3.43
C4 C78 X . -29.93 -33.77 -2.56
C5 C78 X . -30.83 -32.76 -2.69
C7 C78 X . -30.77 -31.82 -3.68
C6 C78 X . -29.74 -31.92 -4.56
C8 C78 X . -31.99 -30.98 -4.00
O9 C78 X . -31.74 -30.09 -5.12
C10 C78 X . -31.12 -28.89 -4.78
O11 C78 X . -30.73 -28.63 -3.63
N12 C78 X . -30.93 -28.07 -5.81
C13 C78 X . -30.33 -26.79 -5.62
C14 C78 X . -29.26 -26.56 -6.65
C15 C78 X . -28.23 -27.59 -6.51
C16 C78 X . -27.24 -27.49 -5.53
C17 C78 X . -26.34 -28.58 -5.26
C18 C78 X . -28.31 -28.76 -7.22
C19 C78 X . -27.43 -29.82 -6.95
C20 C78 X . -26.46 -29.73 -5.98
C21 C78 X . -31.46 -25.78 -5.80
O22 C78 X . -32.38 -25.97 -6.65
O23 C78 X . -25.55 -30.89 -5.82
P24 C78 X . -24.68 -31.08 -4.42
O25 C78 X . -23.57 -30.03 -4.39
O26 C78 X . -24.04 -32.46 -4.35
O27 C78 X . -25.60 -30.86 -3.28
N28 C78 X . -31.40 -24.72 -4.98
C29 C78 X . -32.41 -23.66 -4.99
C30 C78 X . -32.13 -22.42 -4.23
C31 C78 X . -32.05 -22.68 -2.76
C32 C78 X . -33.25 -23.52 -2.31
C33 C78 X . -33.47 -24.74 -3.19
C34 C78 X . -33.65 -24.33 -4.60
C35 C78 X . -32.57 -23.19 -6.37
O36 C78 X . -33.72 -23.04 -6.69
N37 C78 X . -31.52 -22.99 -7.18
C38 C78 X . -31.71 -22.54 -8.52
C39 C78 X . -31.96 -23.81 -9.20
C40 C78 X . -31.47 -23.99 -10.44
C41 C78 X . -30.66 -22.97 -11.20
C42 C78 X . -30.62 -21.65 -10.55
C43 C78 X . -30.53 -21.72 -9.05
C44 C78 X . -29.17 -22.31 -8.71
N45 C78 X . -28.15 -21.76 -9.35
O46 C78 X . -29.03 -23.22 -7.88
#